data_1D6Y
#
_entry.id   1D6Y
#
_cell.length_a   135.236
_cell.length_b   166.482
_cell.length_c   79.628
_cell.angle_alpha   90.00
_cell.angle_beta   90.00
_cell.angle_gamma   90.00
#
_symmetry.space_group_name_H-M   'P 21 21 21'
#
loop_
_entity.id
_entity.type
_entity.pdbx_description
1 polymer 'COPPER AMINE OXIDASE'
2 non-polymer 'COPPER (II) ION'
3 non-polymer 'CALCIUM ION'
4 non-polymer PHENYLACETALDEHYDE
5 non-polymer 'NITRIC OXIDE'
6 non-polymer 2-PHENYLETHYLAMINE
7 non-polymer GLYCEROL
8 water water
#
_entity_poly.entity_id   1
_entity_poly.type   'polypeptide(L)'
_entity_poly.pdbx_seq_one_letter_code
;HGGEAHMVPMDKTLKEFGADVQWDDYAQLFTLIKDGAYVKVKPGAQTAIVNGQPLALQVPVVMKDNKAWVSDTFINDVFQ
SGLDQTFQVEKRPHPLNALTADEIKQAVEIVKASADFKPNTRFTEISLLPPDKEAVWAFALENKPVDQPRKADVIMLDGK
HIIEAVVDLQNNKLLSWQPIKDAHGMVLLDDFASVQNIINNSEEFAAAVKKRGITDAKKVITTPLTVGYFDGKDGLKQDA
RLLKVISYLDVGDGNYWAHPIENLVAVVDLEQKKIVKIEEGPVVPVPMTARPFDGRDRVAPAVKPMQIIEPEGKNYTITG
DMIHWRNWDFHLSMNSRVGPMISTVTYNDNGTKRKVMYEGSLGGMIVPYGDPDIGWYFKAYLDSGDYGMGTLTSPIARGK
DAPSNAVLLNETIADYTGVPMEIPRAIAVFERYAGPEYKHQEMGQPNVSTERRELVVRWISTVGN(TYQ)DYIFDWIFHE
NGTIGIDAGATGIEAVKGVKAKTMHDETAKDDTRYGTLIDHNIVGTTHQHIYNFRLDLDVDGENNSLVAMDPVVKPNTAG
GPRTSTMQVNQYNIGNEQDAAQKFDPGTIRLLSNPNKENRMGNPVSYQIIPYAGGTHPVAKGAQFAPDEWIYHRLSFMDK
QLWVTRYHPGERFPEGKYPNRSTHDTGLGQYSKDNESLDNTDAVVWMTTGTTHVARAEEWPIMPTEWVHTLLKPWNFFDE
TPTLGALKKDK
;
_entity_poly.pdbx_strand_id   A,B
#
loop_
_chem_comp.id
_chem_comp.type
_chem_comp.name
_chem_comp.formula
CA non-polymer 'CALCIUM ION' 'Ca 2'
CU non-polymer 'COPPER (II) ION' 'Cu 2'
GOL non-polymer GLYCEROL 'C3 H8 O3'
HY1 non-polymer PHENYLACETALDEHYDE 'C8 H8 O'
NO non-polymer 'NITRIC OXIDE' 'N O'
PEA non-polymer 2-PHENYLETHYLAMINE 'C8 H12 N 1'
#
# COMPACT_ATOMS: atom_id res chain seq x y z
N MET A 7 -31.81 14.07 -36.21
CA MET A 7 -31.63 13.76 -34.76
C MET A 7 -31.39 12.26 -34.54
N VAL A 8 -30.95 11.92 -33.34
CA VAL A 8 -30.66 10.53 -32.98
C VAL A 8 -30.77 10.42 -31.45
N PRO A 9 -31.15 9.24 -30.94
CA PRO A 9 -31.28 9.03 -29.49
C PRO A 9 -29.96 9.21 -28.73
N MET A 10 -29.99 10.01 -27.67
CA MET A 10 -28.81 10.28 -26.86
C MET A 10 -28.25 9.06 -26.13
N ASP A 11 -28.98 8.55 -25.15
CA ASP A 11 -28.53 7.39 -24.40
C ASP A 11 -28.03 6.26 -25.30
N LYS A 12 -28.75 6.02 -26.38
CA LYS A 12 -28.36 4.96 -27.32
C LYS A 12 -27.04 5.30 -27.99
N THR A 13 -26.97 6.50 -28.57
CA THR A 13 -25.76 6.94 -29.25
C THR A 13 -24.57 7.05 -28.29
N LEU A 14 -24.76 7.74 -27.17
CA LEU A 14 -23.69 7.93 -26.20
C LEU A 14 -23.12 6.64 -25.63
N LYS A 15 -23.98 5.68 -25.32
CA LYS A 15 -23.49 4.43 -24.77
C LYS A 15 -22.76 3.57 -25.81
N GLU A 16 -23.09 3.76 -27.08
CA GLU A 16 -22.41 3.03 -28.15
C GLU A 16 -21.01 3.64 -28.26
N PHE A 17 -20.92 4.91 -27.87
CA PHE A 17 -19.67 5.65 -27.88
C PHE A 17 -18.82 5.31 -26.67
N GLY A 18 -19.43 4.64 -25.69
CA GLY A 18 -18.71 4.25 -24.48
C GLY A 18 -18.75 5.28 -23.38
N ALA A 19 -19.52 6.35 -23.59
CA ALA A 19 -19.64 7.41 -22.59
C ALA A 19 -20.65 7.03 -21.54
N ASP A 20 -20.49 7.58 -20.35
CA ASP A 20 -21.39 7.34 -19.23
C ASP A 20 -22.38 8.51 -19.22
N VAL A 21 -23.67 8.23 -19.05
CA VAL A 21 -24.68 9.30 -19.04
C VAL A 21 -25.44 9.40 -17.73
N GLN A 22 -25.43 10.59 -17.14
CA GLN A 22 -26.16 10.81 -15.89
C GLN A 22 -27.21 11.92 -16.08
N TRP A 23 -28.43 11.66 -15.65
CA TRP A 23 -29.49 12.65 -15.73
C TRP A 23 -29.91 13.08 -14.32
N ASP A 24 -29.94 14.38 -14.09
CA ASP A 24 -30.33 14.93 -12.81
C ASP A 24 -31.63 15.67 -13.04
N ASP A 25 -32.75 15.10 -12.62
CA ASP A 25 -34.05 15.73 -12.82
C ASP A 25 -34.22 17.06 -12.07
N TYR A 26 -33.58 17.18 -10.91
CA TYR A 26 -33.67 18.40 -10.11
C TYR A 26 -33.03 19.59 -10.82
N ALA A 27 -31.87 19.36 -11.41
CA ALA A 27 -31.15 20.41 -12.12
C ALA A 27 -31.47 20.45 -13.61
N GLN A 28 -32.17 19.43 -14.11
CA GLN A 28 -32.49 19.36 -15.54
C GLN A 28 -31.16 19.42 -16.28
N LEU A 29 -30.21 18.63 -15.81
CA LEU A 29 -28.86 18.61 -16.36
C LEU A 29 -28.34 17.22 -16.69
N PHE A 30 -27.73 17.09 -17.85
CA PHE A 30 -27.13 15.84 -18.29
C PHE A 30 -25.63 15.97 -18.05
N THR A 31 -25.02 14.95 -17.47
CA THR A 31 -23.59 14.95 -17.24
C THR A 31 -23.07 13.75 -18.04
N LEU A 32 -22.22 14.03 -19.02
CA LEU A 32 -21.64 13.01 -19.89
C LEU A 32 -20.16 12.85 -19.56
N ILE A 33 -19.72 11.61 -19.41
CA ILE A 33 -18.33 11.35 -19.08
C ILE A 33 -17.71 10.23 -19.89
N LYS A 34 -16.52 10.49 -20.42
CA LYS A 34 -15.75 9.48 -21.14
C LYS A 34 -14.30 9.90 -21.11
N ASP A 35 -13.49 9.07 -20.45
CA ASP A 35 -12.07 9.33 -20.30
C ASP A 35 -11.81 10.74 -19.78
N GLY A 36 -11.12 11.57 -20.56
CA GLY A 36 -10.81 12.92 -20.10
C GLY A 36 -11.91 13.95 -20.27
N ALA A 37 -12.97 13.61 -20.98
CA ALA A 37 -14.07 14.55 -21.21
C ALA A 37 -15.16 14.49 -20.14
N TYR A 38 -15.49 15.64 -19.59
CA TYR A 38 -16.51 15.76 -18.58
C TYR A 38 -17.45 16.86 -19.09
N VAL A 39 -18.59 16.44 -19.62
CA VAL A 39 -19.57 17.33 -20.22
C VAL A 39 -20.88 17.54 -19.46
N LYS A 40 -21.40 18.75 -19.56
CA LYS A 40 -22.66 19.10 -18.92
C LYS A 40 -23.50 19.86 -19.93
N VAL A 41 -24.68 19.32 -20.24
CA VAL A 41 -25.56 19.95 -21.18
C VAL A 41 -27.00 19.88 -20.68
N LYS A 42 -27.72 20.99 -20.80
CA LYS A 42 -29.10 21.05 -20.38
C LYS A 42 -30.01 21.05 -21.60
N PRO A 43 -31.14 20.33 -21.53
CA PRO A 43 -32.08 20.26 -22.65
C PRO A 43 -32.54 21.68 -23.04
N GLY A 44 -32.47 21.98 -24.33
CA GLY A 44 -32.89 23.28 -24.82
C GLY A 44 -31.81 24.37 -24.78
N ALA A 45 -30.74 24.15 -24.02
CA ALA A 45 -29.68 25.14 -23.91
C ALA A 45 -28.93 25.31 -25.23
N GLN A 46 -28.52 26.53 -25.51
CA GLN A 46 -27.80 26.82 -26.75
C GLN A 46 -26.29 26.58 -26.60
N THR A 47 -25.87 26.29 -25.37
CA THR A 47 -24.45 26.02 -25.10
C THR A 47 -24.31 24.83 -24.16
N ALA A 48 -23.08 24.33 -24.04
CA ALA A 48 -22.81 23.21 -23.17
C ALA A 48 -21.49 23.51 -22.48
N ILE A 49 -21.08 22.65 -21.56
CA ILE A 49 -19.82 22.84 -20.86
C ILE A 49 -18.96 21.60 -21.06
N VAL A 50 -17.71 21.81 -21.48
CA VAL A 50 -16.78 20.71 -21.68
C VAL A 50 -15.57 21.06 -20.82
N ASN A 51 -15.29 20.20 -19.84
CA ASN A 51 -14.19 20.40 -18.91
C ASN A 51 -14.12 21.84 -18.39
N GLY A 52 -15.26 22.36 -17.98
CA GLY A 52 -15.31 23.72 -17.46
C GLY A 52 -15.39 24.85 -18.49
N GLN A 53 -15.25 24.52 -19.77
CA GLN A 53 -15.29 25.54 -20.82
C GLN A 53 -16.58 25.53 -21.65
N PRO A 54 -17.14 26.73 -21.90
CA PRO A 54 -18.36 26.93 -22.67
C PRO A 54 -18.22 26.57 -24.16
N LEU A 55 -19.22 25.87 -24.67
CA LEU A 55 -19.22 25.45 -26.07
C LEU A 55 -20.57 25.81 -26.72
N ALA A 56 -20.54 26.47 -27.86
CA ALA A 56 -21.79 26.80 -28.56
C ALA A 56 -22.25 25.55 -29.30
N LEU A 57 -23.55 25.29 -29.28
CA LEU A 57 -24.10 24.13 -29.97
C LEU A 57 -24.88 24.55 -31.22
N GLN A 58 -24.74 23.77 -32.29
CA GLN A 58 -25.48 24.06 -33.51
C GLN A 58 -26.93 23.71 -33.24
N VAL A 59 -27.14 22.51 -32.71
CA VAL A 59 -28.47 21.99 -32.40
C VAL A 59 -28.58 21.63 -30.94
N PRO A 60 -29.42 22.36 -30.17
CA PRO A 60 -29.57 22.05 -28.75
C PRO A 60 -30.07 20.62 -28.56
N VAL A 61 -29.94 20.10 -27.35
CA VAL A 61 -30.42 18.76 -27.03
C VAL A 61 -31.93 18.89 -26.84
N VAL A 62 -32.71 18.00 -27.48
CA VAL A 62 -34.16 18.06 -27.36
C VAL A 62 -34.80 16.82 -26.73
N MET A 63 -35.78 17.07 -25.87
CA MET A 63 -36.50 15.99 -25.18
C MET A 63 -37.71 15.57 -26.00
N LYS A 64 -37.78 14.28 -26.34
CA LYS A 64 -38.88 13.75 -27.13
C LYS A 64 -39.49 12.54 -26.43
N ASP A 65 -40.59 12.76 -25.72
CA ASP A 65 -41.24 11.65 -25.02
C ASP A 65 -40.34 11.13 -23.91
N ASN A 66 -39.80 12.06 -23.12
CA ASN A 66 -38.88 11.75 -22.03
C ASN A 66 -37.62 11.04 -22.50
N LYS A 67 -37.33 11.16 -23.79
CA LYS A 67 -36.13 10.56 -24.37
C LYS A 67 -35.37 11.72 -24.99
N ALA A 68 -34.12 11.90 -24.59
CA ALA A 68 -33.31 12.99 -25.14
C ALA A 68 -32.83 12.63 -26.53
N TRP A 69 -32.71 13.65 -27.39
CA TRP A 69 -32.25 13.45 -28.74
C TRP A 69 -31.19 14.49 -29.07
N VAL A 70 -30.21 14.12 -29.88
CA VAL A 70 -29.15 15.03 -30.25
C VAL A 70 -28.79 14.94 -31.74
N SER A 71 -27.99 15.89 -32.18
CA SER A 71 -27.55 15.95 -33.57
C SER A 71 -26.72 14.72 -33.90
N ASP A 72 -26.74 14.32 -35.16
CA ASP A 72 -25.97 13.16 -35.60
C ASP A 72 -24.49 13.54 -35.62
N THR A 73 -24.21 14.80 -35.31
CA THR A 73 -22.84 15.31 -35.29
C THR A 73 -22.46 15.72 -33.85
N PHE A 74 -23.37 15.48 -32.91
CA PHE A 74 -23.17 15.82 -31.51
C PHE A 74 -21.86 15.30 -30.91
N ILE A 75 -21.69 13.98 -30.86
CA ILE A 75 -20.48 13.41 -30.29
C ILE A 75 -19.21 14.05 -30.83
N ASN A 76 -19.16 14.29 -32.13
CA ASN A 76 -17.98 14.91 -32.71
C ASN A 76 -17.82 16.36 -32.26
N ASP A 77 -18.85 17.16 -32.43
CA ASP A 77 -18.81 18.56 -32.03
C ASP A 77 -18.46 18.78 -30.56
N VAL A 78 -18.98 17.91 -29.69
CA VAL A 78 -18.75 18.02 -28.25
C VAL A 78 -17.47 17.36 -27.74
N PHE A 79 -17.26 16.11 -28.09
CA PHE A 79 -16.09 15.37 -27.65
C PHE A 79 -14.82 15.66 -28.45
N GLN A 80 -14.95 15.83 -29.77
CA GLN A 80 -13.80 16.15 -30.62
C GLN A 80 -13.71 17.67 -30.79
N SER A 81 -14.40 18.40 -29.92
CA SER A 81 -14.41 19.85 -29.99
C SER A 81 -13.01 20.47 -29.87
N GLY A 82 -12.27 20.04 -28.86
CA GLY A 82 -10.94 20.56 -28.63
C GLY A 82 -10.86 21.08 -27.21
N LEU A 83 -12.01 21.16 -26.54
CA LEU A 83 -12.08 21.65 -25.17
C LEU A 83 -11.56 20.57 -24.21
N ASP A 84 -11.47 19.34 -24.70
CA ASP A 84 -10.92 18.25 -23.89
C ASP A 84 -9.47 18.18 -24.35
N GLN A 85 -8.58 18.70 -23.52
CA GLN A 85 -7.16 18.74 -23.87
C GLN A 85 -6.33 17.57 -23.39
N THR A 86 -6.99 16.51 -22.93
CA THR A 86 -6.30 15.34 -22.44
C THR A 86 -5.31 14.78 -23.46
N PHE A 87 -5.75 14.70 -24.72
CA PHE A 87 -4.92 14.19 -25.82
C PHE A 87 -4.49 15.32 -26.77
N GLN A 88 -3.20 15.38 -27.07
CA GLN A 88 -2.67 16.40 -27.98
C GLN A 88 -2.01 15.67 -29.16
N VAL A 89 -2.04 16.26 -30.34
CA VAL A 89 -1.43 15.63 -31.51
C VAL A 89 0.09 15.64 -31.43
N GLU A 90 0.70 14.56 -31.91
CA GLU A 90 2.16 14.46 -31.93
C GLU A 90 2.64 14.76 -33.33
N LYS A 91 3.22 15.95 -33.54
CA LYS A 91 3.70 16.34 -34.87
C LYS A 91 5.02 15.68 -35.24
N ARG A 92 5.87 15.44 -34.24
CA ARG A 92 7.16 14.78 -34.44
C ARG A 92 7.14 13.47 -33.65
N PRO A 93 6.97 12.34 -34.37
CA PRO A 93 6.93 11.00 -33.78
C PRO A 93 8.13 10.62 -32.94
N HIS A 94 7.87 10.28 -31.68
CA HIS A 94 8.91 9.88 -30.74
C HIS A 94 9.57 8.59 -31.26
N PRO A 95 10.92 8.54 -31.26
CA PRO A 95 11.70 7.40 -31.73
C PRO A 95 11.41 6.05 -31.07
N LEU A 96 10.83 6.05 -29.86
CA LEU A 96 10.51 4.78 -29.21
C LEU A 96 9.07 4.33 -29.41
N ASN A 97 8.31 5.07 -30.22
CA ASN A 97 6.92 4.69 -30.49
C ASN A 97 6.92 3.26 -31.02
N ALA A 98 5.95 2.47 -30.57
CA ALA A 98 5.84 1.09 -31.01
C ALA A 98 5.51 1.09 -32.50
N LEU A 99 5.81 -0.02 -33.17
CA LEU A 99 5.51 -0.14 -34.58
C LEU A 99 4.03 0.09 -34.84
N THR A 100 3.71 0.85 -35.88
CA THR A 100 2.32 1.12 -36.22
C THR A 100 1.80 -0.04 -37.05
N ALA A 101 0.49 -0.06 -37.26
CA ALA A 101 -0.14 -1.11 -38.03
C ALA A 101 0.51 -1.17 -39.41
N ASP A 102 0.73 -0.01 -40.02
CA ASP A 102 1.37 0.01 -41.34
C ASP A 102 2.76 -0.58 -41.31
N GLU A 103 3.52 -0.28 -40.25
CA GLU A 103 4.89 -0.81 -40.13
C GLU A 103 4.86 -2.32 -39.89
N ILE A 104 3.88 -2.78 -39.10
CA ILE A 104 3.77 -4.21 -38.85
C ILE A 104 3.54 -4.91 -40.18
N LYS A 105 2.61 -4.37 -40.97
CA LYS A 105 2.32 -4.95 -42.27
C LYS A 105 3.46 -4.77 -43.28
N GLN A 106 4.22 -3.70 -43.17
CA GLN A 106 5.34 -3.49 -44.08
C GLN A 106 6.41 -4.55 -43.76
N ALA A 107 6.72 -4.69 -42.48
CA ALA A 107 7.73 -5.66 -42.03
C ALA A 107 7.38 -7.08 -42.43
N VAL A 108 6.10 -7.44 -42.37
CA VAL A 108 5.70 -8.78 -42.75
C VAL A 108 5.85 -8.95 -44.26
N GLU A 109 5.57 -7.90 -45.02
CA GLU A 109 5.73 -8.00 -46.48
C GLU A 109 7.19 -8.17 -46.85
N ILE A 110 8.08 -7.49 -46.13
CA ILE A 110 9.50 -7.59 -46.43
C ILE A 110 10.04 -9.01 -46.28
N VAL A 111 9.72 -9.69 -45.18
CA VAL A 111 10.23 -11.05 -45.01
C VAL A 111 9.49 -12.06 -45.88
N LYS A 112 8.24 -11.75 -46.24
CA LYS A 112 7.50 -12.69 -47.10
C LYS A 112 7.99 -12.63 -48.53
N ALA A 113 8.67 -11.54 -48.89
CA ALA A 113 9.20 -11.39 -50.24
C ALA A 113 10.50 -12.19 -50.40
N SER A 114 11.14 -12.53 -49.29
CA SER A 114 12.38 -13.31 -49.35
C SER A 114 12.09 -14.73 -49.80
N ALA A 115 13.01 -15.31 -50.57
CA ALA A 115 12.82 -16.67 -51.06
C ALA A 115 12.97 -17.70 -49.96
N ASP A 116 13.49 -17.32 -48.80
CA ASP A 116 13.67 -18.26 -47.71
C ASP A 116 12.44 -18.37 -46.81
N PHE A 117 11.47 -17.50 -47.02
CA PHE A 117 10.26 -17.53 -46.21
C PHE A 117 9.38 -18.73 -46.54
N LYS A 118 9.27 -19.66 -45.59
CA LYS A 118 8.46 -20.86 -45.76
C LYS A 118 6.98 -20.57 -45.58
N PRO A 119 6.12 -21.30 -46.31
CA PRO A 119 4.66 -21.19 -46.33
C PRO A 119 3.86 -20.95 -45.04
N ASN A 120 3.97 -21.82 -44.05
CA ASN A 120 3.19 -21.62 -42.85
C ASN A 120 3.93 -20.99 -41.67
N THR A 121 4.87 -20.12 -41.98
CA THR A 121 5.66 -19.45 -40.96
C THR A 121 4.81 -18.54 -40.09
N ARG A 122 5.05 -18.58 -38.78
CA ARG A 122 4.32 -17.74 -37.84
C ARG A 122 5.26 -16.69 -37.27
N PHE A 123 4.74 -15.74 -36.50
CA PHE A 123 5.58 -14.69 -35.93
C PHE A 123 5.50 -14.64 -34.41
N THR A 124 6.59 -15.02 -33.74
CA THR A 124 6.61 -15.00 -32.29
C THR A 124 6.66 -13.55 -31.80
N GLU A 125 7.32 -12.68 -32.54
CA GLU A 125 7.39 -11.28 -32.15
C GLU A 125 7.83 -10.35 -33.29
N ILE A 126 7.15 -9.22 -33.41
CA ILE A 126 7.50 -8.23 -34.40
C ILE A 126 7.51 -6.92 -33.64
N SER A 127 8.72 -6.46 -33.29
CA SER A 127 8.87 -5.24 -32.50
C SER A 127 9.90 -4.28 -33.07
N LEU A 128 9.87 -3.06 -32.54
CA LEU A 128 10.82 -2.04 -32.94
C LEU A 128 12.23 -2.46 -32.50
N LEU A 129 13.20 -2.27 -33.39
CA LEU A 129 14.59 -2.55 -33.04
C LEU A 129 15.05 -1.24 -32.38
N PRO A 130 15.41 -1.30 -31.09
CA PRO A 130 15.86 -0.13 -30.32
C PRO A 130 16.92 0.75 -30.96
N PRO A 131 16.61 2.04 -31.15
CA PRO A 131 17.53 3.02 -31.74
C PRO A 131 18.61 3.17 -30.69
N ASP A 132 19.72 3.83 -30.99
CA ASP A 132 20.72 3.93 -29.94
C ASP A 132 20.26 4.91 -28.87
N LYS A 133 20.46 4.49 -27.62
CA LYS A 133 20.09 5.23 -26.43
C LYS A 133 20.45 6.71 -26.46
N GLU A 134 21.70 7.02 -26.80
CA GLU A 134 22.16 8.40 -26.82
C GLU A 134 21.27 9.28 -27.70
N ALA A 135 20.99 8.81 -28.91
CA ALA A 135 20.16 9.54 -29.85
C ALA A 135 18.75 9.76 -29.30
N VAL A 136 18.17 8.73 -28.67
CA VAL A 136 16.84 8.85 -28.10
C VAL A 136 16.82 9.93 -27.01
N TRP A 137 17.79 9.90 -26.10
CA TRP A 137 17.86 10.91 -25.04
C TRP A 137 17.97 12.30 -25.66
N ALA A 138 18.75 12.42 -26.73
CA ALA A 138 18.94 13.70 -27.40
C ALA A 138 17.62 14.22 -27.96
N PHE A 139 16.78 13.30 -28.44
CA PHE A 139 15.49 13.68 -28.97
C PHE A 139 14.58 14.20 -27.85
N ALA A 140 14.55 13.47 -26.74
CA ALA A 140 13.72 13.83 -25.61
C ALA A 140 14.17 15.07 -24.87
N LEU A 141 15.48 15.27 -24.78
CA LEU A 141 16.04 16.41 -24.06
C LEU A 141 16.40 17.61 -24.93
N GLU A 142 16.71 17.39 -26.19
CA GLU A 142 17.12 18.48 -27.08
C GLU A 142 16.33 18.58 -28.37
N ASN A 143 15.31 17.75 -28.54
CA ASN A 143 14.50 17.79 -29.75
C ASN A 143 15.32 17.45 -30.98
N LYS A 144 16.49 16.86 -30.78
CA LYS A 144 17.37 16.49 -31.88
C LYS A 144 16.83 15.26 -32.61
N PRO A 145 16.64 15.36 -33.94
CA PRO A 145 16.13 14.25 -34.74
C PRO A 145 17.03 13.01 -34.71
N VAL A 146 16.41 11.83 -34.70
CA VAL A 146 17.15 10.56 -34.71
C VAL A 146 17.44 10.27 -36.19
N ASP A 147 18.68 10.48 -36.59
CA ASP A 147 19.06 10.28 -37.98
C ASP A 147 19.43 8.83 -38.29
N GLN A 148 18.55 7.90 -37.92
CA GLN A 148 18.79 6.47 -38.15
C GLN A 148 17.45 5.88 -38.56
N PRO A 149 17.43 5.09 -39.64
CA PRO A 149 16.17 4.48 -40.10
C PRO A 149 15.48 3.58 -39.09
N ARG A 150 14.16 3.75 -38.97
CA ARG A 150 13.36 2.92 -38.08
C ARG A 150 13.60 1.48 -38.55
N LYS A 151 13.94 0.60 -37.62
CA LYS A 151 14.15 -0.79 -37.98
C LYS A 151 13.27 -1.67 -37.09
N ALA A 152 12.94 -2.86 -37.56
CA ALA A 152 12.12 -3.76 -36.79
C ALA A 152 12.70 -5.16 -36.71
N ASP A 153 12.67 -5.74 -35.51
CA ASP A 153 13.13 -7.11 -35.32
C ASP A 153 11.93 -7.97 -35.68
N VAL A 154 12.15 -8.99 -36.50
CA VAL A 154 11.06 -9.88 -36.87
C VAL A 154 11.49 -11.30 -36.57
N ILE A 155 10.91 -11.88 -35.53
CA ILE A 155 11.26 -13.24 -35.14
C ILE A 155 10.18 -14.18 -35.65
N MET A 156 10.61 -15.15 -36.45
CA MET A 156 9.70 -16.11 -37.05
C MET A 156 9.84 -17.52 -36.52
N LEU A 157 8.75 -18.26 -36.64
CA LEU A 157 8.73 -19.66 -36.21
C LEU A 157 8.28 -20.43 -37.44
N ASP A 158 9.21 -21.16 -38.03
CA ASP A 158 8.94 -21.99 -39.20
C ASP A 158 8.82 -23.41 -38.67
N GLY A 159 7.58 -23.83 -38.39
CA GLY A 159 7.36 -25.15 -37.83
C GLY A 159 7.79 -25.06 -36.38
N LYS A 160 9.02 -25.48 -36.11
CA LYS A 160 9.56 -25.42 -34.76
C LYS A 160 10.88 -24.66 -34.78
N HIS A 161 11.26 -24.17 -35.95
CA HIS A 161 12.52 -23.45 -36.09
C HIS A 161 12.40 -21.93 -35.98
N ILE A 162 13.30 -21.34 -35.19
CA ILE A 162 13.34 -19.91 -34.99
C ILE A 162 14.28 -19.22 -35.96
N ILE A 163 13.80 -18.16 -36.60
CA ILE A 163 14.63 -17.39 -37.51
C ILE A 163 14.50 -15.92 -37.11
N GLU A 164 15.63 -15.27 -36.90
CA GLU A 164 15.64 -13.87 -36.54
C GLU A 164 15.97 -13.04 -37.78
N ALA A 165 15.12 -12.07 -38.07
CA ALA A 165 15.35 -11.20 -39.23
C ALA A 165 15.28 -9.74 -38.77
N VAL A 166 15.91 -8.87 -39.53
CA VAL A 166 15.91 -7.44 -39.26
C VAL A 166 15.50 -6.74 -40.55
N VAL A 167 14.55 -5.80 -40.45
CA VAL A 167 14.09 -5.08 -41.64
C VAL A 167 14.23 -3.56 -41.48
N ASP A 168 14.60 -2.90 -42.58
CA ASP A 168 14.74 -1.45 -42.59
C ASP A 168 13.39 -0.91 -43.05
N LEU A 169 12.64 -0.32 -42.12
CA LEU A 169 11.30 0.21 -42.42
C LEU A 169 11.29 1.50 -43.20
N GLN A 170 12.31 2.33 -43.00
CA GLN A 170 12.39 3.59 -43.72
C GLN A 170 12.73 3.36 -45.19
N ASN A 171 13.65 2.43 -45.45
CA ASN A 171 14.09 2.14 -46.81
C ASN A 171 13.45 0.91 -47.43
N ASN A 172 12.62 0.22 -46.63
CA ASN A 172 11.91 -0.97 -47.07
C ASN A 172 12.85 -2.05 -47.64
N LYS A 173 13.71 -2.60 -46.78
CA LYS A 173 14.63 -3.63 -47.22
C LYS A 173 15.01 -4.59 -46.09
N LEU A 174 15.37 -5.82 -46.46
CA LEU A 174 15.75 -6.85 -45.52
C LEU A 174 17.24 -6.70 -45.16
N LEU A 175 17.55 -6.50 -43.89
CA LEU A 175 18.93 -6.33 -43.47
C LEU A 175 19.63 -7.63 -43.07
N SER A 176 18.90 -8.58 -42.50
CA SER A 176 19.49 -9.84 -42.10
C SER A 176 18.44 -10.92 -41.84
N TRP A 177 18.87 -12.18 -42.01
CA TRP A 177 18.02 -13.34 -41.84
C TRP A 177 18.91 -14.42 -41.21
N GLN A 178 18.73 -14.65 -39.91
CA GLN A 178 19.55 -15.61 -39.19
C GLN A 178 18.83 -16.73 -38.45
N PRO A 179 18.98 -17.97 -38.92
CA PRO A 179 18.33 -19.10 -38.25
C PRO A 179 18.96 -19.21 -36.85
N ILE A 180 18.16 -19.57 -35.86
CA ILE A 180 18.68 -19.69 -34.50
C ILE A 180 18.67 -21.16 -34.08
N LYS A 181 19.86 -21.75 -34.10
CA LYS A 181 20.05 -23.15 -33.76
C LYS A 181 19.70 -23.52 -32.31
N ASP A 182 19.03 -24.65 -32.15
CA ASP A 182 18.65 -25.17 -30.84
C ASP A 182 17.70 -24.33 -30.00
N ALA A 183 17.12 -23.30 -30.58
CA ALA A 183 16.19 -22.47 -29.84
C ALA A 183 14.75 -22.89 -30.12
N HIS A 184 13.95 -23.01 -29.08
CA HIS A 184 12.54 -23.37 -29.25
C HIS A 184 11.73 -22.08 -29.24
N GLY A 185 10.63 -22.06 -29.97
CA GLY A 185 9.80 -20.88 -30.00
C GLY A 185 8.79 -20.92 -28.86
N MET A 186 8.32 -19.75 -28.46
CA MET A 186 7.34 -19.64 -27.38
C MET A 186 6.05 -20.32 -27.87
N VAL A 187 5.07 -20.45 -26.99
CA VAL A 187 3.81 -21.06 -27.36
C VAL A 187 2.96 -20.01 -28.06
N LEU A 188 2.34 -20.39 -29.17
CA LEU A 188 1.50 -19.47 -29.92
C LEU A 188 0.05 -19.85 -29.79
N LEU A 189 -0.84 -18.89 -30.04
CA LEU A 189 -2.26 -19.13 -29.92
C LEU A 189 -2.77 -20.38 -30.62
N ASP A 190 -2.39 -20.58 -31.88
CA ASP A 190 -2.87 -21.75 -32.60
C ASP A 190 -2.43 -23.05 -31.93
N ASP A 191 -1.36 -23.00 -31.15
CA ASP A 191 -0.92 -24.22 -30.46
C ASP A 191 -1.96 -24.66 -29.43
N PHE A 192 -2.75 -23.71 -28.92
CA PHE A 192 -3.79 -24.03 -27.95
C PHE A 192 -4.87 -24.91 -28.58
N ALA A 193 -5.28 -24.54 -29.80
CA ALA A 193 -6.32 -25.29 -30.49
C ALA A 193 -5.80 -26.65 -30.94
N SER A 194 -4.57 -26.68 -31.47
CA SER A 194 -3.98 -27.94 -31.91
C SER A 194 -4.09 -28.96 -30.77
N VAL A 195 -3.50 -28.61 -29.63
CA VAL A 195 -3.51 -29.49 -28.46
C VAL A 195 -4.88 -30.07 -28.16
N GLN A 196 -5.91 -29.22 -28.16
CA GLN A 196 -7.27 -29.64 -27.88
C GLN A 196 -7.81 -30.54 -28.99
N ASN A 197 -7.54 -30.17 -30.23
CA ASN A 197 -8.00 -30.94 -31.38
C ASN A 197 -7.26 -32.27 -31.49
N ILE A 198 -5.99 -32.28 -31.13
CA ILE A 198 -5.22 -33.51 -31.18
C ILE A 198 -5.73 -34.47 -30.11
N ILE A 199 -5.95 -33.96 -28.90
CA ILE A 199 -6.48 -34.81 -27.84
C ILE A 199 -7.85 -35.34 -28.24
N ASN A 200 -8.67 -34.48 -28.84
CA ASN A 200 -10.02 -34.86 -29.27
C ASN A 200 -10.03 -36.03 -30.25
N ASN A 201 -9.06 -36.07 -31.16
CA ASN A 201 -8.97 -37.12 -32.16
C ASN A 201 -8.10 -38.29 -31.69
N SER A 202 -7.79 -38.32 -30.41
CA SER A 202 -6.97 -39.40 -29.88
C SER A 202 -7.83 -40.50 -29.29
N GLU A 203 -7.80 -41.65 -29.92
CA GLU A 203 -8.55 -42.81 -29.47
C GLU A 203 -7.99 -43.29 -28.13
N GLU A 204 -6.66 -43.34 -28.05
CA GLU A 204 -5.98 -43.77 -26.84
C GLU A 204 -6.30 -42.84 -25.67
N PHE A 205 -6.19 -41.55 -25.90
CA PHE A 205 -6.47 -40.57 -24.85
C PHE A 205 -7.91 -40.75 -24.39
N ALA A 206 -8.81 -40.91 -25.35
CA ALA A 206 -10.23 -41.08 -25.06
C ALA A 206 -10.42 -42.33 -24.21
N ALA A 207 -9.60 -43.34 -24.46
CA ALA A 207 -9.67 -44.59 -23.71
C ALA A 207 -9.15 -44.34 -22.29
N ALA A 208 -8.03 -43.65 -22.20
CA ALA A 208 -7.42 -43.33 -20.90
C ALA A 208 -8.38 -42.51 -20.05
N VAL A 209 -9.15 -41.64 -20.70
CA VAL A 209 -10.10 -40.79 -20.00
C VAL A 209 -11.29 -41.60 -19.50
N LYS A 210 -11.80 -42.51 -20.34
CA LYS A 210 -12.94 -43.35 -19.97
C LYS A 210 -12.59 -44.10 -18.68
N LYS A 211 -11.35 -44.58 -18.63
CA LYS A 211 -10.84 -45.30 -17.47
C LYS A 211 -10.98 -44.49 -16.19
N ARG A 212 -10.82 -43.17 -16.30
CA ARG A 212 -10.89 -42.30 -15.13
C ARG A 212 -12.28 -41.76 -14.76
N GLY A 213 -13.32 -42.38 -15.27
CA GLY A 213 -14.67 -41.96 -14.92
C GLY A 213 -15.41 -40.96 -15.80
N ILE A 214 -14.73 -40.40 -16.79
CA ILE A 214 -15.39 -39.43 -17.68
C ILE A 214 -16.28 -40.16 -18.68
N THR A 215 -17.58 -39.87 -18.65
CA THR A 215 -18.54 -40.50 -19.54
C THR A 215 -18.56 -39.91 -20.96
N ASP A 216 -18.31 -38.61 -21.08
CA ASP A 216 -18.31 -37.94 -22.38
C ASP A 216 -16.99 -37.18 -22.58
N ALA A 217 -16.13 -37.72 -23.44
CA ALA A 217 -14.83 -37.12 -23.70
C ALA A 217 -14.88 -35.74 -24.37
N LYS A 218 -16.03 -35.39 -24.93
CA LYS A 218 -16.17 -34.10 -25.59
C LYS A 218 -16.32 -32.95 -24.60
N LYS A 219 -16.24 -33.26 -23.32
CA LYS A 219 -16.35 -32.27 -22.26
C LYS A 219 -14.98 -32.06 -21.61
N VAL A 220 -13.94 -32.66 -22.21
CA VAL A 220 -12.58 -32.56 -21.70
C VAL A 220 -11.85 -31.33 -22.24
N ILE A 221 -11.48 -30.44 -21.32
CA ILE A 221 -10.77 -29.20 -21.65
C ILE A 221 -9.28 -29.38 -21.42
N THR A 222 -8.47 -29.06 -22.42
CA THR A 222 -7.02 -29.19 -22.31
C THR A 222 -6.33 -27.86 -22.03
N THR A 223 -5.10 -27.92 -21.55
CA THR A 223 -4.31 -26.72 -21.29
C THR A 223 -2.92 -27.01 -21.85
N PRO A 224 -2.33 -26.05 -22.59
CA PRO A 224 -1.00 -26.23 -23.18
C PRO A 224 0.07 -25.80 -22.18
N LEU A 225 0.85 -26.75 -21.68
CA LEU A 225 1.89 -26.43 -20.71
C LEU A 225 3.29 -26.73 -21.20
N THR A 226 4.21 -25.80 -20.99
CA THR A 226 5.60 -26.00 -21.40
C THR A 226 6.16 -27.13 -20.53
N VAL A 227 7.08 -27.93 -21.08
CA VAL A 227 7.63 -29.07 -20.34
C VAL A 227 8.97 -28.85 -19.64
N GLY A 228 9.58 -27.70 -19.84
CA GLY A 228 10.86 -27.43 -19.20
C GLY A 228 11.99 -28.28 -19.72
N TYR A 229 12.98 -28.51 -18.88
CA TYR A 229 14.15 -29.31 -19.27
C TYR A 229 14.62 -30.14 -18.09
N PHE A 230 14.92 -31.42 -18.34
CA PHE A 230 15.38 -32.30 -17.27
C PHE A 230 16.53 -33.23 -17.69
N ASP A 231 17.30 -32.79 -18.68
CA ASP A 231 18.45 -33.55 -19.15
C ASP A 231 18.06 -34.99 -19.50
N GLY A 232 16.85 -35.15 -20.03
CA GLY A 232 16.38 -36.46 -20.43
C GLY A 232 15.64 -37.28 -19.39
N LYS A 233 15.83 -36.98 -18.11
CA LYS A 233 15.18 -37.75 -17.07
C LYS A 233 13.65 -37.81 -17.18
N ASP A 234 13.07 -36.92 -17.98
CA ASP A 234 11.63 -36.90 -18.16
C ASP A 234 11.29 -37.67 -19.44
N GLY A 235 12.32 -38.25 -20.04
CA GLY A 235 12.15 -39.03 -21.26
C GLY A 235 11.76 -38.24 -22.50
N LEU A 236 11.98 -36.93 -22.49
CA LEU A 236 11.60 -36.12 -23.63
C LEU A 236 12.73 -35.71 -24.57
N LYS A 237 12.49 -35.88 -25.86
CA LYS A 237 13.45 -35.54 -26.90
C LYS A 237 13.66 -34.02 -26.88
N GLN A 238 14.92 -33.60 -26.76
CA GLN A 238 15.26 -32.18 -26.69
C GLN A 238 15.07 -31.41 -28.00
N ASP A 239 14.99 -32.13 -29.12
CA ASP A 239 14.82 -31.49 -30.42
C ASP A 239 13.36 -31.37 -30.89
N ALA A 240 12.46 -32.08 -30.23
CA ALA A 240 11.04 -32.02 -30.60
C ALA A 240 10.28 -30.89 -29.90
N ARG A 241 9.48 -30.16 -30.66
CA ARG A 241 8.69 -29.06 -30.12
C ARG A 241 7.50 -29.71 -29.39
N LEU A 242 7.59 -29.74 -28.07
CA LEU A 242 6.57 -30.38 -27.24
C LEU A 242 5.78 -29.49 -26.31
N LEU A 243 4.69 -30.05 -25.80
CA LEU A 243 3.81 -29.41 -24.84
C LEU A 243 3.12 -30.52 -24.05
N LYS A 244 2.97 -30.33 -22.75
CA LYS A 244 2.28 -31.32 -21.93
C LYS A 244 0.86 -30.83 -21.73
N VAL A 245 -0.08 -31.77 -21.70
CA VAL A 245 -1.48 -31.43 -21.58
C VAL A 245 -2.13 -31.91 -20.30
N ILE A 246 -2.57 -30.96 -19.49
CA ILE A 246 -3.26 -31.28 -18.24
C ILE A 246 -4.72 -31.04 -18.60
N SER A 247 -5.59 -31.96 -18.20
CA SER A 247 -6.99 -31.84 -18.55
C SER A 247 -7.97 -31.63 -17.41
N TYR A 248 -9.12 -31.07 -17.77
CA TYR A 248 -10.20 -30.77 -16.83
C TYR A 248 -11.52 -31.19 -17.44
N LEU A 249 -12.54 -31.31 -16.61
CA LEU A 249 -13.86 -31.71 -17.09
C LEU A 249 -14.84 -30.54 -17.06
N ASP A 250 -15.35 -30.17 -18.23
CA ASP A 250 -16.32 -29.08 -18.29
C ASP A 250 -17.67 -29.61 -17.83
N VAL A 251 -18.21 -28.99 -16.78
CA VAL A 251 -19.50 -29.42 -16.23
C VAL A 251 -20.56 -28.34 -16.40
N GLY A 252 -20.24 -27.30 -17.17
CA GLY A 252 -21.21 -26.23 -17.41
C GLY A 252 -21.30 -25.15 -16.35
N ASP A 253 -20.37 -25.11 -15.39
CA ASP A 253 -20.41 -24.08 -14.36
C ASP A 253 -19.51 -22.92 -14.77
N GLY A 254 -19.04 -22.97 -16.02
CA GLY A 254 -18.19 -21.93 -16.55
C GLY A 254 -16.82 -21.94 -15.91
N ASN A 255 -16.52 -22.98 -15.15
CA ASN A 255 -15.23 -23.06 -14.46
C ASN A 255 -14.62 -24.45 -14.43
N TYR A 256 -14.01 -24.83 -15.55
CA TYR A 256 -13.40 -26.14 -15.66
C TYR A 256 -12.17 -26.33 -14.78
N TRP A 257 -11.63 -25.24 -14.25
CA TRP A 257 -10.46 -25.34 -13.40
C TRP A 257 -10.81 -26.04 -12.11
N ALA A 258 -12.10 -26.07 -11.76
CA ALA A 258 -12.54 -26.71 -10.54
C ALA A 258 -12.78 -28.20 -10.73
N HIS A 259 -12.36 -28.74 -11.87
CA HIS A 259 -12.60 -30.14 -12.16
C HIS A 259 -11.40 -30.84 -12.78
N PRO A 260 -10.28 -30.91 -12.05
CA PRO A 260 -9.07 -31.56 -12.55
C PRO A 260 -9.22 -33.06 -12.77
N ILE A 261 -8.53 -33.57 -13.78
CA ILE A 261 -8.52 -34.99 -14.08
C ILE A 261 -7.09 -35.37 -13.67
N GLU A 262 -6.91 -35.55 -12.37
CA GLU A 262 -5.59 -35.81 -11.80
C GLU A 262 -4.87 -37.08 -12.27
N ASN A 263 -3.54 -36.95 -12.35
CA ASN A 263 -2.65 -38.04 -12.75
C ASN A 263 -2.70 -38.47 -14.21
N LEU A 264 -3.26 -37.61 -15.05
CA LEU A 264 -3.33 -37.90 -16.48
C LEU A 264 -2.54 -36.85 -17.24
N VAL A 265 -1.43 -37.24 -17.86
CA VAL A 265 -0.63 -36.30 -18.62
C VAL A 265 -0.34 -36.79 -20.02
N ALA A 266 -0.65 -35.95 -21.00
CA ALA A 266 -0.41 -36.28 -22.39
C ALA A 266 0.72 -35.40 -22.90
N VAL A 267 1.59 -35.98 -23.71
CA VAL A 267 2.72 -35.25 -24.28
C VAL A 267 2.45 -35.12 -25.77
N VAL A 268 2.33 -33.88 -26.23
CA VAL A 268 2.04 -33.62 -27.63
C VAL A 268 3.20 -33.05 -28.42
N ASP A 269 3.41 -33.60 -29.61
CA ASP A 269 4.46 -33.15 -30.50
C ASP A 269 3.73 -32.29 -31.53
N LEU A 270 3.87 -30.97 -31.42
CA LEU A 270 3.19 -30.03 -32.29
C LEU A 270 3.45 -30.19 -33.79
N GLU A 271 4.63 -30.65 -34.18
CA GLU A 271 4.88 -30.82 -35.62
C GLU A 271 4.33 -32.12 -36.18
N GLN A 272 4.41 -33.20 -35.41
CA GLN A 272 3.87 -34.47 -35.88
C GLN A 272 2.37 -34.43 -35.67
N LYS A 273 1.94 -33.45 -34.89
CA LYS A 273 0.52 -33.28 -34.58
C LYS A 273 -0.12 -34.52 -34.01
N LYS A 274 0.46 -35.02 -32.93
CA LYS A 274 -0.10 -36.20 -32.27
C LYS A 274 0.53 -36.42 -30.91
N ILE A 275 -0.18 -37.15 -30.05
CA ILE A 275 0.29 -37.47 -28.72
C ILE A 275 1.42 -38.49 -28.86
N VAL A 276 2.57 -38.21 -28.25
CA VAL A 276 3.69 -39.13 -28.35
C VAL A 276 4.01 -39.78 -27.02
N LYS A 277 3.08 -39.69 -26.08
CA LYS A 277 3.29 -40.29 -24.77
C LYS A 277 2.17 -39.92 -23.82
N ILE A 278 1.64 -40.93 -23.12
CA ILE A 278 0.59 -40.73 -22.15
C ILE A 278 1.07 -41.29 -20.81
N GLU A 279 1.17 -40.42 -19.82
CA GLU A 279 1.62 -40.82 -18.49
C GLU A 279 0.38 -40.93 -17.63
N GLU A 280 0.18 -42.11 -17.03
CA GLU A 280 -0.98 -42.35 -16.17
C GLU A 280 -0.60 -42.70 -14.74
N GLY A 281 -1.25 -42.04 -13.79
CA GLY A 281 -0.98 -42.29 -12.39
C GLY A 281 -2.23 -42.81 -11.72
N PRO A 282 -2.26 -42.87 -10.39
CA PRO A 282 -3.45 -43.37 -9.68
C PRO A 282 -4.70 -42.62 -10.12
N VAL A 283 -5.80 -43.34 -10.25
CA VAL A 283 -7.06 -42.74 -10.67
C VAL A 283 -7.73 -42.03 -9.50
N VAL A 284 -8.11 -40.77 -9.71
CA VAL A 284 -8.79 -39.99 -8.69
C VAL A 284 -10.09 -39.45 -9.26
N PRO A 285 -11.22 -39.73 -8.61
CA PRO A 285 -12.51 -39.25 -9.10
C PRO A 285 -12.47 -37.75 -9.29
N VAL A 286 -13.07 -37.29 -10.38
CA VAL A 286 -13.10 -35.87 -10.72
C VAL A 286 -14.05 -35.07 -9.83
N PRO A 287 -13.54 -34.00 -9.18
CA PRO A 287 -14.43 -33.20 -8.33
C PRO A 287 -15.53 -32.66 -9.24
N MET A 288 -16.78 -33.01 -8.95
CA MET A 288 -17.90 -32.61 -9.79
C MET A 288 -18.70 -31.37 -9.39
N THR A 289 -18.77 -31.07 -8.10
CA THR A 289 -19.52 -29.93 -7.61
C THR A 289 -19.30 -28.64 -8.41
N ALA A 290 -20.39 -28.03 -8.85
CA ALA A 290 -20.33 -26.78 -9.62
C ALA A 290 -19.73 -25.68 -8.76
N ARG A 291 -18.74 -24.99 -9.30
CA ARG A 291 -18.09 -23.90 -8.59
C ARG A 291 -17.93 -22.69 -9.48
N PRO A 292 -19.04 -22.11 -9.98
CA PRO A 292 -18.95 -20.95 -10.84
C PRO A 292 -18.34 -19.77 -10.08
N PHE A 293 -17.73 -18.85 -10.82
CA PHE A 293 -17.12 -17.68 -10.20
C PHE A 293 -17.66 -16.39 -10.76
N ASP A 294 -18.55 -16.48 -11.76
CA ASP A 294 -19.12 -15.30 -12.41
C ASP A 294 -20.41 -14.74 -11.82
N GLY A 295 -20.79 -15.20 -10.63
CA GLY A 295 -22.01 -14.70 -10.02
C GLY A 295 -23.33 -15.25 -10.51
N ARG A 296 -23.30 -16.18 -11.46
CA ARG A 296 -24.54 -16.76 -11.99
C ARG A 296 -25.42 -17.33 -10.87
N ASP A 297 -24.79 -17.72 -9.77
CA ASP A 297 -25.50 -18.29 -8.64
C ASP A 297 -25.45 -17.36 -7.43
N ARG A 298 -25.24 -16.07 -7.69
CA ARG A 298 -25.13 -15.08 -6.62
C ARG A 298 -25.93 -13.83 -6.88
N VAL A 299 -26.15 -13.07 -5.81
CA VAL A 299 -26.87 -11.81 -5.88
C VAL A 299 -26.04 -10.82 -5.05
N ALA A 300 -25.45 -9.85 -5.72
CA ALA A 300 -24.61 -8.87 -5.03
C ALA A 300 -25.44 -7.93 -4.15
N PRO A 301 -24.87 -7.52 -3.02
CA PRO A 301 -25.54 -6.61 -2.09
C PRO A 301 -25.63 -5.21 -2.71
N ALA A 302 -26.71 -4.51 -2.43
CA ALA A 302 -26.88 -3.16 -2.97
C ALA A 302 -25.85 -2.23 -2.35
N VAL A 303 -25.25 -1.39 -3.18
CA VAL A 303 -24.24 -0.44 -2.74
C VAL A 303 -24.54 0.98 -3.23
N LYS A 304 -24.36 1.97 -2.35
CA LYS A 304 -24.58 3.36 -2.70
C LYS A 304 -23.52 3.72 -3.75
N PRO A 305 -23.88 4.58 -4.71
CA PRO A 305 -22.92 4.97 -5.75
C PRO A 305 -21.73 5.79 -5.25
N MET A 306 -20.59 5.62 -5.91
CA MET A 306 -19.39 6.37 -5.60
C MET A 306 -18.74 6.79 -6.91
N GLN A 307 -18.47 8.09 -7.03
CA GLN A 307 -17.85 8.62 -8.22
C GLN A 307 -16.61 9.43 -7.89
N ILE A 308 -15.59 9.32 -8.74
CA ILE A 308 -14.38 10.10 -8.58
C ILE A 308 -14.42 10.98 -9.83
N ILE A 309 -14.52 12.29 -9.64
CA ILE A 309 -14.63 13.19 -10.78
C ILE A 309 -13.58 14.30 -10.89
N GLU A 310 -13.28 14.66 -12.13
CA GLU A 310 -12.35 15.74 -12.46
C GLU A 310 -13.11 16.50 -13.54
N PRO A 311 -14.05 17.37 -13.12
CA PRO A 311 -14.91 18.18 -13.97
C PRO A 311 -14.19 19.18 -14.88
N GLU A 312 -12.91 19.42 -14.60
CA GLU A 312 -12.15 20.34 -15.43
C GLU A 312 -11.13 19.62 -16.29
N GLY A 313 -11.18 18.30 -16.27
CA GLY A 313 -10.25 17.54 -17.07
C GLY A 313 -9.13 17.00 -16.20
N LYS A 314 -8.18 16.34 -16.84
CA LYS A 314 -7.05 15.74 -16.13
C LYS A 314 -5.86 16.67 -16.02
N ASN A 315 -4.96 16.33 -15.09
CA ASN A 315 -3.74 17.09 -14.87
C ASN A 315 -2.65 16.63 -15.85
N TYR A 316 -2.86 15.47 -16.47
CA TYR A 316 -1.89 14.97 -17.43
C TYR A 316 -2.30 15.20 -18.88
N THR A 317 -1.29 15.22 -19.74
CA THR A 317 -1.52 15.41 -21.16
C THR A 317 -0.86 14.24 -21.85
N ILE A 318 -1.53 13.69 -22.85
CA ILE A 318 -1.01 12.56 -23.60
C ILE A 318 -0.84 12.97 -25.05
N THR A 319 0.42 13.18 -25.44
CA THR A 319 0.76 13.58 -26.80
C THR A 319 1.29 12.32 -27.47
N GLY A 320 0.53 11.77 -28.41
CA GLY A 320 0.97 10.54 -29.02
C GLY A 320 1.05 9.56 -27.86
N ASP A 321 2.26 9.13 -27.52
CA ASP A 321 2.48 8.20 -26.42
C ASP A 321 3.25 8.85 -25.28
N MET A 322 3.53 10.14 -25.40
CA MET A 322 4.25 10.85 -24.36
C MET A 322 3.24 11.34 -23.33
N ILE A 323 3.54 11.09 -22.06
CA ILE A 323 2.65 11.51 -21.00
C ILE A 323 3.30 12.54 -20.13
N HIS A 324 2.62 13.67 -19.95
CA HIS A 324 3.15 14.73 -19.10
C HIS A 324 2.23 14.94 -17.91
N TRP A 325 2.82 15.03 -16.72
CA TRP A 325 2.04 15.19 -15.50
C TRP A 325 2.91 15.79 -14.41
N ARG A 326 2.58 17.01 -13.98
CA ARG A 326 3.35 17.68 -12.94
C ARG A 326 4.79 17.82 -13.42
N ASN A 327 5.74 17.35 -12.61
CA ASN A 327 7.16 17.43 -12.96
C ASN A 327 7.62 16.21 -13.75
N TRP A 328 6.70 15.27 -14.01
CA TRP A 328 7.05 14.06 -14.75
C TRP A 328 6.78 14.12 -16.24
N ASP A 329 7.64 13.44 -16.99
CA ASP A 329 7.52 13.31 -18.44
C ASP A 329 8.06 11.93 -18.76
N PHE A 330 7.29 11.12 -19.45
CA PHE A 330 7.74 9.80 -19.84
C PHE A 330 7.01 9.32 -21.08
N HIS A 331 7.52 8.24 -21.66
CA HIS A 331 6.95 7.65 -22.87
C HIS A 331 6.40 6.26 -22.59
N LEU A 332 5.16 6.01 -23.02
CA LEU A 332 4.51 4.73 -22.78
C LEU A 332 4.26 3.97 -24.08
N SER A 333 4.84 2.78 -24.20
CA SER A 333 4.67 1.95 -25.40
C SER A 333 4.33 0.50 -25.03
N MET A 334 3.88 -0.26 -26.02
CA MET A 334 3.46 -1.65 -25.78
C MET A 334 4.32 -2.69 -26.51
N ASN A 335 4.58 -3.80 -25.84
CA ASN A 335 5.36 -4.90 -26.42
C ASN A 335 4.52 -6.18 -26.25
N SER A 336 4.45 -7.03 -27.28
CA SER A 336 3.63 -8.25 -27.22
C SER A 336 4.10 -9.25 -26.16
N ARG A 337 5.39 -9.21 -25.84
CA ARG A 337 5.94 -10.12 -24.85
C ARG A 337 5.85 -9.62 -23.42
N VAL A 338 6.48 -8.49 -23.12
CA VAL A 338 6.48 -7.96 -21.76
C VAL A 338 5.45 -6.90 -21.40
N GLY A 339 4.69 -6.44 -22.39
CA GLY A 339 3.69 -5.43 -22.11
C GLY A 339 4.20 -4.01 -22.17
N PRO A 340 3.75 -3.14 -21.24
CA PRO A 340 4.14 -1.73 -21.17
C PRO A 340 5.61 -1.46 -20.91
N MET A 341 6.12 -0.44 -21.61
CA MET A 341 7.50 -0.02 -21.45
C MET A 341 7.49 1.47 -21.16
N ILE A 342 8.09 1.84 -20.04
CA ILE A 342 8.18 3.21 -19.58
C ILE A 342 9.55 3.73 -20.05
N SER A 343 9.55 4.74 -20.90
CA SER A 343 10.81 5.23 -21.45
C SER A 343 11.08 6.72 -21.33
N THR A 344 12.36 7.08 -21.42
CA THR A 344 12.80 8.47 -21.33
C THR A 344 12.07 9.21 -20.22
N VAL A 345 12.23 8.74 -19.01
CA VAL A 345 11.61 9.35 -17.84
C VAL A 345 12.48 10.44 -17.24
N THR A 346 11.94 11.64 -17.13
CA THR A 346 12.67 12.75 -16.54
C THR A 346 11.82 13.44 -15.50
N TYR A 347 12.49 14.16 -14.61
CA TYR A 347 11.80 14.90 -13.57
C TYR A 347 12.20 16.36 -13.75
N ASN A 348 11.21 17.21 -13.98
CA ASN A 348 11.48 18.63 -14.18
C ASN A 348 11.73 19.29 -12.82
N ASP A 349 13.01 19.42 -12.50
CA ASP A 349 13.43 20.03 -11.25
C ASP A 349 13.56 21.53 -11.42
N ASN A 350 12.53 22.25 -10.98
CA ASN A 350 12.49 23.70 -11.04
C ASN A 350 12.93 24.29 -12.39
N GLY A 351 12.42 23.74 -13.48
CA GLY A 351 12.78 24.25 -14.79
C GLY A 351 13.71 23.38 -15.62
N THR A 352 14.49 22.52 -14.95
CA THR A 352 15.43 21.65 -15.66
C THR A 352 15.06 20.17 -15.61
N LYS A 353 14.98 19.55 -16.78
CA LYS A 353 14.63 18.14 -16.86
C LYS A 353 15.85 17.28 -16.59
N ARG A 354 15.76 16.47 -15.53
CA ARG A 354 16.85 15.59 -15.15
C ARG A 354 16.46 14.13 -15.41
N LYS A 355 17.40 13.38 -15.99
CA LYS A 355 17.18 11.97 -16.31
C LYS A 355 16.91 11.13 -15.07
N VAL A 356 16.04 10.14 -15.20
CA VAL A 356 15.73 9.23 -14.11
C VAL A 356 15.82 7.80 -14.62
N MET A 357 15.06 7.50 -15.66
CA MET A 357 15.08 6.14 -16.20
C MET A 357 14.93 6.12 -17.72
N TYR A 358 15.90 5.50 -18.40
CA TYR A 358 15.84 5.42 -19.86
C TYR A 358 14.74 4.46 -20.27
N GLU A 359 14.73 3.26 -19.69
CA GLU A 359 13.71 2.25 -19.99
C GLU A 359 13.41 1.39 -18.76
N GLY A 360 12.13 1.13 -18.55
CA GLY A 360 11.71 0.29 -17.45
C GLY A 360 10.52 -0.52 -17.93
N SER A 361 10.47 -1.79 -17.54
CA SER A 361 9.38 -2.65 -17.94
C SER A 361 9.49 -3.95 -17.17
N LEU A 362 8.50 -4.82 -17.35
CA LEU A 362 8.55 -6.14 -16.73
C LEU A 362 9.72 -6.79 -17.44
N GLY A 363 10.53 -7.54 -16.70
CA GLY A 363 11.65 -8.23 -17.32
C GLY A 363 11.11 -9.59 -17.69
N GLY A 364 10.64 -10.31 -16.68
CA GLY A 364 10.08 -11.64 -16.89
C GLY A 364 9.53 -12.14 -15.57
N MET A 365 8.76 -13.20 -15.60
CA MET A 365 8.22 -13.75 -14.36
C MET A 365 8.06 -15.25 -14.49
N ILE A 366 7.94 -15.92 -13.34
CA ILE A 366 7.74 -17.35 -13.35
C ILE A 366 6.92 -17.82 -12.16
N VAL A 367 6.07 -18.81 -12.41
CA VAL A 367 5.20 -19.38 -11.40
C VAL A 367 5.45 -20.88 -11.34
N PRO A 368 6.50 -21.29 -10.62
CA PRO A 368 6.94 -22.68 -10.42
C PRO A 368 6.19 -23.36 -9.26
N TYR A 369 5.91 -24.65 -9.41
CA TYR A 369 5.21 -25.41 -8.37
C TYR A 369 6.10 -26.33 -7.53
N GLY A 370 5.60 -26.73 -6.37
CA GLY A 370 6.38 -27.60 -5.50
C GLY A 370 5.93 -29.03 -5.30
N ASP A 371 5.03 -29.51 -6.15
CA ASP A 371 4.51 -30.88 -6.07
C ASP A 371 5.30 -31.77 -7.04
N PRO A 372 5.83 -32.90 -6.54
CA PRO A 372 6.61 -33.83 -7.36
C PRO A 372 5.81 -34.81 -8.23
N ASP A 373 4.50 -34.94 -8.00
CA ASP A 373 3.74 -35.88 -8.80
C ASP A 373 3.77 -35.69 -10.31
N ILE A 374 3.41 -36.76 -11.01
CA ILE A 374 3.42 -36.81 -12.46
C ILE A 374 2.83 -35.60 -13.19
N GLY A 375 1.75 -35.03 -12.66
CA GLY A 375 1.14 -33.88 -13.32
C GLY A 375 1.59 -32.51 -12.82
N TRP A 376 2.61 -32.45 -11.97
CA TRP A 376 3.07 -31.15 -11.45
C TRP A 376 4.57 -30.85 -11.45
N TYR A 377 5.40 -31.89 -11.39
CA TYR A 377 6.84 -31.70 -11.31
C TYR A 377 7.51 -30.80 -12.36
N PHE A 378 6.92 -30.73 -13.55
CA PHE A 378 7.47 -29.93 -14.64
C PHE A 378 6.83 -28.55 -14.75
N LYS A 379 5.76 -28.35 -13.99
CA LYS A 379 4.98 -27.11 -13.99
C LYS A 379 5.72 -25.87 -13.47
N ALA A 380 6.21 -25.07 -14.41
CA ALA A 380 6.93 -23.84 -14.10
C ALA A 380 6.61 -22.87 -15.23
N TYR A 381 5.67 -21.97 -14.99
CA TYR A 381 5.23 -21.06 -16.02
C TYR A 381 5.94 -19.71 -16.15
N LEU A 382 6.41 -19.44 -17.36
CA LEU A 382 7.07 -18.18 -17.71
C LEU A 382 6.04 -17.47 -18.59
N ASP A 383 5.03 -16.90 -17.95
CA ASP A 383 3.94 -16.23 -18.65
C ASP A 383 4.33 -15.26 -19.75
N SER A 384 5.25 -14.35 -19.47
CA SER A 384 5.64 -13.40 -20.50
C SER A 384 6.53 -14.10 -21.54
N GLY A 385 7.59 -14.73 -21.07
CA GLY A 385 8.50 -15.41 -21.96
C GLY A 385 7.94 -16.51 -22.84
N ASP A 386 7.19 -17.45 -22.26
CA ASP A 386 6.63 -18.54 -23.05
C ASP A 386 5.24 -18.34 -23.65
N TYR A 387 4.49 -17.35 -23.17
CA TYR A 387 3.15 -17.11 -23.70
C TYR A 387 2.88 -15.71 -24.25
N GLY A 388 3.66 -14.73 -23.83
CA GLY A 388 3.46 -13.38 -24.33
C GLY A 388 2.34 -12.64 -23.61
N MET A 389 2.67 -11.98 -22.50
CA MET A 389 1.67 -11.26 -21.73
C MET A 389 1.08 -10.04 -22.44
N GLY A 390 1.86 -9.42 -23.32
CA GLY A 390 1.35 -8.28 -24.05
C GLY A 390 0.25 -8.75 -24.99
N THR A 391 0.49 -9.89 -25.64
CA THR A 391 -0.49 -10.45 -26.57
C THR A 391 -1.75 -10.85 -25.83
N LEU A 392 -1.59 -11.37 -24.61
CA LEU A 392 -2.71 -11.79 -23.81
C LEU A 392 -3.20 -10.71 -22.85
N THR A 393 -3.01 -9.45 -23.23
CA THR A 393 -3.46 -8.33 -22.41
C THR A 393 -4.99 -8.42 -22.27
N SER A 394 -5.48 -8.19 -21.06
CA SER A 394 -6.92 -8.24 -20.80
C SER A 394 -7.46 -6.83 -20.74
N PRO A 395 -8.41 -6.48 -21.62
CA PRO A 395 -8.99 -5.14 -21.63
C PRO A 395 -9.58 -4.78 -20.28
N ILE A 396 -9.19 -3.63 -19.77
CA ILE A 396 -9.67 -3.15 -18.49
C ILE A 396 -11.18 -2.91 -18.42
N ALA A 397 -11.79 -3.42 -17.34
CA ALA A 397 -13.22 -3.26 -17.13
C ALA A 397 -13.38 -1.89 -16.48
N ARG A 398 -13.81 -0.91 -17.26
CA ARG A 398 -13.97 0.46 -16.78
C ARG A 398 -14.68 0.54 -15.42
N GLY A 399 -14.11 1.32 -14.50
CA GLY A 399 -14.71 1.50 -13.18
C GLY A 399 -14.53 0.36 -12.19
N LYS A 400 -14.02 -0.78 -12.65
CA LYS A 400 -13.79 -1.92 -11.78
C LYS A 400 -12.31 -2.29 -11.70
N ASP A 401 -11.69 -2.54 -12.84
CA ASP A 401 -10.27 -2.87 -12.85
C ASP A 401 -9.46 -1.59 -12.58
N ALA A 402 -10.09 -0.45 -12.84
CA ALA A 402 -9.46 0.85 -12.61
C ALA A 402 -10.55 1.81 -12.16
N PRO A 403 -10.19 2.82 -11.36
CA PRO A 403 -11.17 3.80 -10.86
C PRO A 403 -11.95 4.49 -11.97
N SER A 404 -13.07 5.11 -11.61
CA SER A 404 -13.94 5.79 -12.56
C SER A 404 -13.37 7.07 -13.17
N ASN A 405 -12.28 7.59 -12.62
CA ASN A 405 -11.71 8.82 -13.17
C ASN A 405 -10.54 8.48 -14.08
N ALA A 406 -10.46 7.22 -14.51
CA ALA A 406 -9.36 6.80 -15.36
C ALA A 406 -9.53 7.05 -16.86
N VAL A 407 -8.41 7.10 -17.57
CA VAL A 407 -8.41 7.26 -19.01
C VAL A 407 -7.89 5.94 -19.55
N LEU A 408 -8.65 5.31 -20.44
CA LEU A 408 -8.27 4.01 -20.98
C LEU A 408 -7.70 4.12 -22.38
N LEU A 409 -6.49 3.60 -22.55
CA LEU A 409 -5.78 3.64 -23.82
C LEU A 409 -5.84 2.34 -24.60
N ASN A 410 -5.88 2.46 -25.93
CA ASN A 410 -5.87 1.29 -26.79
C ASN A 410 -4.43 1.16 -27.27
N GLU A 411 -3.96 -0.06 -27.44
CA GLU A 411 -2.59 -0.30 -27.89
C GLU A 411 -2.60 -1.33 -29.03
N THR A 412 -1.63 -1.21 -29.93
CA THR A 412 -1.56 -2.11 -31.07
C THR A 412 -0.27 -2.92 -31.15
N ILE A 413 -0.42 -4.22 -31.39
CA ILE A 413 0.70 -5.13 -31.53
C ILE A 413 0.35 -6.04 -32.71
N ALA A 414 1.27 -6.95 -33.06
CA ALA A 414 1.02 -7.88 -34.15
C ALA A 414 0.66 -9.25 -33.57
N ASP A 415 -0.31 -9.94 -34.18
CA ASP A 415 -0.67 -11.27 -33.68
C ASP A 415 0.33 -12.28 -34.27
N TYR A 416 0.15 -13.57 -33.97
CA TYR A 416 1.09 -14.57 -34.46
C TYR A 416 1.14 -14.77 -35.98
N THR A 417 0.12 -14.30 -36.70
CA THR A 417 0.11 -14.44 -38.16
C THR A 417 0.64 -13.15 -38.82
N GLY A 418 1.03 -12.18 -38.00
CA GLY A 418 1.58 -10.94 -38.51
C GLY A 418 0.56 -9.88 -38.88
N VAL A 419 -0.67 -10.04 -38.38
CA VAL A 419 -1.73 -9.09 -38.66
C VAL A 419 -1.86 -8.13 -37.46
N PRO A 420 -1.95 -6.81 -37.74
CA PRO A 420 -2.10 -5.87 -36.64
C PRO A 420 -3.29 -6.22 -35.77
N MET A 421 -3.12 -6.00 -34.47
CA MET A 421 -4.13 -6.33 -33.49
C MET A 421 -4.29 -5.16 -32.52
N GLU A 422 -5.46 -4.53 -32.49
CA GLU A 422 -5.68 -3.42 -31.57
C GLU A 422 -6.35 -3.91 -30.29
N ILE A 423 -5.64 -3.74 -29.17
CA ILE A 423 -6.15 -4.15 -27.88
C ILE A 423 -6.88 -2.97 -27.28
N PRO A 424 -8.22 -3.08 -27.15
CA PRO A 424 -9.01 -1.99 -26.58
C PRO A 424 -8.79 -1.90 -25.07
N ARG A 425 -8.68 -0.68 -24.56
CA ARG A 425 -8.50 -0.47 -23.13
C ARG A 425 -7.37 -1.32 -22.57
N ALA A 426 -6.26 -1.39 -23.31
CA ALA A 426 -5.12 -2.19 -22.91
C ALA A 426 -4.43 -1.66 -21.67
N ILE A 427 -4.42 -0.34 -21.50
CA ILE A 427 -3.77 0.28 -20.36
C ILE A 427 -4.63 1.35 -19.74
N ALA A 428 -4.55 1.48 -18.42
CA ALA A 428 -5.34 2.49 -17.72
C ALA A 428 -4.41 3.53 -17.10
N VAL A 429 -4.75 4.80 -17.28
CA VAL A 429 -3.96 5.87 -16.69
C VAL A 429 -4.91 6.64 -15.78
N PHE A 430 -4.56 6.79 -14.51
CA PHE A 430 -5.44 7.53 -13.61
C PHE A 430 -4.70 8.13 -12.45
N GLU A 431 -5.19 9.29 -12.00
CA GLU A 431 -4.58 9.98 -10.88
C GLU A 431 -5.39 9.62 -9.64
N ARG A 432 -4.74 9.56 -8.47
CA ARG A 432 -5.48 9.23 -7.28
C ARG A 432 -4.96 9.90 -6.03
N TYR A 433 -5.88 10.16 -5.11
CA TYR A 433 -5.57 10.76 -3.81
C TYR A 433 -4.85 9.65 -3.04
N ALA A 434 -3.80 9.99 -2.32
CA ALA A 434 -3.06 8.96 -1.57
C ALA A 434 -2.67 9.45 -0.18
N GLY A 435 -3.63 10.00 0.54
CA GLY A 435 -3.37 10.50 1.87
C GLY A 435 -2.62 11.81 1.75
N PRO A 436 -2.19 12.40 2.88
CA PRO A 436 -1.45 13.67 2.87
C PRO A 436 0.01 13.52 2.43
N GLU A 437 0.45 14.39 1.53
CA GLU A 437 1.84 14.38 1.04
C GLU A 437 2.79 14.57 2.24
N TYR A 438 2.45 15.54 3.08
CA TYR A 438 3.19 15.81 4.30
C TYR A 438 2.23 16.57 5.20
N LYS A 439 2.56 16.64 6.47
CA LYS A 439 1.72 17.35 7.41
C LYS A 439 2.44 17.66 8.70
N HIS A 440 2.14 18.84 9.25
CA HIS A 440 2.68 19.23 10.53
C HIS A 440 1.73 20.15 11.24
N GLN A 441 1.21 19.67 12.36
CA GLN A 441 0.30 20.47 13.17
C GLN A 441 1.07 20.94 14.40
N GLU A 442 1.77 22.07 14.24
CA GLU A 442 2.54 22.65 15.35
C GLU A 442 1.51 23.10 16.39
N MET A 443 1.76 22.75 17.65
CA MET A 443 0.85 23.08 18.72
C MET A 443 0.45 24.56 18.76
N GLY A 444 -0.85 24.80 18.76
CA GLY A 444 -1.36 26.16 18.81
C GLY A 444 -1.07 27.01 17.60
N GLN A 445 -0.76 26.39 16.46
CA GLN A 445 -0.47 27.13 15.24
C GLN A 445 -1.37 26.67 14.11
N PRO A 446 -1.46 27.46 13.04
CA PRO A 446 -2.31 27.04 11.92
C PRO A 446 -1.72 25.78 11.32
N ASN A 447 -2.56 24.77 11.08
CA ASN A 447 -2.09 23.50 10.50
C ASN A 447 -1.51 23.65 9.11
N VAL A 448 -0.69 22.69 8.73
CA VAL A 448 -0.09 22.68 7.40
C VAL A 448 -0.24 21.28 6.81
N SER A 449 -1.00 21.18 5.72
CA SER A 449 -1.21 19.89 5.06
C SER A 449 -1.36 20.09 3.57
N THR A 450 -0.89 19.11 2.81
CA THR A 450 -1.03 19.14 1.36
C THR A 450 -1.36 17.70 1.01
N GLU A 451 -2.23 17.52 0.03
CA GLU A 451 -2.63 16.19 -0.34
C GLU A 451 -1.66 15.60 -1.33
N ARG A 452 -1.50 14.28 -1.27
CA ARG A 452 -0.64 13.55 -2.16
C ARG A 452 -1.44 13.03 -3.33
N ARG A 453 -0.82 13.09 -4.51
CA ARG A 453 -1.41 12.61 -5.74
C ARG A 453 -0.44 11.65 -6.40
N GLU A 454 -0.96 10.57 -6.96
CA GLU A 454 -0.12 9.60 -7.65
C GLU A 454 -0.73 9.37 -9.02
N LEU A 455 0.14 9.24 -10.02
CA LEU A 455 -0.30 8.96 -11.38
C LEU A 455 -0.01 7.48 -11.54
N VAL A 456 -1.04 6.71 -11.82
CA VAL A 456 -0.88 5.28 -12.00
C VAL A 456 -1.08 4.87 -13.45
N VAL A 457 -0.24 3.95 -13.92
CA VAL A 457 -0.36 3.37 -15.25
C VAL A 457 -0.60 1.89 -14.95
N ARG A 458 -1.80 1.40 -15.29
CA ARG A 458 -2.16 0.01 -15.00
C ARG A 458 -2.39 -0.87 -16.23
N TRP A 459 -1.82 -2.06 -16.17
CA TRP A 459 -1.93 -3.04 -17.24
C TRP A 459 -2.25 -4.40 -16.63
N ILE A 460 -3.20 -5.10 -17.24
CA ILE A 460 -3.61 -6.43 -16.78
C ILE A 460 -3.48 -7.47 -17.88
N SER A 461 -2.71 -8.53 -17.61
CA SER A 461 -2.52 -9.61 -18.55
C SER A 461 -3.02 -10.92 -17.93
N THR A 462 -3.69 -11.74 -18.73
CA THR A 462 -4.19 -13.02 -18.24
C THR A 462 -3.68 -14.18 -19.07
N VAL A 463 -2.93 -15.06 -18.43
CA VAL A 463 -2.41 -16.22 -19.13
C VAL A 463 -2.99 -17.47 -18.49
N GLY A 464 -3.99 -18.05 -19.13
CA GLY A 464 -4.58 -19.25 -18.58
C GLY A 464 -5.43 -18.90 -17.36
N ASN A 465 -4.99 -19.32 -16.18
CA ASN A 465 -5.76 -19.08 -14.98
C ASN A 465 -5.37 -17.92 -14.09
N TYQ A 466 -4.14 -17.40 -14.25
CA TYQ A 466 -3.65 -16.26 -13.47
C TYQ A 466 -3.99 -14.96 -14.21
O TYQ A 466 -3.90 -14.88 -15.44
CB TYQ A 466 -2.11 -16.31 -13.35
CG TYQ A 466 -1.53 -17.67 -13.02
CD1 TYQ A 466 -1.87 -18.33 -11.84
CD2 TYQ A 466 -0.67 -18.31 -13.91
CE1 TYQ A 466 -1.40 -19.59 -11.58
CE2 TYQ A 466 -0.18 -19.57 -13.63
CZ TYQ A 466 -0.56 -20.21 -12.47
OZ TYQ A 466 -2.67 -17.67 -10.94
N5 TYQ A 466 0.77 -20.19 -14.53
OH TYQ A 466 -0.10 -21.50 -12.25
N ASP A 467 -4.40 -13.95 -13.46
CA ASP A 467 -4.65 -12.65 -14.05
C ASP A 467 -3.64 -11.83 -13.29
N TYR A 468 -2.78 -11.15 -14.02
CA TYR A 468 -1.76 -10.32 -13.38
C TYR A 468 -1.96 -8.84 -13.61
N ILE A 469 -1.84 -8.08 -12.52
CA ILE A 469 -2.00 -6.63 -12.56
C ILE A 469 -0.71 -5.87 -12.28
N PHE A 470 -0.32 -4.96 -13.17
CA PHE A 470 0.88 -4.17 -12.94
C PHE A 470 0.65 -2.67 -12.90
N ASP A 471 1.09 -2.03 -11.81
CA ASP A 471 0.95 -0.58 -11.66
C ASP A 471 2.31 0.11 -11.63
N TRP A 472 2.47 1.13 -12.47
CA TRP A 472 3.69 1.92 -12.46
C TRP A 472 3.20 3.24 -11.87
N ILE A 473 3.59 3.49 -10.63
CA ILE A 473 3.14 4.64 -9.85
C ILE A 473 4.12 5.81 -9.74
N PHE A 474 3.74 6.95 -10.30
CA PHE A 474 4.60 8.13 -10.24
C PHE A 474 4.14 9.07 -9.14
N HIS A 475 5.01 9.31 -8.16
CA HIS A 475 4.64 10.21 -7.07
C HIS A 475 5.11 11.62 -7.42
N GLU A 476 4.41 12.63 -6.90
CA GLU A 476 4.80 14.01 -7.17
C GLU A 476 6.18 14.32 -6.62
N ASN A 477 6.54 13.67 -5.52
CA ASN A 477 7.83 13.94 -4.91
C ASN A 477 9.04 13.23 -5.50
N GLY A 478 8.88 12.60 -6.66
CA GLY A 478 10.00 11.94 -7.27
C GLY A 478 10.08 10.42 -7.11
N THR A 479 9.39 9.88 -6.12
CA THR A 479 9.39 8.43 -5.92
C THR A 479 8.61 7.75 -7.03
N ILE A 480 8.99 6.51 -7.34
CA ILE A 480 8.32 5.71 -8.35
C ILE A 480 8.05 4.35 -7.74
N GLY A 481 6.80 3.92 -7.79
CA GLY A 481 6.44 2.63 -7.26
C GLY A 481 6.07 1.69 -8.38
N ILE A 482 6.29 0.41 -8.16
CA ILE A 482 5.94 -0.62 -9.13
C ILE A 482 5.29 -1.74 -8.34
N ASP A 483 3.97 -1.89 -8.48
CA ASP A 483 3.27 -2.95 -7.76
C ASP A 483 2.78 -4.01 -8.74
N ALA A 484 2.70 -5.24 -8.25
CA ALA A 484 2.23 -6.36 -9.04
C ALA A 484 1.17 -7.08 -8.22
N GLY A 485 -0.01 -7.23 -8.81
CA GLY A 485 -1.10 -7.90 -8.13
C GLY A 485 -1.45 -9.18 -8.85
N ALA A 486 -1.93 -10.16 -8.11
CA ALA A 486 -2.30 -11.44 -8.68
C ALA A 486 -3.69 -11.83 -8.24
N THR A 487 -4.50 -12.26 -9.18
CA THR A 487 -5.87 -12.70 -8.92
C THR A 487 -6.18 -13.81 -9.92
N GLY A 488 -7.44 -14.22 -10.02
CA GLY A 488 -7.76 -15.27 -10.95
C GLY A 488 -8.12 -16.60 -10.31
N ILE A 489 -7.90 -17.69 -11.05
CA ILE A 489 -8.22 -19.03 -10.58
C ILE A 489 -6.99 -19.89 -10.31
N GLU A 490 -6.94 -20.52 -9.13
CA GLU A 490 -5.80 -21.37 -8.79
C GLU A 490 -5.78 -22.71 -9.50
N ALA A 491 -4.56 -23.21 -9.74
CA ALA A 491 -4.38 -24.51 -10.39
C ALA A 491 -4.51 -25.51 -9.24
N VAL A 492 -5.56 -26.32 -9.26
CA VAL A 492 -5.76 -27.28 -8.19
C VAL A 492 -5.50 -28.74 -8.55
N LYS A 493 -5.24 -29.53 -7.52
CA LYS A 493 -4.96 -30.95 -7.69
C LYS A 493 -6.16 -31.73 -7.20
N GLY A 494 -6.61 -32.69 -7.99
CA GLY A 494 -7.73 -33.50 -7.57
C GLY A 494 -7.26 -34.52 -6.56
N VAL A 495 -7.93 -34.58 -5.40
CA VAL A 495 -7.56 -35.53 -4.36
C VAL A 495 -8.80 -36.23 -3.82
N LYS A 496 -8.60 -37.38 -3.17
CA LYS A 496 -9.71 -38.16 -2.62
C LYS A 496 -10.32 -37.60 -1.34
N ALA A 497 -9.53 -36.86 -0.58
CA ALA A 497 -10.02 -36.30 0.68
C ALA A 497 -11.03 -35.17 0.52
N LYS A 498 -12.08 -35.21 1.34
CA LYS A 498 -13.11 -34.16 1.32
C LYS A 498 -12.88 -33.20 2.47
N THR A 499 -12.46 -33.72 3.62
CA THR A 499 -12.15 -32.87 4.78
C THR A 499 -10.82 -33.35 5.35
N MET A 500 -10.28 -32.61 6.31
CA MET A 500 -9.01 -32.99 6.92
C MET A 500 -9.15 -34.21 7.82
N HIS A 501 -10.38 -34.71 7.96
CA HIS A 501 -10.63 -35.88 8.78
C HIS A 501 -10.59 -37.19 7.99
N ASP A 502 -10.38 -37.11 6.67
CA ASP A 502 -10.34 -38.31 5.85
C ASP A 502 -8.96 -38.97 5.83
N GLU A 503 -8.96 -40.28 5.57
CA GLU A 503 -7.74 -41.08 5.54
C GLU A 503 -6.58 -40.51 4.74
N THR A 504 -6.84 -40.10 3.51
CA THR A 504 -5.78 -39.56 2.65
C THR A 504 -5.44 -38.08 2.86
N ALA A 505 -6.22 -37.40 3.71
CA ALA A 505 -6.01 -35.97 3.96
C ALA A 505 -4.55 -35.56 4.14
N LYS A 506 -3.82 -36.26 5.01
CA LYS A 506 -2.43 -35.91 5.25
C LYS A 506 -1.56 -36.02 3.99
N ASP A 507 -1.68 -37.13 3.27
CA ASP A 507 -0.88 -37.28 2.06
C ASP A 507 -1.35 -36.32 0.96
N ASP A 508 -2.65 -36.09 0.90
CA ASP A 508 -3.21 -35.20 -0.11
C ASP A 508 -2.79 -33.74 0.06
N THR A 509 -2.51 -33.34 1.30
CA THR A 509 -2.13 -31.96 1.57
C THR A 509 -0.65 -31.74 1.86
N ARG A 510 0.19 -32.69 1.46
CA ARG A 510 1.62 -32.54 1.72
C ARG A 510 2.25 -31.41 0.92
N TYR A 511 1.73 -31.15 -0.27
CA TYR A 511 2.29 -30.10 -1.10
C TYR A 511 1.29 -28.98 -1.36
N GLY A 512 0.28 -28.87 -0.51
CA GLY A 512 -0.72 -27.83 -0.69
C GLY A 512 -1.89 -27.94 0.26
N THR A 513 -2.59 -26.82 0.45
CA THR A 513 -3.73 -26.74 1.35
C THR A 513 -5.02 -27.31 0.74
N LEU A 514 -5.86 -27.95 1.56
CA LEU A 514 -7.13 -28.48 1.07
C LEU A 514 -8.09 -27.28 1.12
N ILE A 515 -8.37 -26.70 -0.03
CA ILE A 515 -9.24 -25.52 -0.07
C ILE A 515 -10.71 -25.81 -0.35
N ASP A 516 -11.00 -27.02 -0.84
CA ASP A 516 -12.38 -27.41 -1.12
C ASP A 516 -12.44 -28.93 -1.12
N HIS A 517 -13.64 -29.49 -1.12
CA HIS A 517 -13.79 -30.95 -1.12
C HIS A 517 -13.11 -31.56 -2.35
N ASN A 518 -12.16 -32.46 -2.09
CA ASN A 518 -11.41 -33.15 -3.12
C ASN A 518 -10.52 -32.24 -3.95
N ILE A 519 -10.28 -31.02 -3.43
CA ILE A 519 -9.46 -30.05 -4.14
C ILE A 519 -8.37 -29.43 -3.29
N VAL A 520 -7.13 -29.53 -3.79
CA VAL A 520 -5.97 -28.98 -3.10
C VAL A 520 -5.25 -27.93 -3.96
N GLY A 521 -5.05 -26.76 -3.38
CA GLY A 521 -4.34 -25.69 -4.08
C GLY A 521 -2.85 -25.89 -3.93
N THR A 522 -2.23 -26.57 -4.88
CA THR A 522 -0.81 -26.85 -4.84
C THR A 522 0.04 -25.61 -4.57
N THR A 523 0.92 -25.71 -3.59
CA THR A 523 1.80 -24.61 -3.22
C THR A 523 2.73 -24.27 -4.38
N HIS A 524 3.02 -22.99 -4.54
CA HIS A 524 3.88 -22.53 -5.63
C HIS A 524 4.40 -21.13 -5.31
N GLN A 525 5.13 -20.52 -6.24
CA GLN A 525 5.62 -19.17 -6.03
C GLN A 525 5.25 -18.25 -7.18
N HIS A 526 5.24 -16.97 -6.89
CA HIS A 526 4.99 -15.93 -7.88
C HIS A 526 6.25 -15.08 -7.85
N ILE A 527 7.02 -15.12 -8.92
CA ILE A 527 8.26 -14.35 -8.96
C ILE A 527 8.32 -13.39 -10.15
N TYR A 528 8.29 -12.10 -9.83
CA TYR A 528 8.31 -11.04 -10.84
C TYR A 528 9.69 -10.40 -10.88
N ASN A 529 10.17 -10.10 -12.08
CA ASN A 529 11.45 -9.43 -12.22
C ASN A 529 11.23 -8.19 -13.08
N PHE A 530 11.77 -7.06 -12.64
CA PHE A 530 11.63 -5.82 -13.37
C PHE A 530 12.99 -5.32 -13.87
N ARG A 531 13.05 -4.99 -15.16
CA ARG A 531 14.27 -4.47 -15.77
C ARG A 531 14.20 -2.94 -15.73
N LEU A 532 15.08 -2.33 -14.95
CA LEU A 532 15.06 -0.88 -14.80
C LEU A 532 16.37 -0.22 -15.21
N ASP A 533 16.46 0.22 -16.46
CA ASP A 533 17.64 0.91 -16.94
C ASP A 533 17.61 2.35 -16.45
N LEU A 534 17.93 2.54 -15.17
CA LEU A 534 17.94 3.86 -14.57
C LEU A 534 19.20 4.63 -14.96
N ASP A 535 19.04 5.93 -15.24
CA ASP A 535 20.16 6.80 -15.55
C ASP A 535 19.98 7.95 -14.57
N VAL A 536 20.47 7.76 -13.35
CA VAL A 536 20.33 8.76 -12.32
C VAL A 536 21.01 10.08 -12.66
N ASP A 537 20.21 11.02 -13.14
CA ASP A 537 20.69 12.33 -13.52
C ASP A 537 21.85 12.23 -14.51
N GLY A 538 21.91 11.10 -15.21
CA GLY A 538 22.97 10.89 -16.17
C GLY A 538 23.19 9.42 -16.44
N GLU A 539 23.96 9.12 -17.47
CA GLU A 539 24.30 7.75 -17.85
C GLU A 539 25.23 7.04 -16.86
N ASN A 540 26.33 7.70 -16.52
CA ASN A 540 27.32 7.11 -15.64
C ASN A 540 26.99 7.11 -14.15
N ASN A 541 26.78 5.91 -13.63
CA ASN A 541 26.42 5.74 -12.22
C ASN A 541 27.25 4.65 -11.54
N SER A 542 27.03 4.51 -10.22
CA SER A 542 27.71 3.51 -9.41
C SER A 542 26.72 2.96 -8.37
N LEU A 543 26.94 1.73 -7.93
CA LEU A 543 26.07 1.09 -6.96
C LEU A 543 26.69 1.23 -5.57
N VAL A 544 25.96 1.88 -4.67
CA VAL A 544 26.46 2.10 -3.32
C VAL A 544 25.59 1.45 -2.25
N ALA A 545 26.25 0.80 -1.30
CA ALA A 545 25.56 0.13 -0.21
C ALA A 545 25.70 0.96 1.06
N MET A 546 24.64 0.98 1.87
CA MET A 546 24.63 1.68 3.14
C MET A 546 23.92 0.78 4.14
N ASP A 547 24.70 0.09 4.97
CA ASP A 547 24.13 -0.82 5.95
C ASP A 547 24.06 -0.24 7.35
N PRO A 548 22.84 0.04 7.84
CA PRO A 548 22.71 0.60 9.19
C PRO A 548 23.28 -0.42 10.17
N VAL A 549 24.22 0.00 11.00
CA VAL A 549 24.81 -0.93 11.96
C VAL A 549 24.86 -0.32 13.34
N VAL A 550 24.98 -1.19 14.34
CA VAL A 550 25.08 -0.77 15.73
C VAL A 550 26.56 -0.91 16.11
N LYS A 551 27.17 0.20 16.50
CA LYS A 551 28.58 0.19 16.89
C LYS A 551 28.75 0.73 18.31
N PRO A 552 29.84 0.31 18.98
CA PRO A 552 30.15 0.74 20.34
C PRO A 552 30.36 2.26 20.39
N ASN A 553 29.88 2.89 21.45
CA ASN A 553 30.05 4.32 21.63
C ASN A 553 31.50 4.66 21.99
N THR A 554 32.12 5.57 21.25
CA THR A 554 33.50 5.98 21.52
C THR A 554 33.55 7.47 21.84
N ALA A 555 32.39 8.09 21.97
CA ALA A 555 32.32 9.51 22.24
C ALA A 555 32.18 9.82 23.73
N GLY A 556 31.93 8.80 24.54
CA GLY A 556 31.79 9.02 25.97
C GLY A 556 30.33 9.16 26.34
N GLY A 557 30.05 9.36 27.63
CA GLY A 557 28.67 9.48 28.06
C GLY A 557 28.08 8.12 28.39
N PRO A 558 26.86 8.06 28.94
CA PRO A 558 26.17 6.82 29.32
C PRO A 558 25.94 5.75 28.24
N ARG A 559 25.72 6.16 27.00
CA ARG A 559 25.47 5.20 25.92
C ARG A 559 26.62 4.22 25.68
N THR A 560 26.28 2.95 25.49
CA THR A 560 27.28 1.92 25.23
C THR A 560 27.36 1.69 23.71
N SER A 561 26.30 2.04 22.99
CA SER A 561 26.28 1.84 21.54
C SER A 561 25.69 3.04 20.79
N THR A 562 25.88 3.05 19.47
CA THR A 562 25.39 4.13 18.61
C THR A 562 24.87 3.55 17.30
N MET A 563 24.12 4.37 16.55
CA MET A 563 23.58 3.95 15.27
C MET A 563 24.39 4.61 14.16
N GLN A 564 25.18 3.80 13.46
CA GLN A 564 26.02 4.31 12.39
C GLN A 564 25.73 3.61 11.08
N VAL A 565 26.32 4.09 10.01
CA VAL A 565 26.13 3.48 8.71
C VAL A 565 27.43 2.96 8.13
N ASN A 566 27.34 1.77 7.54
CA ASN A 566 28.47 1.15 6.92
C ASN A 566 28.31 1.35 5.42
N GLN A 567 29.04 2.32 4.86
CA GLN A 567 28.95 2.59 3.44
C GLN A 567 30.13 2.08 2.62
N TYR A 568 29.82 1.53 1.45
CA TYR A 568 30.83 1.01 0.55
C TYR A 568 30.27 0.78 -0.85
N ASN A 569 31.14 0.90 -1.85
CA ASN A 569 30.74 0.69 -3.24
C ASN A 569 30.74 -0.79 -3.59
N ILE A 570 29.92 -1.15 -4.57
CA ILE A 570 29.83 -2.51 -5.07
C ILE A 570 30.27 -2.33 -6.52
N GLY A 571 31.52 -2.69 -6.81
CA GLY A 571 32.07 -2.47 -8.13
C GLY A 571 31.90 -3.43 -9.29
N ASN A 572 31.21 -4.55 -9.09
CA ASN A 572 31.05 -5.47 -10.20
C ASN A 572 29.73 -6.24 -10.18
N GLU A 573 29.43 -6.85 -11.32
CA GLU A 573 28.19 -7.59 -11.50
C GLU A 573 27.95 -8.74 -10.55
N GLN A 574 28.98 -9.53 -10.25
CA GLN A 574 28.80 -10.67 -9.36
C GLN A 574 28.44 -10.23 -7.96
N ASP A 575 29.06 -9.16 -7.47
CA ASP A 575 28.74 -8.67 -6.13
C ASP A 575 27.41 -7.93 -6.15
N ALA A 576 27.02 -7.41 -7.30
CA ALA A 576 25.75 -6.68 -7.41
C ALA A 576 24.58 -7.65 -7.35
N ALA A 577 24.82 -8.91 -7.72
CA ALA A 577 23.78 -9.94 -7.69
C ALA A 577 23.70 -10.39 -6.24
N GLN A 578 22.67 -9.95 -5.53
CA GLN A 578 22.56 -10.27 -4.11
C GLN A 578 21.16 -10.35 -3.53
N LYS A 579 21.07 -10.93 -2.33
CA LYS A 579 19.81 -11.01 -1.62
C LYS A 579 19.57 -9.58 -1.14
N PHE A 580 18.33 -9.22 -0.92
CA PHE A 580 18.06 -7.87 -0.44
C PHE A 580 17.58 -7.87 1.00
N ASP A 581 18.23 -7.07 1.83
CA ASP A 581 17.87 -6.94 3.23
C ASP A 581 17.06 -5.65 3.28
N PRO A 582 15.74 -5.73 3.50
CA PRO A 582 14.89 -4.54 3.56
C PRO A 582 15.30 -3.60 4.70
N GLY A 583 16.31 -4.02 5.46
CA GLY A 583 16.80 -3.23 6.57
C GLY A 583 18.04 -2.46 6.15
N THR A 584 18.53 -2.74 4.96
CA THR A 584 19.70 -2.04 4.45
C THR A 584 19.26 -1.08 3.36
N ILE A 585 20.22 -0.30 2.87
CA ILE A 585 19.94 0.67 1.83
C ILE A 585 20.85 0.40 0.63
N ARG A 586 20.29 0.54 -0.56
CA ARG A 586 21.02 0.32 -1.80
C ARG A 586 20.74 1.46 -2.74
N LEU A 587 21.80 2.17 -3.11
CA LEU A 587 21.65 3.33 -3.98
C LEU A 587 22.38 3.20 -5.29
N LEU A 588 21.79 3.78 -6.33
CA LEU A 588 22.44 3.85 -7.63
C LEU A 588 22.74 5.34 -7.64
N SER A 589 24.02 5.67 -7.47
CA SER A 589 24.44 7.06 -7.42
C SER A 589 25.12 7.55 -8.69
N ASN A 590 25.22 8.87 -8.81
CA ASN A 590 25.89 9.48 -9.94
C ASN A 590 27.10 10.18 -9.30
N PRO A 591 28.26 9.52 -9.29
CA PRO A 591 29.48 10.07 -8.71
C PRO A 591 29.98 11.35 -9.37
N ASN A 592 29.30 11.78 -10.43
CA ASN A 592 29.68 12.97 -11.17
C ASN A 592 28.83 14.19 -10.82
N LYS A 593 27.73 13.99 -10.09
CA LYS A 593 26.84 15.11 -9.72
C LYS A 593 26.39 15.00 -8.26
N GLU A 594 26.32 16.14 -7.58
CA GLU A 594 25.94 16.17 -6.17
C GLU A 594 24.82 17.17 -5.95
N ASN A 595 24.20 17.12 -4.77
CA ASN A 595 23.15 18.07 -4.45
C ASN A 595 23.79 19.23 -3.68
N ARG A 596 22.97 20.16 -3.24
CA ARG A 596 23.42 21.34 -2.51
C ARG A 596 24.28 21.07 -1.27
N MET A 597 24.16 19.88 -0.69
CA MET A 597 24.96 19.53 0.49
C MET A 597 26.20 18.69 0.19
N GLY A 598 26.50 18.48 -1.09
CA GLY A 598 27.68 17.70 -1.43
C GLY A 598 27.51 16.19 -1.48
N ASN A 599 26.26 15.72 -1.45
CA ASN A 599 26.01 14.29 -1.53
C ASN A 599 25.70 13.90 -2.98
N PRO A 600 26.15 12.71 -3.40
CA PRO A 600 25.91 12.21 -4.75
C PRO A 600 24.42 12.06 -5.01
N VAL A 601 23.92 12.64 -6.09
CA VAL A 601 22.51 12.52 -6.42
C VAL A 601 22.27 11.03 -6.64
N SER A 602 21.25 10.49 -5.98
CA SER A 602 20.99 9.06 -6.06
C SER A 602 19.53 8.64 -6.00
N TYR A 603 19.30 7.37 -6.26
CA TYR A 603 17.97 6.78 -6.17
C TYR A 603 18.08 5.51 -5.34
N GLN A 604 17.25 5.43 -4.32
CA GLN A 604 17.23 4.28 -3.43
C GLN A 604 16.46 3.17 -4.09
N ILE A 605 17.07 1.99 -4.17
CA ILE A 605 16.45 0.84 -4.80
C ILE A 605 15.89 -0.10 -3.73
N ILE A 606 14.57 -0.31 -3.76
CA ILE A 606 13.91 -1.18 -2.79
C ILE A 606 13.13 -2.30 -3.47
N PRO A 607 13.79 -3.45 -3.74
CA PRO A 607 13.18 -4.60 -4.39
C PRO A 607 11.99 -5.19 -3.63
N TYR A 608 11.97 -4.98 -2.31
CA TYR A 608 10.88 -5.50 -1.50
C TYR A 608 10.38 -4.44 -0.55
N ALA A 609 9.19 -3.90 -0.84
CA ALA A 609 8.60 -2.87 -0.01
C ALA A 609 7.28 -3.33 0.62
N GLY A 610 6.99 -4.62 0.51
CA GLY A 610 5.76 -5.14 1.08
C GLY A 610 5.02 -6.14 0.23
N GLY A 611 4.00 -6.77 0.83
CA GLY A 611 3.20 -7.76 0.12
C GLY A 611 2.16 -8.38 1.03
N THR A 612 1.06 -8.84 0.45
CA THR A 612 -0.04 -9.43 1.19
C THR A 612 0.01 -10.95 1.33
N HIS A 613 0.99 -11.57 0.68
CA HIS A 613 1.19 -13.01 0.73
C HIS A 613 2.59 -13.22 1.32
N PRO A 614 2.88 -14.42 1.83
CA PRO A 614 4.22 -14.66 2.40
C PRO A 614 5.26 -14.32 1.36
N VAL A 615 6.43 -13.87 1.80
CA VAL A 615 7.50 -13.49 0.88
C VAL A 615 8.39 -14.64 0.47
N ALA A 616 8.88 -14.57 -0.77
CA ALA A 616 9.80 -15.58 -1.29
C ALA A 616 11.20 -15.00 -1.11
N LYS A 617 11.96 -15.55 -0.17
CA LYS A 617 13.31 -15.07 0.08
C LYS A 617 14.25 -15.43 -1.06
N GLY A 618 13.88 -16.46 -1.80
CA GLY A 618 14.66 -16.90 -2.93
C GLY A 618 13.82 -17.94 -3.64
N ALA A 619 14.47 -18.88 -4.32
CA ALA A 619 13.74 -19.91 -5.03
C ALA A 619 13.55 -21.10 -4.09
N GLN A 620 12.32 -21.55 -3.94
CA GLN A 620 12.04 -22.71 -3.09
C GLN A 620 12.36 -23.98 -3.88
N PHE A 621 13.64 -24.14 -4.17
CA PHE A 621 14.14 -25.28 -4.92
C PHE A 621 15.57 -25.57 -4.48
N ALA A 622 15.93 -26.84 -4.44
CA ALA A 622 17.30 -27.20 -4.07
C ALA A 622 18.15 -26.72 -5.25
N PRO A 623 19.38 -26.26 -4.99
CA PRO A 623 20.25 -25.77 -6.05
C PRO A 623 20.59 -26.77 -7.16
N ASP A 624 20.10 -28.00 -7.04
CA ASP A 624 20.38 -29.00 -8.06
C ASP A 624 19.18 -29.25 -8.99
N GLU A 625 18.09 -28.54 -8.72
CA GLU A 625 16.88 -28.64 -9.54
C GLU A 625 17.17 -27.93 -10.85
N TRP A 626 16.70 -28.49 -11.97
CA TRP A 626 16.96 -27.86 -13.26
C TRP A 626 16.35 -26.48 -13.44
N ILE A 627 15.12 -26.29 -12.95
CA ILE A 627 14.50 -24.99 -13.09
C ILE A 627 15.38 -23.94 -12.40
N TYR A 628 15.98 -24.34 -11.28
CA TYR A 628 16.85 -23.46 -10.51
C TYR A 628 18.12 -23.12 -11.30
N HIS A 629 18.67 -24.10 -12.01
CA HIS A 629 19.86 -23.90 -12.81
C HIS A 629 19.58 -23.01 -14.01
N ARG A 630 18.40 -23.18 -14.60
CA ARG A 630 18.01 -22.42 -15.78
C ARG A 630 17.63 -20.99 -15.49
N LEU A 631 17.07 -20.75 -14.31
CA LEU A 631 16.61 -19.41 -13.96
C LEU A 631 17.23 -18.83 -12.69
N SER A 632 18.46 -18.34 -12.81
CA SER A 632 19.18 -17.74 -11.68
C SER A 632 18.48 -16.54 -11.03
N PHE A 633 17.76 -15.74 -11.82
CA PHE A 633 17.12 -14.55 -11.26
C PHE A 633 16.15 -14.78 -10.12
N MET A 634 15.66 -16.01 -9.98
CA MET A 634 14.70 -16.33 -8.93
C MET A 634 15.30 -16.27 -7.54
N ASP A 635 16.59 -16.56 -7.44
CA ASP A 635 17.27 -16.65 -6.16
C ASP A 635 17.96 -15.40 -5.63
N LYS A 636 17.77 -14.27 -6.29
CA LYS A 636 18.38 -13.01 -5.86
C LYS A 636 17.37 -11.89 -6.11
N GLN A 637 17.20 -10.99 -5.15
CA GLN A 637 16.27 -9.89 -5.30
C GLN A 637 16.85 -8.69 -6.07
N LEU A 638 18.17 -8.54 -6.06
CA LEU A 638 18.80 -7.42 -6.78
C LEU A 638 19.91 -7.84 -7.73
N TRP A 639 19.94 -7.22 -8.90
CA TRP A 639 20.96 -7.47 -9.92
C TRP A 639 21.26 -6.15 -10.59
N VAL A 640 22.51 -5.96 -10.97
CA VAL A 640 22.92 -4.74 -11.65
C VAL A 640 23.95 -5.14 -12.70
N THR A 641 23.62 -4.89 -13.96
CA THR A 641 24.51 -5.23 -15.05
C THR A 641 24.81 -4.00 -15.87
N ARG A 642 25.74 -4.14 -16.80
CA ARG A 642 26.12 -3.05 -17.69
C ARG A 642 25.09 -2.97 -18.81
N TYR A 643 24.66 -1.75 -19.15
CA TYR A 643 23.68 -1.57 -20.22
C TYR A 643 24.12 -2.23 -21.53
N HIS A 644 23.20 -3.01 -22.10
CA HIS A 644 23.41 -3.72 -23.37
C HIS A 644 22.00 -3.83 -24.00
N PRO A 645 21.84 -3.37 -25.25
CA PRO A 645 20.56 -3.39 -25.98
C PRO A 645 19.90 -4.76 -26.16
N GLY A 646 20.71 -5.82 -26.19
CA GLY A 646 20.18 -7.15 -26.38
C GLY A 646 19.97 -7.98 -25.13
N GLU A 647 20.12 -7.38 -23.95
CA GLU A 647 19.92 -8.12 -22.71
C GLU A 647 18.69 -7.51 -22.05
N ARG A 648 17.53 -8.12 -22.29
CA ARG A 648 16.30 -7.56 -21.75
C ARG A 648 15.43 -8.54 -20.96
N PHE A 649 15.80 -9.82 -20.93
CA PHE A 649 14.98 -10.81 -20.26
C PHE A 649 15.74 -11.59 -19.20
N PRO A 650 15.26 -11.55 -17.95
CA PRO A 650 15.89 -12.26 -16.84
C PRO A 650 16.00 -13.77 -17.07
N GLU A 651 15.00 -14.34 -17.74
CA GLU A 651 14.95 -15.78 -18.01
C GLU A 651 15.54 -16.14 -19.36
N GLY A 652 16.15 -15.16 -20.03
CA GLY A 652 16.74 -15.43 -21.33
C GLY A 652 15.76 -15.19 -22.47
N LYS A 653 16.31 -15.01 -23.67
CA LYS A 653 15.50 -14.75 -24.85
C LYS A 653 14.65 -15.94 -25.28
N TYR A 654 15.18 -17.16 -25.16
CA TYR A 654 14.45 -18.36 -25.56
C TYR A 654 14.42 -19.38 -24.42
N PRO A 655 13.63 -19.10 -23.36
CA PRO A 655 13.47 -19.93 -22.17
C PRO A 655 12.69 -21.24 -22.34
N ASN A 656 12.13 -21.50 -23.51
CA ASN A 656 11.36 -22.73 -23.68
C ASN A 656 12.28 -23.94 -23.82
N ARG A 657 12.21 -24.82 -22.83
CA ARG A 657 13.02 -26.03 -22.77
C ARG A 657 14.51 -25.71 -22.84
N SER A 658 14.89 -24.55 -22.29
CA SER A 658 16.28 -24.13 -22.28
C SER A 658 17.13 -25.09 -21.44
N THR A 659 18.40 -25.23 -21.79
CA THR A 659 19.31 -26.15 -21.11
C THR A 659 20.26 -25.46 -20.13
N HIS A 660 20.26 -24.14 -20.16
CA HIS A 660 21.12 -23.36 -19.27
C HIS A 660 20.62 -21.92 -19.21
N ASP A 661 21.14 -21.17 -18.24
CA ASP A 661 20.74 -19.79 -18.03
C ASP A 661 21.29 -18.83 -19.10
N THR A 662 20.39 -18.30 -19.93
CA THR A 662 20.77 -17.36 -20.98
C THR A 662 20.31 -15.95 -20.64
N GLY A 663 19.75 -15.79 -19.43
CA GLY A 663 19.28 -14.50 -18.98
C GLY A 663 20.27 -13.78 -18.08
N LEU A 664 19.84 -13.40 -16.87
CA LEU A 664 20.71 -12.70 -15.93
C LEU A 664 21.94 -13.51 -15.54
N GLY A 665 21.84 -14.84 -15.65
CA GLY A 665 22.98 -15.67 -15.32
C GLY A 665 24.08 -15.41 -16.33
N GLN A 666 23.68 -15.27 -17.58
CA GLN A 666 24.59 -15.01 -18.69
C GLN A 666 25.06 -13.56 -18.72
N TYR A 667 24.13 -12.63 -18.50
CA TYR A 667 24.46 -11.21 -18.54
C TYR A 667 25.50 -10.79 -17.49
N SER A 668 25.56 -11.52 -16.38
CA SER A 668 26.49 -11.20 -15.29
C SER A 668 27.63 -12.19 -15.19
N LYS A 669 27.60 -13.23 -16.03
CA LYS A 669 28.61 -14.27 -16.02
C LYS A 669 30.02 -13.66 -16.01
N ASP A 670 30.21 -12.70 -16.91
CA ASP A 670 31.44 -11.95 -17.11
C ASP A 670 31.97 -11.17 -15.90
N ASN A 671 31.09 -10.80 -14.98
CA ASN A 671 31.47 -10.05 -13.80
C ASN A 671 32.17 -8.73 -14.16
N GLU A 672 31.53 -7.94 -15.01
CA GLU A 672 32.13 -6.67 -15.42
C GLU A 672 32.02 -5.56 -14.38
N SER A 673 32.79 -4.51 -14.60
CA SER A 673 32.83 -3.35 -13.72
C SER A 673 31.54 -2.53 -13.75
N LEU A 674 31.10 -2.11 -12.56
CA LEU A 674 29.91 -1.28 -12.42
C LEU A 674 30.31 0.06 -11.84
N ASP A 675 31.57 0.45 -12.04
CA ASP A 675 32.03 1.73 -11.50
C ASP A 675 31.88 2.87 -12.48
N ASN A 676 31.07 3.86 -12.10
CA ASN A 676 30.85 5.04 -12.91
C ASN A 676 30.60 4.67 -14.38
N THR A 677 29.55 3.89 -14.61
CA THR A 677 29.23 3.47 -15.97
C THR A 677 27.70 3.30 -16.12
N ASP A 678 27.23 2.97 -17.32
CA ASP A 678 25.81 2.80 -17.56
C ASP A 678 25.28 1.49 -16.97
N ALA A 679 24.58 1.59 -15.84
CA ALA A 679 24.04 0.42 -15.17
C ALA A 679 22.57 0.15 -15.47
N VAL A 680 22.19 -1.11 -15.33
CA VAL A 680 20.81 -1.54 -15.52
C VAL A 680 20.46 -2.33 -14.27
N VAL A 681 19.43 -1.90 -13.57
CA VAL A 681 19.00 -2.56 -12.35
C VAL A 681 17.89 -3.56 -12.64
N TRP A 682 17.96 -4.74 -12.01
CA TRP A 682 16.92 -5.75 -12.17
C TRP A 682 16.41 -6.08 -10.77
N MET A 683 15.13 -5.88 -10.53
CA MET A 683 14.59 -6.21 -9.20
C MET A 683 13.73 -7.46 -9.26
N THR A 684 14.04 -8.42 -8.41
CA THR A 684 13.25 -9.64 -8.34
C THR A 684 12.51 -9.63 -7.02
N THR A 685 11.21 -9.83 -7.08
CA THR A 685 10.38 -9.85 -5.89
C THR A 685 9.37 -10.96 -6.09
N GLY A 686 9.24 -11.82 -5.10
CA GLY A 686 8.29 -12.92 -5.23
C GLY A 686 7.53 -13.27 -3.97
N THR A 687 6.58 -14.18 -4.11
CA THR A 687 5.79 -14.62 -2.98
C THR A 687 5.73 -16.15 -2.97
N THR A 688 5.54 -16.72 -1.80
CA THR A 688 5.40 -18.16 -1.68
C THR A 688 3.93 -18.31 -1.33
N HIS A 689 3.17 -18.91 -2.24
CA HIS A 689 1.74 -19.04 -2.04
C HIS A 689 1.24 -20.36 -1.49
N VAL A 690 0.78 -20.32 -0.25
CA VAL A 690 0.19 -21.48 0.40
C VAL A 690 -1.28 -21.07 0.44
N ALA A 691 -2.11 -21.84 -0.22
CA ALA A 691 -3.54 -21.54 -0.34
C ALA A 691 -4.41 -21.67 0.91
N ARG A 692 -5.60 -21.10 0.80
CA ARG A 692 -6.61 -21.12 1.86
C ARG A 692 -7.98 -21.09 1.18
N ALA A 693 -9.01 -21.50 1.92
CA ALA A 693 -10.37 -21.55 1.38
C ALA A 693 -10.90 -20.21 0.87
N GLU A 694 -10.46 -19.12 1.49
CA GLU A 694 -10.90 -17.79 1.08
C GLU A 694 -10.53 -17.44 -0.36
N GLU A 695 -9.65 -18.23 -0.98
CA GLU A 695 -9.20 -17.96 -2.35
C GLU A 695 -9.83 -18.88 -3.39
N TRP A 696 -10.93 -19.54 -3.04
CA TRP A 696 -11.57 -20.47 -3.97
C TRP A 696 -13.08 -20.25 -3.97
N PRO A 697 -13.73 -20.29 -5.15
CA PRO A 697 -13.29 -20.52 -6.53
C PRO A 697 -12.45 -19.45 -7.23
N ILE A 698 -12.47 -18.22 -6.70
CA ILE A 698 -11.68 -17.15 -7.33
C ILE A 698 -10.85 -16.43 -6.25
N MET A 699 -9.60 -16.12 -6.56
CA MET A 699 -8.71 -15.49 -5.57
C MET A 699 -8.72 -13.97 -5.50
N PRO A 700 -9.01 -13.41 -4.31
CA PRO A 700 -9.03 -11.96 -4.13
C PRO A 700 -7.62 -11.45 -4.40
N THR A 701 -7.51 -10.38 -5.18
CA THR A 701 -6.23 -9.80 -5.56
C THR A 701 -5.22 -9.65 -4.41
N GLU A 702 -4.02 -10.20 -4.60
CA GLU A 702 -2.94 -10.10 -3.61
C GLU A 702 -1.83 -9.25 -4.25
N TRP A 703 -1.28 -8.31 -3.49
CA TRP A 703 -0.25 -7.41 -4.04
C TRP A 703 1.14 -7.47 -3.43
N VAL A 704 2.12 -7.05 -4.21
CA VAL A 704 3.51 -6.94 -3.78
C VAL A 704 3.91 -5.55 -4.23
N HIS A 705 4.79 -4.90 -3.48
CA HIS A 705 5.19 -3.55 -3.78
C HIS A 705 6.69 -3.39 -3.87
N THR A 706 7.14 -2.51 -4.75
CA THR A 706 8.56 -2.23 -4.90
C THR A 706 8.65 -0.71 -4.92
N LEU A 707 9.84 -0.15 -4.70
CA LEU A 707 9.95 1.30 -4.67
C LEU A 707 11.32 1.81 -5.15
N LEU A 708 11.32 3.01 -5.74
CA LEU A 708 12.53 3.66 -6.23
C LEU A 708 12.38 5.08 -5.67
N LYS A 709 13.22 5.42 -4.70
CA LYS A 709 13.13 6.71 -4.05
C LYS A 709 14.32 7.61 -4.29
N PRO A 710 14.09 8.89 -4.59
CA PRO A 710 15.21 9.79 -4.83
C PRO A 710 15.94 9.95 -3.47
N TRP A 711 17.26 9.83 -3.48
CA TRP A 711 18.05 9.94 -2.27
C TRP A 711 19.10 11.03 -2.46
N ASN A 712 18.82 12.21 -1.93
CA ASN A 712 19.69 13.38 -2.06
C ASN A 712 19.82 13.76 -3.53
N PHE A 713 18.79 13.44 -4.30
CA PHE A 713 18.72 13.75 -5.72
C PHE A 713 18.35 15.22 -5.76
N PHE A 714 17.55 15.62 -4.79
CA PHE A 714 17.07 17.00 -4.65
C PHE A 714 17.79 17.66 -3.49
N ASP A 715 17.46 18.92 -3.23
CA ASP A 715 18.10 19.63 -2.12
C ASP A 715 17.13 19.88 -0.98
N GLU A 716 15.87 19.51 -1.17
CA GLU A 716 14.83 19.72 -0.15
C GLU A 716 13.55 19.01 -0.54
N THR A 717 12.54 19.10 0.32
CA THR A 717 11.23 18.51 0.06
C THR A 717 10.86 18.94 -1.36
N PRO A 718 10.76 17.98 -2.29
CA PRO A 718 10.44 18.21 -3.70
C PRO A 718 9.06 18.80 -4.00
N THR A 719 8.17 18.73 -3.03
CA THR A 719 6.81 19.22 -3.24
C THR A 719 6.45 20.56 -2.60
N LEU A 720 7.41 21.21 -1.94
CA LEU A 720 7.12 22.51 -1.34
C LEU A 720 6.69 23.50 -2.43
N GLY A 721 7.26 23.32 -3.61
CA GLY A 721 6.93 24.20 -4.72
C GLY A 721 8.07 25.15 -5.04
N ALA A 722 7.95 25.85 -6.16
CA ALA A 722 8.97 26.81 -6.57
C ALA A 722 8.92 28.05 -5.69
N LEU A 723 10.09 28.63 -5.44
CA LEU A 723 10.20 29.84 -4.63
C LEU A 723 9.66 31.06 -5.38
N LYS A 724 8.95 31.93 -4.67
CA LYS A 724 8.42 33.13 -5.29
C LYS A 724 9.54 34.10 -5.65
N HIS B 6 -34.50 36.88 9.46
CA HIS B 6 -33.52 37.61 8.60
C HIS B 6 -32.61 36.56 7.96
N MET B 7 -31.70 37.01 7.10
CA MET B 7 -30.82 36.07 6.43
C MET B 7 -29.34 36.36 6.58
N VAL B 8 -28.52 35.42 6.10
CA VAL B 8 -27.07 35.53 6.21
C VAL B 8 -26.40 35.05 4.93
N PRO B 9 -25.20 35.57 4.62
CA PRO B 9 -24.45 35.17 3.41
C PRO B 9 -24.20 33.66 3.40
N MET B 10 -24.49 33.02 2.27
CA MET B 10 -24.33 31.57 2.14
C MET B 10 -22.92 31.02 2.21
N ASP B 11 -21.99 31.55 1.42
CA ASP B 11 -20.60 31.08 1.45
C ASP B 11 -19.96 31.20 2.81
N LYS B 12 -19.81 32.43 3.27
CA LYS B 12 -19.19 32.69 4.56
C LYS B 12 -19.73 31.72 5.60
N THR B 13 -21.05 31.70 5.75
CA THR B 13 -21.68 30.83 6.74
C THR B 13 -21.41 29.35 6.53
N LEU B 14 -21.57 28.86 5.30
CA LEU B 14 -21.31 27.45 5.04
C LEU B 14 -19.86 27.07 5.31
N LYS B 15 -18.92 27.98 5.03
CA LYS B 15 -17.51 27.70 5.30
C LYS B 15 -17.31 27.58 6.80
N GLU B 16 -17.85 28.54 7.55
CA GLU B 16 -17.74 28.55 9.01
C GLU B 16 -18.20 27.18 9.49
N PHE B 17 -19.29 26.69 8.88
CA PHE B 17 -19.90 25.41 9.22
C PHE B 17 -19.02 24.23 8.85
N GLY B 18 -18.06 24.44 7.96
CA GLY B 18 -17.16 23.36 7.58
C GLY B 18 -17.62 22.58 6.35
N ALA B 19 -18.49 23.20 5.55
CA ALA B 19 -18.99 22.55 4.36
C ALA B 19 -18.27 23.07 3.11
N ASP B 20 -18.08 22.19 2.14
CA ASP B 20 -17.45 22.57 0.89
C ASP B 20 -18.57 23.19 0.04
N VAL B 21 -18.34 24.37 -0.52
CA VAL B 21 -19.36 25.03 -1.34
C VAL B 21 -18.95 25.16 -2.80
N GLN B 22 -19.70 24.53 -3.69
CA GLN B 22 -19.41 24.56 -5.13
C GLN B 22 -20.55 25.25 -5.90
N TRP B 23 -20.21 26.23 -6.73
CA TRP B 23 -21.20 26.94 -7.53
C TRP B 23 -21.00 26.63 -9.01
N ASP B 24 -22.07 26.17 -9.66
CA ASP B 24 -22.02 25.88 -11.08
C ASP B 24 -22.83 26.95 -11.80
N ASP B 25 -22.12 27.88 -12.43
CA ASP B 25 -22.74 28.98 -13.14
C ASP B 25 -23.64 28.56 -14.30
N TYR B 26 -23.24 27.50 -15.00
CA TYR B 26 -24.01 26.99 -16.14
C TYR B 26 -25.36 26.42 -15.68
N ALA B 27 -25.30 25.57 -14.66
CA ALA B 27 -26.50 24.94 -14.13
C ALA B 27 -27.24 25.76 -13.08
N GLN B 28 -26.66 26.90 -12.68
CA GLN B 28 -27.28 27.75 -11.66
C GLN B 28 -27.60 26.84 -10.47
N LEU B 29 -26.60 26.10 -10.03
CA LEU B 29 -26.77 25.14 -8.97
C LEU B 29 -25.63 25.11 -7.94
N PHE B 30 -25.99 25.04 -6.66
CA PHE B 30 -25.02 24.94 -5.58
C PHE B 30 -24.91 23.47 -5.18
N THR B 31 -23.69 23.02 -4.92
CA THR B 31 -23.49 21.66 -4.47
C THR B 31 -22.78 21.83 -3.14
N LEU B 32 -23.41 21.31 -2.09
CA LEU B 32 -22.87 21.45 -0.75
C LEU B 32 -22.53 20.08 -0.15
N ILE B 33 -21.31 19.95 0.37
CA ILE B 33 -20.89 18.68 0.95
C ILE B 33 -20.35 18.85 2.37
N LYS B 34 -20.83 18.01 3.26
CA LYS B 34 -20.41 18.04 4.66
C LYS B 34 -20.67 16.65 5.24
N ASP B 35 -19.59 15.90 5.44
CA ASP B 35 -19.67 14.56 5.98
C ASP B 35 -20.59 13.68 5.12
N GLY B 36 -21.57 13.01 5.74
CA GLY B 36 -22.47 12.15 4.99
C GLY B 36 -23.53 12.86 4.18
N ALA B 37 -23.51 14.20 4.22
CA ALA B 37 -24.49 15.00 3.49
C ALA B 37 -23.97 15.57 2.18
N TYR B 38 -24.67 15.21 1.10
CA TYR B 38 -24.35 15.67 -0.25
C TYR B 38 -25.62 16.40 -0.71
N VAL B 39 -25.52 17.72 -0.76
CA VAL B 39 -26.66 18.58 -1.07
C VAL B 39 -26.61 19.36 -2.36
N LYS B 40 -27.78 19.50 -2.99
CA LYS B 40 -27.91 20.29 -4.20
C LYS B 40 -29.08 21.24 -4.02
N VAL B 41 -28.83 22.52 -4.29
CA VAL B 41 -29.85 23.52 -4.15
C VAL B 41 -29.68 24.62 -5.18
N LYS B 42 -30.78 24.99 -5.82
CA LYS B 42 -30.82 26.03 -6.84
C LYS B 42 -31.40 27.29 -6.23
N PRO B 43 -30.86 28.46 -6.59
CA PRO B 43 -31.36 29.73 -6.07
C PRO B 43 -32.84 29.84 -6.42
N GLY B 44 -33.65 30.28 -5.46
CA GLY B 44 -35.08 30.42 -5.70
C GLY B 44 -35.91 29.15 -5.75
N ALA B 45 -35.32 27.99 -5.53
CA ALA B 45 -36.07 26.73 -5.57
C ALA B 45 -36.83 26.46 -4.27
N GLN B 46 -37.98 25.81 -4.39
CA GLN B 46 -38.81 25.47 -3.22
C GLN B 46 -38.17 24.36 -2.39
N THR B 47 -37.51 23.42 -3.07
CA THR B 47 -36.87 22.32 -2.38
C THR B 47 -35.40 22.24 -2.71
N ALA B 48 -34.68 21.45 -1.91
CA ALA B 48 -33.27 21.19 -2.09
C ALA B 48 -33.19 19.67 -2.15
N ILE B 49 -32.04 19.13 -2.51
CA ILE B 49 -31.90 17.68 -2.58
C ILE B 49 -30.81 17.28 -1.59
N VAL B 50 -31.13 16.30 -0.74
CA VAL B 50 -30.19 15.80 0.27
C VAL B 50 -30.09 14.30 0.10
N ASN B 51 -28.93 13.83 -0.35
CA ASN B 51 -28.71 12.41 -0.57
C ASN B 51 -29.79 11.83 -1.48
N GLY B 52 -30.06 12.53 -2.59
CA GLY B 52 -31.05 12.09 -3.56
C GLY B 52 -32.51 12.28 -3.17
N GLN B 53 -32.76 12.80 -1.98
CA GLN B 53 -34.12 13.01 -1.48
C GLN B 53 -34.52 14.49 -1.45
N PRO B 54 -35.76 14.80 -1.84
CA PRO B 54 -36.25 16.18 -1.86
C PRO B 54 -36.55 16.72 -0.47
N LEU B 55 -36.13 17.96 -0.23
CA LEU B 55 -36.37 18.62 1.05
C LEU B 55 -37.01 19.96 0.80
N ALA B 56 -38.17 20.20 1.42
CA ALA B 56 -38.86 21.47 1.26
C ALA B 56 -38.16 22.47 2.17
N LEU B 57 -37.78 23.62 1.62
CA LEU B 57 -37.11 24.65 2.39
C LEU B 57 -38.08 25.68 2.93
N GLN B 58 -37.84 26.14 4.15
CA GLN B 58 -38.71 27.16 4.74
C GLN B 58 -38.48 28.45 3.94
N VAL B 59 -37.22 28.77 3.73
CA VAL B 59 -36.82 29.96 2.97
C VAL B 59 -35.89 29.54 1.85
N PRO B 60 -36.25 29.84 0.60
CA PRO B 60 -35.41 29.48 -0.54
C PRO B 60 -34.10 30.27 -0.57
N VAL B 61 -33.10 29.74 -1.25
CA VAL B 61 -31.83 30.46 -1.35
C VAL B 61 -32.09 31.68 -2.23
N VAL B 62 -31.64 32.84 -1.75
CA VAL B 62 -31.82 34.09 -2.47
C VAL B 62 -30.52 34.61 -3.04
N MET B 63 -30.55 34.95 -4.32
CA MET B 63 -29.37 35.47 -5.01
C MET B 63 -29.52 36.98 -5.13
N LYS B 64 -28.57 37.73 -4.56
CA LYS B 64 -28.62 39.19 -4.63
C LYS B 64 -27.31 39.79 -5.11
N ASP B 65 -27.34 40.44 -6.26
CA ASP B 65 -26.16 41.07 -6.84
C ASP B 65 -25.00 40.08 -6.86
N ASN B 66 -25.28 38.88 -7.37
CA ASN B 66 -24.31 37.80 -7.47
C ASN B 66 -23.87 37.18 -6.14
N LYS B 67 -24.59 37.51 -5.07
CA LYS B 67 -24.29 36.93 -3.75
C LYS B 67 -25.48 36.15 -3.24
N ALA B 68 -25.25 34.90 -2.84
CA ALA B 68 -26.32 34.06 -2.34
C ALA B 68 -26.53 34.30 -0.85
N TRP B 69 -27.79 34.22 -0.42
CA TRP B 69 -28.14 34.40 1.00
C TRP B 69 -29.11 33.31 1.43
N VAL B 70 -28.98 32.85 2.66
CA VAL B 70 -29.88 31.83 3.17
C VAL B 70 -30.48 32.19 4.52
N SER B 71 -31.51 31.44 4.89
CA SER B 71 -32.18 31.61 6.16
C SER B 71 -31.21 31.22 7.26
N ASP B 72 -31.36 31.84 8.43
CA ASP B 72 -30.49 31.53 9.55
C ASP B 72 -30.80 30.12 10.08
N THR B 73 -31.79 29.48 9.49
CA THR B 73 -32.17 28.13 9.89
C THR B 73 -31.82 27.12 8.80
N PHE B 74 -31.33 27.61 7.66
CA PHE B 74 -30.98 26.75 6.54
C PHE B 74 -30.02 25.62 6.92
N ILE B 75 -28.95 25.96 7.64
CA ILE B 75 -27.99 24.94 8.04
C ILE B 75 -28.61 23.82 8.89
N ASN B 76 -29.43 24.18 9.86
CA ASN B 76 -30.07 23.17 10.69
C ASN B 76 -31.13 22.38 9.95
N ASP B 77 -32.00 23.07 9.20
CA ASP B 77 -33.06 22.37 8.46
C ASP B 77 -32.55 21.37 7.43
N VAL B 78 -31.48 21.75 6.73
CA VAL B 78 -30.91 20.90 5.70
C VAL B 78 -29.99 19.80 6.22
N PHE B 79 -28.93 20.19 6.92
CA PHE B 79 -27.97 19.24 7.43
C PHE B 79 -28.39 18.34 8.58
N GLN B 80 -29.47 18.69 9.28
CA GLN B 80 -29.96 17.84 10.36
C GLN B 80 -31.35 17.34 10.01
N SER B 81 -31.69 17.38 8.72
CA SER B 81 -33.01 16.96 8.25
C SER B 81 -33.42 15.52 8.55
N GLY B 82 -32.47 14.60 8.40
CA GLY B 82 -32.77 13.19 8.61
C GLY B 82 -32.66 12.44 7.31
N LEU B 83 -32.62 13.18 6.19
CA LEU B 83 -32.48 12.56 4.88
C LEU B 83 -31.04 12.02 4.77
N ASP B 84 -30.19 12.48 5.69
CA ASP B 84 -28.82 12.00 5.77
C ASP B 84 -28.93 11.00 6.91
N GLN B 85 -28.88 9.72 6.55
CA GLN B 85 -29.04 8.66 7.53
C GLN B 85 -27.73 8.11 8.06
N THR B 86 -26.64 8.78 7.73
CA THR B 86 -25.32 8.35 8.16
C THR B 86 -25.27 8.10 9.68
N PHE B 87 -25.79 9.03 10.45
CA PHE B 87 -25.84 8.92 11.90
C PHE B 87 -27.25 8.58 12.41
N GLN B 88 -27.33 7.56 13.27
CA GLN B 88 -28.59 7.16 13.87
C GLN B 88 -28.42 7.20 15.38
N VAL B 89 -29.51 7.49 16.11
CA VAL B 89 -29.43 7.57 17.55
C VAL B 89 -29.39 6.20 18.22
N GLU B 90 -28.47 6.05 19.17
CA GLU B 90 -28.32 4.81 19.91
C GLU B 90 -29.44 4.73 20.93
N LYS B 91 -30.25 3.68 20.83
CA LYS B 91 -31.37 3.51 21.75
C LYS B 91 -30.96 2.88 23.09
N ARG B 92 -29.97 2.00 23.06
CA ARG B 92 -29.51 1.35 24.27
C ARG B 92 -27.99 1.56 24.33
N PRO B 93 -27.51 2.42 25.25
CA PRO B 93 -26.09 2.73 25.44
C PRO B 93 -25.14 1.55 25.51
N HIS B 94 -24.16 1.55 24.61
CA HIS B 94 -23.17 0.48 24.56
C HIS B 94 -22.29 0.56 25.80
N PRO B 95 -22.05 -0.59 26.46
CA PRO B 95 -21.23 -0.65 27.67
C PRO B 95 -19.80 -0.12 27.51
N LEU B 96 -19.31 -0.05 26.28
CA LEU B 96 -17.96 0.44 26.04
C LEU B 96 -17.88 1.92 25.68
N ASN B 97 -19.02 2.61 25.67
CA ASN B 97 -19.01 4.04 25.37
C ASN B 97 -18.07 4.77 26.33
N ALA B 98 -17.23 5.64 25.77
CA ALA B 98 -16.29 6.41 26.58
C ALA B 98 -17.07 7.24 27.59
N LEU B 99 -16.40 7.72 28.63
CA LEU B 99 -17.06 8.54 29.63
C LEU B 99 -17.61 9.79 28.95
N THR B 100 -18.82 10.20 29.33
CA THR B 100 -19.40 11.40 28.73
C THR B 100 -18.79 12.62 29.41
N ALA B 101 -19.16 13.80 28.97
CA ALA B 101 -18.63 15.02 29.57
C ALA B 101 -19.07 15.01 31.02
N ASP B 102 -20.37 14.78 31.23
CA ASP B 102 -20.93 14.75 32.56
C ASP B 102 -20.26 13.71 33.45
N GLU B 103 -20.10 12.49 32.96
CA GLU B 103 -19.45 11.46 33.76
C GLU B 103 -18.05 11.91 34.13
N ILE B 104 -17.34 12.52 33.17
CA ILE B 104 -16.00 13.02 33.44
C ILE B 104 -16.06 13.98 34.62
N LYS B 105 -17.02 14.90 34.57
CA LYS B 105 -17.17 15.86 35.65
C LYS B 105 -17.61 15.21 36.95
N GLN B 106 -18.42 14.16 36.86
CA GLN B 106 -18.89 13.45 38.04
C GLN B 106 -17.71 12.77 38.74
N ALA B 107 -16.88 12.09 37.96
CA ALA B 107 -15.70 11.40 38.49
C ALA B 107 -14.80 12.38 39.21
N VAL B 108 -14.64 13.57 38.65
CA VAL B 108 -13.80 14.59 39.24
C VAL B 108 -14.36 15.11 40.56
N GLU B 109 -15.68 15.24 40.64
CA GLU B 109 -16.31 15.74 41.86
C GLU B 109 -16.17 14.68 42.96
N ILE B 110 -16.27 13.42 42.58
CA ILE B 110 -16.15 12.34 43.56
C ILE B 110 -14.77 12.27 44.21
N VAL B 111 -13.70 12.44 43.44
CA VAL B 111 -12.37 12.40 44.02
C VAL B 111 -12.08 13.68 44.78
N LYS B 112 -12.72 14.78 44.37
CA LYS B 112 -12.52 16.05 45.06
C LYS B 112 -13.33 16.05 46.36
N ALA B 113 -14.13 15.01 46.55
CA ALA B 113 -14.94 14.88 47.76
C ALA B 113 -14.13 14.11 48.79
N SER B 114 -13.02 13.52 48.35
CA SER B 114 -12.14 12.77 49.23
C SER B 114 -11.34 13.76 50.07
N ALA B 115 -11.10 13.40 51.32
CA ALA B 115 -10.35 14.26 52.23
C ALA B 115 -8.90 14.44 51.79
N ASP B 116 -8.41 13.51 50.97
CA ASP B 116 -7.03 13.57 50.52
C ASP B 116 -6.74 14.38 49.25
N PHE B 117 -7.77 14.75 48.51
CA PHE B 117 -7.55 15.50 47.28
C PHE B 117 -6.74 16.77 47.54
N LYS B 118 -5.87 17.11 46.59
CA LYS B 118 -5.01 18.28 46.68
C LYS B 118 -5.30 19.25 45.53
N PRO B 119 -5.02 20.55 45.75
CA PRO B 119 -5.21 21.66 44.81
C PRO B 119 -4.49 21.52 43.47
N ASN B 120 -3.19 21.31 43.54
CA ASN B 120 -2.39 21.18 42.34
C ASN B 120 -2.58 19.81 41.71
N THR B 121 -3.47 19.00 42.27
CA THR B 121 -3.70 17.66 41.73
C THR B 121 -4.23 17.68 40.29
N ARG B 122 -3.44 17.13 39.38
CA ARG B 122 -3.79 17.06 37.97
C ARG B 122 -4.23 15.64 37.62
N PHE B 123 -4.85 15.47 36.45
CA PHE B 123 -5.30 14.16 36.04
C PHE B 123 -4.57 13.67 34.78
N THR B 124 -3.84 12.58 34.92
CA THR B 124 -3.11 12.00 33.78
C THR B 124 -4.07 11.22 32.91
N GLU B 125 -5.06 10.60 33.53
CA GLU B 125 -6.05 9.83 32.77
C GLU B 125 -7.33 9.55 33.56
N ILE B 126 -8.45 9.89 32.95
CA ILE B 126 -9.77 9.67 33.52
C ILE B 126 -10.47 8.88 32.42
N SER B 127 -10.54 7.57 32.60
CA SER B 127 -11.15 6.72 31.58
C SER B 127 -12.06 5.65 32.15
N LEU B 128 -12.98 5.18 31.30
CA LEU B 128 -13.90 4.14 31.69
C LEU B 128 -13.14 2.95 32.22
N LEU B 129 -13.68 2.32 33.26
CA LEU B 129 -13.08 1.12 33.81
C LEU B 129 -13.83 0.02 33.07
N PRO B 130 -13.12 -0.75 32.24
CA PRO B 130 -13.67 -1.85 31.42
C PRO B 130 -14.47 -2.92 32.15
N PRO B 131 -15.74 -3.10 31.75
CA PRO B 131 -16.62 -4.11 32.35
C PRO B 131 -16.00 -5.46 32.01
N ASP B 132 -16.50 -6.56 32.55
CA ASP B 132 -15.87 -7.82 32.20
C ASP B 132 -16.18 -8.16 30.75
N LYS B 133 -15.14 -8.57 30.05
CA LYS B 133 -15.19 -8.94 28.64
C LYS B 133 -16.43 -9.76 28.28
N GLU B 134 -16.73 -10.77 29.09
CA GLU B 134 -17.87 -11.65 28.82
C GLU B 134 -19.22 -10.93 28.74
N ALA B 135 -19.46 -9.99 29.65
CA ALA B 135 -20.72 -9.27 29.64
C ALA B 135 -20.83 -8.43 28.38
N VAL B 136 -19.77 -7.68 28.08
CA VAL B 136 -19.74 -6.83 26.89
C VAL B 136 -20.01 -7.64 25.61
N TRP B 137 -19.42 -8.83 25.50
CA TRP B 137 -19.65 -9.69 24.34
C TRP B 137 -21.11 -10.17 24.32
N ALA B 138 -21.66 -10.45 25.50
CA ALA B 138 -23.05 -10.90 25.59
C ALA B 138 -23.97 -9.79 25.11
N PHE B 139 -23.62 -8.55 25.41
CA PHE B 139 -24.42 -7.41 24.99
C PHE B 139 -24.34 -7.24 23.47
N ALA B 140 -23.14 -7.29 22.92
CA ALA B 140 -22.94 -7.11 21.49
C ALA B 140 -23.55 -8.23 20.65
N LEU B 141 -23.50 -9.45 21.15
CA LEU B 141 -24.02 -10.60 20.41
C LEU B 141 -25.43 -11.02 20.80
N GLU B 142 -25.70 -11.08 22.09
CA GLU B 142 -27.00 -11.51 22.60
C GLU B 142 -27.87 -10.35 23.06
N ASN B 143 -27.30 -9.16 23.12
CA ASN B 143 -28.04 -7.96 23.52
C ASN B 143 -28.41 -8.01 25.01
N LYS B 144 -27.65 -8.79 25.78
CA LYS B 144 -27.90 -8.88 27.22
C LYS B 144 -27.32 -7.66 27.93
N PRO B 145 -28.12 -7.01 28.80
CA PRO B 145 -27.70 -5.83 29.54
C PRO B 145 -26.55 -6.10 30.50
N VAL B 146 -25.66 -5.12 30.63
CA VAL B 146 -24.53 -5.22 31.54
C VAL B 146 -25.02 -4.66 32.86
N ASP B 147 -25.35 -5.55 33.79
CA ASP B 147 -25.86 -5.14 35.10
C ASP B 147 -24.77 -4.80 36.10
N GLN B 148 -23.59 -4.49 35.59
CA GLN B 148 -22.45 -4.11 36.42
C GLN B 148 -22.39 -2.58 36.32
N PRO B 149 -22.14 -1.89 37.45
CA PRO B 149 -22.08 -0.43 37.52
C PRO B 149 -20.99 0.26 36.68
N ARG B 150 -21.34 1.39 36.07
CA ARG B 150 -20.41 2.18 35.27
C ARG B 150 -19.35 2.72 36.22
N LYS B 151 -18.11 2.28 36.05
CA LYS B 151 -17.02 2.76 36.89
C LYS B 151 -15.99 3.50 36.04
N ALA B 152 -15.14 4.30 36.68
CA ALA B 152 -14.14 5.05 35.96
C ALA B 152 -12.78 5.12 36.67
N ASP B 153 -11.72 4.84 35.93
CA ASP B 153 -10.38 4.93 36.48
C ASP B 153 -9.96 6.39 36.47
N VAL B 154 -9.44 6.85 37.60
CA VAL B 154 -8.99 8.23 37.72
C VAL B 154 -7.55 8.22 38.25
N ILE B 155 -6.62 8.39 37.33
CA ILE B 155 -5.20 8.40 37.69
C ILE B 155 -4.82 9.85 37.87
N MET B 156 -4.39 10.18 39.07
CA MET B 156 -4.02 11.54 39.42
C MET B 156 -2.54 11.72 39.68
N LEU B 157 -2.07 12.96 39.51
CA LEU B 157 -0.69 13.30 39.76
C LEU B 157 -0.69 14.38 40.84
N ASP B 158 -0.33 13.98 42.06
CA ASP B 158 -0.28 14.91 43.19
C ASP B 158 1.16 15.37 43.33
N GLY B 159 1.50 16.46 42.64
CA GLY B 159 2.85 16.95 42.66
C GLY B 159 3.57 15.98 41.73
N LYS B 160 4.34 15.06 42.30
CA LYS B 160 5.04 14.08 41.47
C LYS B 160 4.61 12.66 41.83
N HIS B 161 3.61 12.54 42.71
CA HIS B 161 3.13 11.22 43.13
C HIS B 161 1.88 10.77 42.40
N ILE B 162 1.88 9.52 41.97
CA ILE B 162 0.74 8.95 41.26
C ILE B 162 -0.23 8.28 42.23
N ILE B 163 -1.52 8.56 42.06
CA ILE B 163 -2.56 7.99 42.89
C ILE B 163 -3.64 7.40 42.00
N GLU B 164 -3.94 6.13 42.15
CA GLU B 164 -4.97 5.48 41.35
C GLU B 164 -6.29 5.41 42.12
N ALA B 165 -7.32 6.07 41.62
CA ALA B 165 -8.63 6.05 42.26
C ALA B 165 -9.68 5.46 41.33
N VAL B 166 -10.67 4.80 41.92
CA VAL B 166 -11.76 4.20 41.15
C VAL B 166 -13.07 4.75 41.69
N VAL B 167 -13.86 5.39 40.83
CA VAL B 167 -15.14 5.96 41.24
C VAL B 167 -16.30 5.15 40.66
N ASP B 168 -17.37 5.03 41.44
CA ASP B 168 -18.56 4.31 40.98
C ASP B 168 -19.53 5.37 40.47
N LEU B 169 -19.62 5.51 39.16
CA LEU B 169 -20.51 6.52 38.57
C LEU B 169 -21.98 6.21 38.75
N GLN B 170 -22.34 4.93 38.75
CA GLN B 170 -23.74 4.56 38.91
C GLN B 170 -24.25 4.96 40.30
N ASN B 171 -23.40 4.79 41.31
CA ASN B 171 -23.79 5.11 42.68
C ASN B 171 -23.10 6.34 43.26
N ASN B 172 -22.44 7.12 42.39
CA ASN B 172 -21.75 8.34 42.81
C ASN B 172 -20.95 8.15 44.10
N LYS B 173 -20.01 7.22 44.10
CA LYS B 173 -19.20 6.96 45.29
C LYS B 173 -17.79 6.46 44.97
N LEU B 174 -16.85 6.80 45.83
CA LEU B 174 -15.46 6.39 45.67
C LEU B 174 -15.27 4.93 46.10
N LEU B 175 -14.63 4.14 45.25
CA LEU B 175 -14.40 2.74 45.57
C LEU B 175 -12.98 2.44 46.04
N SER B 176 -12.01 3.21 45.59
CA SER B 176 -10.62 3.01 46.01
C SER B 176 -9.72 4.19 45.70
N TRP B 177 -8.69 4.33 46.52
CA TRP B 177 -7.70 5.42 46.41
C TRP B 177 -6.35 4.83 46.81
N GLN B 178 -5.59 4.38 45.81
CA GLN B 178 -4.30 3.73 46.06
C GLN B 178 -3.07 4.42 45.48
N PRO B 179 -2.18 4.93 46.34
CA PRO B 179 -0.96 5.60 45.90
C PRO B 179 -0.03 4.56 45.25
N ILE B 180 0.71 4.96 44.23
CA ILE B 180 1.61 4.05 43.54
C ILE B 180 3.05 4.52 43.73
N LYS B 181 3.77 3.83 44.61
CA LYS B 181 5.16 4.17 44.90
C LYS B 181 6.14 3.91 43.78
N ASP B 182 7.17 4.75 43.71
CA ASP B 182 8.23 4.65 42.70
C ASP B 182 7.75 4.87 41.27
N ALA B 183 6.50 5.28 41.12
CA ALA B 183 5.96 5.52 39.78
C ALA B 183 5.96 7.01 39.47
N HIS B 184 6.44 7.36 38.27
CA HIS B 184 6.44 8.74 37.83
C HIS B 184 5.24 8.93 36.92
N GLY B 185 4.69 10.13 36.89
CA GLY B 185 3.56 10.40 36.03
C GLY B 185 4.03 10.88 34.68
N MET B 186 3.16 10.77 33.68
CA MET B 186 3.47 11.20 32.31
C MET B 186 3.65 12.73 32.26
N VAL B 187 4.09 13.25 31.11
CA VAL B 187 4.26 14.69 30.96
C VAL B 187 2.89 15.32 30.70
N LEU B 188 2.57 16.40 31.41
CA LEU B 188 1.29 17.05 31.22
C LEU B 188 1.43 18.39 30.53
N LEU B 189 0.34 18.84 29.91
CA LEU B 189 0.31 20.08 29.16
C LEU B 189 0.93 21.30 29.86
N ASP B 190 0.68 21.46 31.15
CA ASP B 190 1.23 22.61 31.85
C ASP B 190 2.73 22.52 32.10
N ASP B 191 3.30 21.33 31.92
CA ASP B 191 4.74 21.17 32.11
C ASP B 191 5.47 21.88 30.97
N PHE B 192 4.82 21.95 29.82
CA PHE B 192 5.42 22.63 28.67
C PHE B 192 5.63 24.09 29.00
N ALA B 193 4.57 24.75 29.44
CA ALA B 193 4.64 26.17 29.78
C ALA B 193 5.60 26.38 30.96
N SER B 194 5.55 25.47 31.92
CA SER B 194 6.40 25.55 33.09
C SER B 194 7.88 25.59 32.70
N VAL B 195 8.29 24.69 31.80
CA VAL B 195 9.67 24.63 31.32
C VAL B 195 10.14 25.92 30.64
N GLN B 196 9.36 26.40 29.68
CA GLN B 196 9.67 27.61 28.94
C GLN B 196 9.82 28.78 29.92
N ASN B 197 8.95 28.82 30.92
CA ASN B 197 8.96 29.89 31.91
C ASN B 197 10.19 29.84 32.81
N ILE B 198 10.56 28.63 33.23
CA ILE B 198 11.72 28.45 34.09
C ILE B 198 12.99 28.87 33.36
N ILE B 199 13.08 28.54 32.08
CA ILE B 199 14.24 28.92 31.28
C ILE B 199 14.29 30.44 31.08
N ASN B 200 13.13 31.08 30.97
CA ASN B 200 13.07 32.52 30.78
C ASN B 200 13.51 33.25 32.04
N ASN B 201 13.23 32.67 33.20
CA ASN B 201 13.58 33.26 34.49
C ASN B 201 14.95 32.81 35.00
N SER B 202 15.63 31.98 34.21
CA SER B 202 16.95 31.48 34.59
C SER B 202 18.06 32.42 34.16
N GLU B 203 18.64 33.11 35.13
CA GLU B 203 19.73 34.05 34.86
C GLU B 203 20.93 33.34 34.24
N GLU B 204 21.20 32.12 34.71
CA GLU B 204 22.31 31.33 34.20
C GLU B 204 22.09 30.88 32.77
N PHE B 205 20.94 30.28 32.52
CA PHE B 205 20.63 29.80 31.19
C PHE B 205 20.72 30.93 30.17
N ALA B 206 20.31 32.13 30.59
CA ALA B 206 20.36 33.29 29.72
C ALA B 206 21.84 33.60 29.41
N ALA B 207 22.69 33.31 30.39
CA ALA B 207 24.11 33.54 30.23
C ALA B 207 24.69 32.47 29.31
N ALA B 208 24.28 31.22 29.52
CA ALA B 208 24.75 30.11 28.70
C ALA B 208 24.37 30.33 27.24
N VAL B 209 23.15 30.81 27.03
CA VAL B 209 22.63 31.08 25.69
C VAL B 209 23.36 32.21 24.99
N LYS B 210 23.61 33.29 25.73
CA LYS B 210 24.29 34.45 25.18
C LYS B 210 25.66 34.10 24.62
N LYS B 211 26.44 33.35 25.37
CA LYS B 211 27.78 32.96 24.93
C LYS B 211 27.75 32.03 23.72
N ARG B 212 26.55 31.55 23.38
CA ARG B 212 26.40 30.68 22.22
C ARG B 212 25.85 31.43 21.02
N GLY B 213 26.12 32.74 20.97
CA GLY B 213 25.68 33.56 19.86
C GLY B 213 24.28 34.14 19.86
N ILE B 214 23.44 33.76 20.82
CA ILE B 214 22.07 34.28 20.85
C ILE B 214 22.04 35.63 21.56
N THR B 215 21.43 36.63 20.91
CA THR B 215 21.34 37.97 21.49
C THR B 215 20.08 38.21 22.31
N ASP B 216 18.92 37.88 21.74
CA ASP B 216 17.64 38.06 22.44
C ASP B 216 17.16 36.72 22.96
N ALA B 217 17.30 36.51 24.27
CA ALA B 217 16.89 35.26 24.90
C ALA B 217 15.38 35.03 24.88
N LYS B 218 14.62 36.07 24.56
CA LYS B 218 13.17 35.95 24.50
C LYS B 218 12.75 35.12 23.30
N LYS B 219 13.67 34.93 22.35
CA LYS B 219 13.37 34.17 21.15
C LYS B 219 13.79 32.70 21.26
N VAL B 220 14.07 32.25 22.47
CA VAL B 220 14.47 30.88 22.68
C VAL B 220 13.26 29.99 22.96
N ILE B 221 13.07 28.98 22.12
CA ILE B 221 11.96 28.04 22.28
C ILE B 221 12.48 26.74 22.91
N THR B 222 11.88 26.34 24.01
CA THR B 222 12.29 25.12 24.69
C THR B 222 11.37 23.95 24.31
N THR B 223 11.80 22.75 24.66
CA THR B 223 11.02 21.53 24.41
C THR B 223 11.21 20.64 25.62
N PRO B 224 10.12 20.03 26.13
CA PRO B 224 10.12 19.13 27.29
C PRO B 224 10.38 17.67 26.91
N LEU B 225 11.52 17.13 27.29
CA LEU B 225 11.85 15.74 26.95
C LEU B 225 12.05 14.92 28.22
N THR B 226 11.57 13.68 28.21
CA THR B 226 11.74 12.80 29.36
C THR B 226 13.22 12.37 29.38
N VAL B 227 13.74 12.05 30.56
CA VAL B 227 15.15 11.67 30.68
C VAL B 227 15.46 10.18 30.67
N GLY B 228 14.43 9.34 30.75
CA GLY B 228 14.66 7.90 30.74
C GLY B 228 15.31 7.46 32.04
N TYR B 229 16.03 6.35 32.00
CA TYR B 229 16.71 5.81 33.19
C TYR B 229 18.09 5.29 32.82
N PHE B 230 19.09 5.65 33.63
CA PHE B 230 20.46 5.24 33.38
C PHE B 230 21.21 4.74 34.62
N ASP B 231 20.50 4.10 35.54
CA ASP B 231 21.11 3.57 36.76
C ASP B 231 21.96 4.60 37.49
N GLY B 232 21.80 5.87 37.14
CA GLY B 232 22.57 6.92 37.78
C GLY B 232 23.68 7.55 36.96
N LYS B 233 24.10 6.87 35.89
CA LYS B 233 25.16 7.40 35.04
C LYS B 233 24.88 8.79 34.48
N ASP B 234 23.60 9.15 34.38
CA ASP B 234 23.24 10.47 33.89
C ASP B 234 23.26 11.45 35.05
N GLY B 235 23.72 10.95 36.20
CA GLY B 235 23.82 11.78 37.39
C GLY B 235 22.51 12.44 37.77
N LEU B 236 21.41 11.72 37.63
CA LEU B 236 20.11 12.28 37.95
C LEU B 236 19.35 11.47 39.01
N LYS B 237 18.98 12.15 40.09
CA LYS B 237 18.25 11.56 41.20
C LYS B 237 16.96 10.90 40.68
N GLN B 238 16.81 9.61 40.95
CA GLN B 238 15.64 8.87 40.49
C GLN B 238 14.32 9.32 41.09
N ASP B 239 14.38 9.81 42.32
CA ASP B 239 13.19 10.25 43.05
C ASP B 239 12.50 11.52 42.51
N ALA B 240 13.27 12.47 42.00
CA ALA B 240 12.72 13.73 41.49
C ALA B 240 12.02 13.65 40.14
N ARG B 241 11.00 14.48 39.96
CA ARG B 241 10.26 14.55 38.70
C ARG B 241 11.01 15.54 37.80
N LEU B 242 11.78 15.01 36.86
CA LEU B 242 12.59 15.84 35.98
C LEU B 242 12.25 15.79 34.50
N LEU B 243 12.85 16.71 33.76
CA LEU B 243 12.70 16.83 32.31
C LEU B 243 13.92 17.56 31.76
N LYS B 244 14.41 17.12 30.59
CA LYS B 244 15.54 17.79 29.97
C LYS B 244 15.03 18.76 28.93
N VAL B 245 15.74 19.87 28.79
CA VAL B 245 15.31 20.90 27.87
C VAL B 245 16.28 21.10 26.72
N ILE B 246 15.76 20.95 25.51
CA ILE B 246 16.53 21.13 24.29
C ILE B 246 16.00 22.43 23.69
N SER B 247 16.91 23.32 23.31
CA SER B 247 16.50 24.61 22.81
C SER B 247 16.72 24.91 21.34
N TYR B 248 15.91 25.83 20.85
CA TYR B 248 15.94 26.26 19.47
C TYR B 248 15.76 27.77 19.46
N LEU B 249 16.14 28.41 18.37
CA LEU B 249 16.01 29.85 18.23
C LEU B 249 14.86 30.18 17.27
N ASP B 250 14.02 31.14 17.66
CA ASP B 250 12.90 31.54 16.81
C ASP B 250 13.44 32.61 15.87
N VAL B 251 13.48 32.29 14.58
CA VAL B 251 13.98 33.22 13.58
C VAL B 251 12.82 33.89 12.83
N GLY B 252 11.60 33.50 13.17
CA GLY B 252 10.43 34.08 12.54
C GLY B 252 9.92 33.38 11.29
N ASP B 253 10.53 32.25 10.92
CA ASP B 253 10.11 31.52 9.74
C ASP B 253 9.03 30.49 10.05
N GLY B 254 8.52 30.53 11.28
CA GLY B 254 7.48 29.62 11.69
C GLY B 254 7.97 28.20 11.94
N ASN B 255 9.29 28.00 11.85
CA ASN B 255 9.87 26.67 12.06
C ASN B 255 11.16 26.72 12.87
N TYR B 256 11.01 26.81 14.19
CA TYR B 256 12.15 26.86 15.08
C TYR B 256 12.98 25.58 15.08
N TRP B 257 12.38 24.47 14.65
CA TRP B 257 13.08 23.19 14.59
C TRP B 257 14.31 23.27 13.69
N ALA B 258 14.31 24.22 12.76
CA ALA B 258 15.42 24.37 11.83
C ALA B 258 16.53 25.26 12.40
N HIS B 259 16.45 25.58 13.68
CA HIS B 259 17.44 26.46 14.29
C HIS B 259 17.89 25.97 15.66
N PRO B 260 18.48 24.77 15.72
CA PRO B 260 18.97 24.15 16.94
C PRO B 260 20.10 24.90 17.64
N ILE B 261 20.08 24.84 18.97
CA ILE B 261 21.11 25.44 19.81
C ILE B 261 21.75 24.20 20.41
N GLU B 262 22.64 23.59 19.64
CA GLU B 262 23.30 22.34 19.99
C GLU B 262 24.22 22.36 21.21
N ASN B 263 24.32 21.23 21.90
CA ASN B 263 25.20 21.09 23.06
C ASN B 263 24.82 21.91 24.28
N LEU B 264 23.55 22.25 24.41
CA LEU B 264 23.06 22.99 25.56
C LEU B 264 21.84 22.27 26.09
N VAL B 265 21.94 21.70 27.28
CA VAL B 265 20.85 20.96 27.87
C VAL B 265 20.63 21.36 29.33
N ALA B 266 19.40 21.75 29.66
CA ALA B 266 19.10 22.12 31.03
C ALA B 266 18.20 21.05 31.63
N VAL B 267 18.46 20.68 32.87
CA VAL B 267 17.65 19.69 33.55
C VAL B 267 16.72 20.43 34.49
N VAL B 268 15.41 20.27 34.29
CA VAL B 268 14.45 20.96 35.13
C VAL B 268 13.73 20.05 36.11
N ASP B 269 13.61 20.52 37.35
CA ASP B 269 12.91 19.79 38.41
C ASP B 269 11.54 20.48 38.48
N LEU B 270 10.49 19.80 38.04
CA LEU B 270 9.15 20.37 38.01
C LEU B 270 8.57 20.85 39.35
N GLU B 271 8.45 19.98 40.35
CA GLU B 271 7.91 20.41 41.63
C GLU B 271 8.72 21.55 42.25
N GLN B 272 10.01 21.58 41.96
CA GLN B 272 10.89 22.61 42.51
C GLN B 272 10.88 23.85 41.61
N LYS B 273 10.36 23.69 40.39
CA LYS B 273 10.28 24.78 39.41
C LYS B 273 11.60 25.53 39.27
N LYS B 274 12.67 24.80 39.04
CA LYS B 274 14.00 25.39 38.92
C LYS B 274 14.92 24.52 38.07
N ILE B 275 15.94 25.13 37.47
CA ILE B 275 16.90 24.38 36.68
C ILE B 275 17.90 23.80 37.70
N VAL B 276 17.99 22.49 37.78
CA VAL B 276 18.91 21.88 38.72
C VAL B 276 20.25 21.52 38.11
N LYS B 277 20.36 21.65 36.79
CA LYS B 277 21.60 21.33 36.09
C LYS B 277 21.60 21.85 34.66
N ILE B 278 22.78 22.25 34.20
CA ILE B 278 22.96 22.76 32.85
C ILE B 278 24.20 22.14 32.23
N GLU B 279 24.01 21.19 31.32
CA GLU B 279 25.14 20.53 30.66
C GLU B 279 25.50 21.34 29.42
N GLU B 280 26.79 21.63 29.26
CA GLU B 280 27.23 22.41 28.11
C GLU B 280 28.33 21.69 27.34
N GLY B 281 28.24 21.73 26.02
CA GLY B 281 29.23 21.10 25.19
C GLY B 281 29.85 22.17 24.31
N PRO B 282 30.54 21.78 23.23
CA PRO B 282 31.16 22.76 22.33
C PRO B 282 30.12 23.69 21.71
N VAL B 283 30.51 24.94 21.53
CA VAL B 283 29.63 25.93 20.94
C VAL B 283 29.55 25.72 19.42
N VAL B 284 28.32 25.70 18.91
CA VAL B 284 28.09 25.52 17.49
C VAL B 284 27.12 26.60 17.01
N PRO B 285 27.55 27.42 16.03
CA PRO B 285 26.70 28.50 15.51
C PRO B 285 25.31 28.01 15.12
N VAL B 286 24.29 28.69 15.61
CA VAL B 286 22.91 28.33 15.32
C VAL B 286 22.58 28.50 13.84
N PRO B 287 22.09 27.43 13.19
CA PRO B 287 21.72 27.52 11.77
C PRO B 287 20.65 28.61 11.70
N MET B 288 20.93 29.69 10.98
CA MET B 288 20.01 30.83 10.91
C MET B 288 19.07 30.90 9.71
N THR B 289 19.52 30.45 8.55
CA THR B 289 18.72 30.50 7.33
C THR B 289 17.24 30.15 7.53
N ALA B 290 16.36 31.00 6.99
CA ALA B 290 14.93 30.79 7.10
C ALA B 290 14.55 29.54 6.31
N ARG B 291 13.80 28.66 6.95
CA ARG B 291 13.37 27.42 6.32
C ARG B 291 11.90 27.10 6.65
N PRO B 292 10.99 27.99 6.23
CA PRO B 292 9.56 27.82 6.47
C PRO B 292 8.99 26.60 5.73
N PHE B 293 7.99 25.96 6.31
CA PHE B 293 7.38 24.79 5.68
C PHE B 293 5.90 25.02 5.35
N ASP B 294 5.36 26.19 5.68
CA ASP B 294 3.95 26.45 5.41
C ASP B 294 3.66 27.04 4.04
N GLY B 295 4.70 27.19 3.23
CA GLY B 295 4.52 27.71 1.88
C GLY B 295 4.53 29.22 1.72
N ARG B 296 4.72 29.95 2.81
CA ARG B 296 4.74 31.42 2.75
C ARG B 296 5.66 31.96 1.66
N ASP B 297 6.76 31.26 1.41
CA ASP B 297 7.74 31.68 0.40
C ASP B 297 7.63 30.90 -0.90
N ARG B 298 6.53 30.16 -1.05
CA ARG B 298 6.34 29.33 -2.24
C ARG B 298 5.23 29.78 -3.18
N VAL B 299 5.32 29.30 -4.42
CA VAL B 299 4.33 29.60 -5.43
C VAL B 299 3.29 28.48 -5.40
N ALA B 300 2.02 28.86 -5.45
CA ALA B 300 0.93 27.89 -5.42
C ALA B 300 0.65 27.37 -6.83
N PRO B 301 1.13 26.16 -7.16
CA PRO B 301 0.95 25.54 -8.48
C PRO B 301 -0.52 25.23 -8.75
N ALA B 302 -0.94 25.46 -9.99
CA ALA B 302 -2.33 25.21 -10.38
C ALA B 302 -2.59 23.71 -10.49
N VAL B 303 -3.70 23.27 -9.91
CA VAL B 303 -4.08 21.86 -9.95
C VAL B 303 -5.59 21.83 -10.20
N LYS B 304 -6.02 20.95 -11.09
CA LYS B 304 -7.44 20.85 -11.39
C LYS B 304 -8.15 20.07 -10.27
N PRO B 305 -9.41 20.40 -10.01
CA PRO B 305 -10.20 19.77 -8.98
C PRO B 305 -10.45 18.27 -9.16
N MET B 306 -10.51 17.55 -8.05
CA MET B 306 -10.79 16.12 -8.05
C MET B 306 -11.63 15.82 -6.82
N GLN B 307 -12.82 15.27 -7.03
CA GLN B 307 -13.69 14.98 -5.91
C GLN B 307 -14.15 13.55 -5.88
N ILE B 308 -14.19 12.98 -4.69
CA ILE B 308 -14.68 11.63 -4.53
C ILE B 308 -16.03 11.89 -3.88
N ILE B 309 -17.11 11.52 -4.56
CA ILE B 309 -18.43 11.77 -4.00
C ILE B 309 -19.34 10.55 -3.93
N GLU B 310 -20.25 10.60 -2.96
CA GLU B 310 -21.24 9.57 -2.69
C GLU B 310 -22.52 10.37 -2.53
N PRO B 311 -23.14 10.73 -3.65
CA PRO B 311 -24.37 11.51 -3.79
C PRO B 311 -25.64 10.98 -3.12
N GLU B 312 -25.64 9.72 -2.75
CA GLU B 312 -26.81 9.14 -2.09
C GLU B 312 -26.52 8.70 -0.65
N GLY B 313 -25.41 9.19 -0.10
CA GLY B 313 -25.06 8.83 1.26
C GLY B 313 -24.04 7.73 1.29
N LYS B 314 -23.64 7.35 2.51
CA LYS B 314 -22.64 6.32 2.71
C LYS B 314 -23.24 4.91 2.81
N ASN B 315 -22.38 3.91 2.73
CA ASN B 315 -22.81 2.52 2.85
C ASN B 315 -22.71 2.07 4.30
N TYR B 316 -22.19 2.95 5.15
CA TYR B 316 -22.07 2.63 6.56
C TYR B 316 -23.00 3.48 7.41
N THR B 317 -23.27 3.01 8.63
CA THR B 317 -24.14 3.74 9.53
C THR B 317 -23.42 3.87 10.86
N ILE B 318 -23.57 5.02 11.50
CA ILE B 318 -22.93 5.26 12.78
C ILE B 318 -23.99 5.50 13.85
N THR B 319 -24.28 4.45 14.63
CA THR B 319 -25.28 4.53 15.70
C THR B 319 -24.51 4.72 17.00
N GLY B 320 -24.62 5.91 17.59
CA GLY B 320 -23.87 6.18 18.79
C GLY B 320 -22.43 6.05 18.36
N ASP B 321 -21.68 5.12 18.95
CA ASP B 321 -20.29 4.91 18.58
C ASP B 321 -20.10 3.65 17.77
N MET B 322 -21.19 2.94 17.50
CA MET B 322 -21.06 1.73 16.72
C MET B 322 -21.18 1.93 15.21
N ILE B 323 -20.27 1.29 14.49
CA ILE B 323 -20.25 1.40 13.05
C ILE B 323 -20.62 0.08 12.38
N HIS B 324 -21.56 0.17 11.44
CA HIS B 324 -22.01 -0.98 10.69
C HIS B 324 -21.65 -0.72 9.23
N TRP B 325 -20.98 -1.67 8.60
CA TRP B 325 -20.56 -1.52 7.21
C TRP B 325 -20.47 -2.89 6.56
N ARG B 326 -21.40 -3.17 5.64
CA ARG B 326 -21.45 -4.44 4.96
C ARG B 326 -21.48 -5.55 6.03
N ASN B 327 -20.52 -6.47 6.04
CA ASN B 327 -20.50 -7.55 7.02
C ASN B 327 -19.87 -7.21 8.36
N TRP B 328 -19.27 -6.03 8.46
CA TRP B 328 -18.62 -5.62 9.70
C TRP B 328 -19.50 -4.88 10.69
N ASP B 329 -19.18 -5.07 11.97
CA ASP B 329 -19.84 -4.41 13.08
C ASP B 329 -18.76 -4.23 14.14
N PHE B 330 -18.62 -3.00 14.63
CA PHE B 330 -17.64 -2.73 15.65
C PHE B 330 -17.94 -1.42 16.35
N HIS B 331 -17.33 -1.24 17.52
CA HIS B 331 -17.52 -0.06 18.34
C HIS B 331 -16.23 0.75 18.31
N LEU B 332 -16.36 2.07 18.20
CA LEU B 332 -15.21 2.95 18.14
C LEU B 332 -15.26 4.01 19.23
N SER B 333 -14.26 4.01 20.10
CA SER B 333 -14.19 5.00 21.17
C SER B 333 -12.81 5.64 21.21
N MET B 334 -12.65 6.64 22.06
CA MET B 334 -11.39 7.36 22.16
C MET B 334 -10.79 7.37 23.58
N ASN B 335 -9.50 7.06 23.68
CA ASN B 335 -8.79 7.05 24.96
C ASN B 335 -7.72 8.15 24.90
N SER B 336 -7.54 8.88 25.99
CA SER B 336 -6.58 9.99 26.05
C SER B 336 -5.12 9.59 25.89
N ARG B 337 -4.79 8.36 26.25
CA ARG B 337 -3.42 7.90 26.15
C ARG B 337 -3.09 7.25 24.80
N VAL B 338 -3.78 6.17 24.47
CA VAL B 338 -3.53 5.44 23.23
C VAL B 338 -4.38 5.84 22.03
N GLY B 339 -5.40 6.66 22.25
CA GLY B 339 -6.22 7.09 21.14
C GLY B 339 -7.42 6.20 20.84
N PRO B 340 -7.72 5.96 19.56
CA PRO B 340 -8.85 5.14 19.11
C PRO B 340 -8.80 3.68 19.55
N MET B 341 -9.95 3.18 19.96
CA MET B 341 -10.08 1.79 20.39
C MET B 341 -11.20 1.12 19.59
N ILE B 342 -10.84 0.07 18.86
CA ILE B 342 -11.77 -0.69 18.03
C ILE B 342 -12.26 -1.87 18.87
N SER B 343 -13.55 -1.93 19.17
CA SER B 343 -14.06 -3.01 20.03
C SER B 343 -15.21 -3.86 19.48
N THR B 344 -15.37 -5.03 20.08
CA THR B 344 -16.41 -5.99 19.70
C THR B 344 -16.60 -6.05 18.19
N VAL B 345 -15.53 -6.44 17.49
CA VAL B 345 -15.53 -6.55 16.05
C VAL B 345 -16.03 -7.91 15.60
N THR B 346 -17.16 -7.92 14.88
CA THR B 346 -17.71 -9.17 14.39
C THR B 346 -17.88 -9.10 12.89
N TYR B 347 -18.02 -10.26 12.28
CA TYR B 347 -18.21 -10.34 10.84
C TYR B 347 -19.44 -11.19 10.60
N ASN B 348 -20.46 -10.60 10.00
CA ASN B 348 -21.69 -11.31 9.72
C ASN B 348 -21.53 -12.33 8.60
N ASP B 349 -21.47 -13.60 8.97
CA ASP B 349 -21.33 -14.68 8.02
C ASP B 349 -22.72 -15.20 7.72
N ASN B 350 -23.28 -14.80 6.58
CA ASN B 350 -24.60 -15.21 6.16
C ASN B 350 -25.61 -15.30 7.30
N GLY B 351 -25.71 -14.23 8.08
CA GLY B 351 -26.66 -14.20 9.18
C GLY B 351 -26.07 -14.37 10.57
N THR B 352 -24.96 -15.10 10.69
CA THR B 352 -24.35 -15.32 12.00
C THR B 352 -23.17 -14.40 12.26
N LYS B 353 -23.25 -13.60 13.33
CA LYS B 353 -22.15 -12.71 13.69
C LYS B 353 -21.05 -13.50 14.37
N ARG B 354 -19.88 -13.55 13.76
CA ARG B 354 -18.75 -14.29 14.31
C ARG B 354 -17.71 -13.34 14.90
N LYS B 355 -17.22 -13.68 16.10
CA LYS B 355 -16.21 -12.85 16.76
C LYS B 355 -14.91 -12.83 15.98
N VAL B 356 -14.25 -11.67 15.98
CA VAL B 356 -12.95 -11.53 15.32
C VAL B 356 -11.99 -10.91 16.32
N MET B 357 -12.37 -9.75 16.82
CA MET B 357 -11.53 -9.04 17.75
C MET B 357 -12.37 -8.37 18.82
N TYR B 358 -12.04 -8.64 20.07
CA TYR B 358 -12.77 -8.05 21.17
C TYR B 358 -12.31 -6.62 21.43
N GLU B 359 -11.02 -6.39 21.29
CA GLU B 359 -10.50 -5.07 21.57
C GLU B 359 -9.15 -4.88 20.88
N GLY B 360 -9.03 -3.81 20.11
CA GLY B 360 -7.78 -3.53 19.41
C GLY B 360 -7.43 -2.05 19.44
N SER B 361 -6.15 -1.74 19.56
CA SER B 361 -5.75 -0.35 19.60
C SER B 361 -4.24 -0.28 19.59
N LEU B 362 -3.72 0.95 19.52
CA LEU B 362 -2.29 1.15 19.56
C LEU B 362 -1.89 0.68 20.94
N GLY B 363 -0.78 -0.04 21.05
CA GLY B 363 -0.33 -0.47 22.36
C GLY B 363 0.52 0.65 22.92
N GLY B 364 1.58 0.96 22.18
CA GLY B 364 2.50 2.02 22.56
C GLY B 364 3.50 2.14 21.43
N MET B 365 4.33 3.17 21.45
CA MET B 365 5.35 3.35 20.42
C MET B 365 6.57 4.05 20.97
N ILE B 366 7.71 3.87 20.30
CA ILE B 366 8.94 4.52 20.74
C ILE B 366 9.79 4.98 19.56
N VAL B 367 10.42 6.13 19.73
CA VAL B 367 11.29 6.72 18.72
C VAL B 367 12.61 7.06 19.39
N PRO B 368 13.52 6.07 19.47
CA PRO B 368 14.86 6.15 20.06
C PRO B 368 15.94 6.63 19.07
N TYR B 369 16.84 7.48 19.53
CA TYR B 369 17.89 7.98 18.66
C TYR B 369 19.22 7.24 18.85
N GLY B 370 20.14 7.46 17.91
CA GLY B 370 21.42 6.76 17.99
C GLY B 370 22.66 7.61 18.13
N ASP B 371 22.50 8.86 18.56
CA ASP B 371 23.63 9.77 18.74
C ASP B 371 24.00 9.80 20.23
N PRO B 372 25.28 9.54 20.55
CA PRO B 372 25.76 9.54 21.93
C PRO B 372 25.96 10.88 22.63
N ASP B 373 25.91 12.00 21.89
CA ASP B 373 26.15 13.28 22.53
C ASP B 373 25.13 13.74 23.58
N ILE B 374 25.53 14.73 24.37
CA ILE B 374 24.72 15.26 25.46
C ILE B 374 23.29 15.65 25.12
N GLY B 375 23.06 16.16 23.91
CA GLY B 375 21.71 16.56 23.54
C GLY B 375 20.92 15.45 22.88
N TRP B 376 21.47 14.24 22.85
CA TRP B 376 20.76 13.14 22.20
C TRP B 376 20.78 11.77 22.88
N TYR B 377 21.84 11.48 23.63
CA TYR B 377 21.99 10.17 24.26
C TYR B 377 20.81 9.61 25.06
N PHE B 378 20.00 10.50 25.64
CA PHE B 378 18.85 10.11 26.45
C PHE B 378 17.54 10.12 25.66
N LYS B 379 17.57 10.78 24.50
CA LYS B 379 16.42 10.94 23.64
C LYS B 379 15.77 9.65 23.10
N ALA B 380 14.62 9.29 23.69
CA ALA B 380 13.86 8.10 23.28
C ALA B 380 12.42 8.31 23.71
N TYR B 381 11.61 8.83 22.79
CA TYR B 381 10.22 9.15 23.04
C TYR B 381 9.14 8.07 22.98
N LEU B 382 8.35 7.99 24.04
CA LEU B 382 7.22 7.07 24.11
C LEU B 382 6.02 8.01 24.06
N ASP B 383 5.77 8.53 22.87
CA ASP B 383 4.69 9.49 22.63
C ASP B 383 3.37 9.24 23.35
N SER B 384 2.80 8.04 23.21
CA SER B 384 1.53 7.78 23.88
C SER B 384 1.70 7.67 25.40
N GLY B 385 2.70 6.88 25.82
CA GLY B 385 2.96 6.69 27.23
C GLY B 385 3.36 7.92 28.02
N ASP B 386 4.36 8.66 27.53
CA ASP B 386 4.80 9.86 28.25
C ASP B 386 4.11 11.15 27.86
N TYR B 387 3.40 11.17 26.74
CA TYR B 387 2.74 12.40 26.33
C TYR B 387 1.22 12.35 26.14
N GLY B 388 0.68 11.17 25.91
CA GLY B 388 -0.77 11.06 25.72
C GLY B 388 -1.15 11.49 24.32
N MET B 389 -1.10 10.54 23.38
CA MET B 389 -1.41 10.85 21.99
C MET B 389 -2.88 11.16 21.76
N GLY B 390 -3.76 10.53 22.54
CA GLY B 390 -5.17 10.79 22.41
C GLY B 390 -5.40 12.27 22.69
N THR B 391 -4.80 12.75 23.78
CA THR B 391 -4.91 14.15 24.18
C THR B 391 -4.34 15.10 23.13
N LEU B 392 -3.26 14.67 22.47
CA LEU B 392 -2.61 15.50 21.45
C LEU B 392 -3.11 15.23 20.03
N THR B 393 -4.30 14.66 19.92
CA THR B 393 -4.89 14.39 18.62
C THR B 393 -4.91 15.67 17.77
N SER B 394 -4.56 15.55 16.50
CA SER B 394 -4.58 16.71 15.61
C SER B 394 -5.84 16.68 14.74
N PRO B 395 -6.69 17.69 14.86
CA PRO B 395 -7.92 17.75 14.06
C PRO B 395 -7.67 17.47 12.58
N ILE B 396 -8.45 16.58 12.00
CA ILE B 396 -8.26 16.24 10.59
C ILE B 396 -8.55 17.44 9.67
N ALA B 397 -7.64 17.72 8.76
CA ALA B 397 -7.81 18.80 7.79
C ALA B 397 -8.66 18.21 6.65
N ARG B 398 -9.93 18.58 6.68
CA ARG B 398 -10.92 18.12 5.73
C ARG B 398 -10.44 18.16 4.27
N GLY B 399 -10.46 17.02 3.60
CA GLY B 399 -10.03 16.97 2.21
C GLY B 399 -8.54 16.77 1.94
N LYS B 400 -7.71 17.05 2.93
CA LYS B 400 -6.27 16.87 2.77
C LYS B 400 -5.73 15.72 3.62
N ASP B 401 -6.03 15.73 4.92
CA ASP B 401 -5.55 14.65 5.77
C ASP B 401 -6.39 13.39 5.54
N ALA B 402 -7.54 13.58 4.92
CA ALA B 402 -8.44 12.48 4.59
C ALA B 402 -9.16 12.87 3.30
N PRO B 403 -9.55 11.88 2.48
CA PRO B 403 -10.25 12.14 1.22
C PRO B 403 -11.54 12.93 1.42
N SER B 404 -11.92 13.66 0.38
CA SER B 404 -13.13 14.47 0.41
C SER B 404 -14.43 13.71 0.74
N ASN B 405 -14.44 12.39 0.55
CA ASN B 405 -15.66 11.63 0.85
C ASN B 405 -15.70 11.06 2.28
N ALA B 406 -14.86 11.60 3.15
CA ALA B 406 -14.79 11.14 4.53
C ALA B 406 -15.83 11.79 5.44
N VAL B 407 -16.09 11.14 6.57
CA VAL B 407 -17.00 11.63 7.58
C VAL B 407 -16.09 11.89 8.77
N LEU B 408 -16.16 13.08 9.36
CA LEU B 408 -15.29 13.41 10.46
C LEU B 408 -16.01 13.39 11.81
N LEU B 409 -15.47 12.60 12.73
CA LEU B 409 -16.07 12.45 14.06
C LEU B 409 -15.39 13.29 15.13
N ASN B 410 -16.19 13.79 16.06
CA ASN B 410 -15.66 14.56 17.18
C ASN B 410 -15.58 13.57 18.35
N GLU B 411 -14.57 13.73 19.20
CA GLU B 411 -14.39 12.85 20.34
C GLU B 411 -14.12 13.67 21.61
N THR B 412 -14.66 13.21 22.73
CA THR B 412 -14.49 13.91 23.99
C THR B 412 -13.68 13.12 25.01
N ILE B 413 -12.70 13.79 25.60
CA ILE B 413 -11.85 13.19 26.63
C ILE B 413 -11.71 14.28 27.71
N ALA B 414 -10.97 13.97 28.77
CA ALA B 414 -10.74 14.92 29.86
C ALA B 414 -9.33 15.48 29.72
N ASP B 415 -9.14 16.75 30.07
CA ASP B 415 -7.80 17.33 30.01
C ASP B 415 -7.14 17.09 31.37
N TYR B 416 -5.91 17.57 31.55
CA TYR B 416 -5.21 17.34 32.81
C TYR B 416 -5.88 17.95 34.05
N THR B 417 -6.77 18.92 33.89
CA THR B 417 -7.43 19.52 35.04
C THR B 417 -8.79 18.89 35.32
N GLY B 418 -9.12 17.83 34.56
CA GLY B 418 -10.38 17.16 34.78
C GLY B 418 -11.59 17.76 34.08
N VAL B 419 -11.34 18.73 33.19
CA VAL B 419 -12.44 19.36 32.47
C VAL B 419 -12.67 18.69 31.10
N PRO B 420 -13.94 18.39 30.78
CA PRO B 420 -14.28 17.76 29.51
C PRO B 420 -13.68 18.51 28.33
N MET B 421 -13.15 17.76 27.37
CA MET B 421 -12.50 18.33 26.21
C MET B 421 -13.00 17.68 24.90
N GLU B 422 -13.59 18.48 24.02
CA GLU B 422 -14.08 17.93 22.76
C GLU B 422 -13.08 18.20 21.63
N ILE B 423 -12.58 17.13 21.03
CA ILE B 423 -11.63 17.26 19.94
C ILE B 423 -12.41 17.22 18.62
N PRO B 424 -12.41 18.33 17.88
CA PRO B 424 -13.13 18.39 16.59
C PRO B 424 -12.37 17.60 15.53
N ARG B 425 -13.12 16.96 14.63
CA ARG B 425 -12.50 16.18 13.56
C ARG B 425 -11.35 15.31 14.10
N ALA B 426 -11.65 14.58 15.19
CA ALA B 426 -10.67 13.72 15.84
C ALA B 426 -10.36 12.45 15.06
N ILE B 427 -11.38 11.87 14.45
CA ILE B 427 -11.21 10.65 13.67
C ILE B 427 -11.94 10.75 12.35
N ALA B 428 -11.35 10.17 11.30
CA ALA B 428 -11.98 10.20 9.99
C ALA B 428 -12.39 8.80 9.59
N VAL B 429 -13.60 8.68 9.04
CA VAL B 429 -14.11 7.41 8.58
C VAL B 429 -14.40 7.58 7.09
N PHE B 430 -13.87 6.69 6.26
CA PHE B 430 -14.14 6.79 4.83
C PHE B 430 -13.98 5.50 4.06
N GLU B 431 -14.85 5.31 3.07
CA GLU B 431 -14.79 4.12 2.23
C GLU B 431 -13.95 4.51 1.03
N ARG B 432 -13.16 3.56 0.52
CA ARG B 432 -12.32 3.87 -0.62
C ARG B 432 -12.19 2.74 -1.61
N TYR B 433 -12.05 3.13 -2.89
CA TYR B 433 -11.87 2.19 -3.98
C TYR B 433 -10.44 1.71 -3.82
N ALA B 434 -10.22 0.41 -3.92
CA ALA B 434 -8.88 -0.12 -3.76
C ALA B 434 -8.57 -1.17 -4.83
N GLY B 435 -8.88 -0.83 -6.09
CA GLY B 435 -8.63 -1.75 -7.18
C GLY B 435 -9.67 -2.87 -7.21
N PRO B 436 -9.49 -3.90 -8.05
CA PRO B 436 -10.44 -5.03 -8.13
C PRO B 436 -10.31 -6.01 -6.97
N GLU B 437 -11.46 -6.38 -6.40
CA GLU B 437 -11.49 -7.35 -5.31
C GLU B 437 -10.91 -8.65 -5.86
N TYR B 438 -11.35 -9.00 -7.07
CA TYR B 438 -10.83 -10.17 -7.76
C TYR B 438 -11.15 -10.04 -9.25
N LYS B 439 -10.50 -10.85 -10.06
CA LYS B 439 -10.74 -10.76 -11.48
C LYS B 439 -10.24 -11.97 -12.23
N HIS B 440 -11.01 -12.38 -13.21
CA HIS B 440 -10.59 -13.46 -14.06
C HIS B 440 -11.20 -13.27 -15.43
N GLN B 441 -10.32 -13.15 -16.42
CA GLN B 441 -10.71 -12.99 -17.80
C GLN B 441 -10.40 -14.29 -18.53
N GLU B 442 -11.37 -15.20 -18.53
CA GLU B 442 -11.18 -16.48 -19.21
C GLU B 442 -11.11 -16.14 -20.70
N MET B 443 -10.12 -16.67 -21.40
CA MET B 443 -9.95 -16.36 -22.82
C MET B 443 -11.21 -16.65 -23.64
N GLY B 444 -11.61 -15.67 -24.45
CA GLY B 444 -12.77 -15.82 -25.30
C GLY B 444 -14.10 -15.82 -24.57
N GLN B 445 -14.10 -15.47 -23.29
CA GLN B 445 -15.33 -15.45 -22.50
C GLN B 445 -15.58 -14.07 -21.91
N PRO B 446 -16.81 -13.82 -21.42
CA PRO B 446 -17.12 -12.52 -20.83
C PRO B 446 -16.23 -12.33 -19.60
N ASN B 447 -15.78 -11.11 -19.38
CA ASN B 447 -14.91 -10.84 -18.24
C ASN B 447 -15.65 -10.87 -16.90
N VAL B 448 -14.91 -11.15 -15.84
CA VAL B 448 -15.49 -11.16 -14.50
C VAL B 448 -14.62 -10.30 -13.59
N SER B 449 -15.21 -9.25 -13.03
CA SER B 449 -14.50 -8.36 -12.11
C SER B 449 -15.48 -7.73 -11.13
N THR B 450 -14.96 -7.42 -9.96
CA THR B 450 -15.76 -6.76 -8.95
C THR B 450 -14.78 -5.78 -8.32
N GLU B 451 -15.25 -4.61 -7.93
CA GLU B 451 -14.34 -3.64 -7.32
C GLU B 451 -14.17 -3.90 -5.83
N ARG B 452 -13.01 -3.51 -5.30
CA ARG B 452 -12.73 -3.68 -3.89
C ARG B 452 -13.00 -2.39 -3.14
N ARG B 453 -13.61 -2.54 -1.97
CA ARG B 453 -13.89 -1.40 -1.11
C ARG B 453 -13.31 -1.66 0.27
N GLU B 454 -12.68 -0.63 0.84
CA GLU B 454 -12.09 -0.74 2.16
C GLU B 454 -12.68 0.39 2.99
N LEU B 455 -12.97 0.10 4.24
CA LEU B 455 -13.48 1.14 5.12
C LEU B 455 -12.26 1.52 5.94
N VAL B 456 -11.91 2.80 5.93
CA VAL B 456 -10.75 3.25 6.69
C VAL B 456 -11.16 4.09 7.89
N VAL B 457 -10.49 3.89 9.02
CA VAL B 457 -10.73 4.65 10.23
C VAL B 457 -9.36 5.29 10.52
N ARG B 458 -9.27 6.59 10.32
CA ARG B 458 -8.00 7.29 10.49
C ARG B 458 -7.95 8.28 11.64
N TRP B 459 -6.84 8.25 12.36
CA TRP B 459 -6.58 9.13 13.50
C TRP B 459 -5.17 9.68 13.36
N ILE B 460 -4.99 10.96 13.66
CA ILE B 460 -3.69 11.58 13.57
C ILE B 460 -3.35 12.24 14.90
N SER B 461 -2.13 12.01 15.37
CA SER B 461 -1.67 12.58 16.63
C SER B 461 -0.29 13.22 16.45
N THR B 462 -0.14 14.45 16.92
CA THR B 462 1.14 15.15 16.81
C THR B 462 1.71 15.41 18.19
N VAL B 463 2.95 14.95 18.39
CA VAL B 463 3.64 15.13 19.67
C VAL B 463 4.94 15.86 19.38
N GLY B 464 4.94 17.17 19.57
CA GLY B 464 6.16 17.91 19.30
C GLY B 464 6.38 18.12 17.81
N ASN B 465 7.42 17.50 17.28
CA ASN B 465 7.77 17.65 15.86
C ASN B 465 7.22 16.61 14.89
N TYQ B 466 6.84 15.44 15.41
CA TYQ B 466 6.30 14.33 14.61
C TYQ B 466 4.79 14.38 14.52
O TYQ B 466 4.13 14.79 15.46
CB TYQ B 466 6.61 13.00 15.27
CG TYQ B 466 7.97 12.89 15.88
CD1 TYQ B 466 9.09 12.88 15.07
CD2 TYQ B 466 8.13 12.87 17.27
CE1 TYQ B 466 10.36 12.88 15.62
CE2 TYQ B 466 9.40 12.86 17.82
CZ TYQ B 466 10.52 12.87 17.00
OZ TYQ B 466 8.88 12.89 13.72
N5 TYQ B 466 9.56 12.88 19.26
OH TYQ B 466 11.77 12.90 17.57
N ASP B 467 4.27 13.91 13.40
CA ASP B 467 2.83 13.81 13.18
C ASP B 467 2.60 12.35 12.76
N TYR B 468 1.83 11.62 13.55
CA TYR B 468 1.59 10.21 13.28
C TYR B 468 0.18 9.91 12.83
N ILE B 469 0.06 9.12 11.78
CA ILE B 469 -1.25 8.76 11.23
C ILE B 469 -1.51 7.27 11.37
N PHE B 470 -2.67 6.91 11.90
CA PHE B 470 -3.01 5.50 12.05
C PHE B 470 -4.31 5.16 11.35
N ASP B 471 -4.26 4.16 10.48
CA ASP B 471 -5.44 3.72 9.74
C ASP B 471 -5.82 2.31 10.12
N TRP B 472 -7.10 2.09 10.41
CA TRP B 472 -7.60 0.76 10.71
C TRP B 472 -8.46 0.47 9.49
N ILE B 473 -8.01 -0.50 8.71
CA ILE B 473 -8.63 -0.85 7.45
C ILE B 473 -9.41 -2.15 7.44
N PHE B 474 -10.72 -2.03 7.29
CA PHE B 474 -11.58 -3.21 7.24
C PHE B 474 -11.85 -3.56 5.79
N HIS B 475 -11.28 -4.65 5.31
CA HIS B 475 -11.51 -5.06 3.93
C HIS B 475 -12.83 -5.83 3.92
N GLU B 476 -13.57 -5.70 2.83
CA GLU B 476 -14.85 -6.38 2.70
C GLU B 476 -14.71 -7.90 2.77
N ASN B 477 -13.54 -8.42 2.45
CA ASN B 477 -13.35 -9.87 2.46
C ASN B 477 -12.92 -10.47 3.80
N GLY B 478 -12.98 -9.68 4.87
CA GLY B 478 -12.62 -10.19 6.17
C GLY B 478 -11.24 -9.79 6.68
N THR B 479 -10.39 -9.34 5.76
CA THR B 479 -9.04 -8.90 6.11
C THR B 479 -9.09 -7.59 6.87
N ILE B 480 -8.11 -7.40 7.75
CA ILE B 480 -8.03 -6.18 8.54
C ILE B 480 -6.60 -5.67 8.42
N GLY B 481 -6.45 -4.43 7.96
CA GLY B 481 -5.14 -3.87 7.83
C GLY B 481 -4.96 -2.79 8.88
N ILE B 482 -3.72 -2.50 9.24
CA ILE B 482 -3.41 -1.46 10.21
C ILE B 482 -2.11 -0.80 9.74
N ASP B 483 -2.19 0.43 9.27
CA ASP B 483 -1.00 1.12 8.80
C ASP B 483 -0.62 2.30 9.69
N ALA B 484 0.66 2.62 9.71
CA ALA B 484 1.17 3.74 10.47
C ALA B 484 1.96 4.62 9.54
N GLY B 485 1.60 5.90 9.51
CA GLY B 485 2.29 6.86 8.68
C GLY B 485 2.97 7.90 9.53
N ALA B 486 4.14 8.35 9.09
CA ALA B 486 4.89 9.35 9.83
C ALA B 486 5.26 10.50 8.92
N THR B 487 5.11 11.71 9.43
CA THR B 487 5.45 12.91 8.69
C THR B 487 5.75 13.97 9.74
N GLY B 488 5.91 15.22 9.33
CA GLY B 488 6.22 16.26 10.29
C GLY B 488 7.60 16.83 10.07
N ILE B 489 8.20 17.35 11.13
CA ILE B 489 9.53 17.94 11.04
C ILE B 489 10.55 17.11 11.81
N GLU B 490 11.71 16.88 11.21
CA GLU B 490 12.76 16.09 11.86
C GLU B 490 13.50 16.82 12.95
N ALA B 491 13.99 16.06 13.91
CA ALA B 491 14.79 16.58 15.01
C ALA B 491 16.19 16.59 14.44
N VAL B 492 16.74 17.77 14.18
CA VAL B 492 18.07 17.86 13.62
C VAL B 492 19.14 18.31 14.60
N LYS B 493 20.39 18.05 14.24
CA LYS B 493 21.53 18.42 15.06
C LYS B 493 22.28 19.53 14.36
N GLY B 494 22.68 20.54 15.12
CA GLY B 494 23.41 21.64 14.53
C GLY B 494 24.86 21.23 14.38
N VAL B 495 25.43 21.43 13.19
CA VAL B 495 26.82 21.07 12.96
C VAL B 495 27.52 22.19 12.22
N LYS B 496 28.84 22.12 12.16
CA LYS B 496 29.61 23.18 11.48
C LYS B 496 29.71 23.06 9.97
N ALA B 497 29.63 21.83 9.45
CA ALA B 497 29.73 21.62 8.01
C ALA B 497 28.53 22.11 7.22
N LYS B 498 28.80 22.71 6.06
CA LYS B 498 27.75 23.18 5.18
C LYS B 498 27.56 22.15 4.05
N THR B 499 28.64 21.44 3.73
CA THR B 499 28.60 20.40 2.70
C THR B 499 29.51 19.27 3.16
N MET B 500 29.45 18.15 2.46
CA MET B 500 30.27 16.99 2.79
C MET B 500 31.73 17.26 2.49
N HIS B 501 32.01 18.41 1.86
CA HIS B 501 33.38 18.75 1.54
C HIS B 501 34.11 19.47 2.67
N ASP B 502 33.38 19.85 3.72
CA ASP B 502 34.02 20.55 4.85
C ASP B 502 34.74 19.59 5.79
N GLU B 503 35.77 20.09 6.44
CA GLU B 503 36.59 19.30 7.35
C GLU B 503 35.86 18.48 8.42
N THR B 504 34.79 19.02 8.98
CA THR B 504 34.05 18.32 10.02
C THR B 504 32.93 17.42 9.50
N ALA B 505 32.70 17.45 8.19
CA ALA B 505 31.63 16.66 7.57
C ALA B 505 31.62 15.21 8.04
N LYS B 506 32.77 14.55 7.94
CA LYS B 506 32.89 13.15 8.35
C LYS B 506 32.41 12.93 9.78
N ASP B 507 32.91 13.72 10.72
CA ASP B 507 32.49 13.56 12.11
C ASP B 507 31.06 14.05 12.33
N ASP B 508 30.64 15.10 11.63
CA ASP B 508 29.29 15.60 11.80
C ASP B 508 28.21 14.65 11.27
N THR B 509 28.57 13.80 10.32
CA THR B 509 27.60 12.88 9.74
C THR B 509 27.75 11.43 10.19
N ARG B 510 28.48 11.21 11.28
CA ARG B 510 28.70 9.85 11.76
C ARG B 510 27.42 9.22 12.32
N TYR B 511 26.50 10.06 12.78
CA TYR B 511 25.26 9.53 13.34
C TYR B 511 24.04 10.04 12.58
N GLY B 512 24.25 10.48 11.35
CA GLY B 512 23.13 10.97 10.56
C GLY B 512 23.55 11.66 9.27
N THR B 513 22.59 11.84 8.38
CA THR B 513 22.85 12.47 7.09
C THR B 513 22.79 14.00 7.18
N LEU B 514 23.64 14.66 6.39
CA LEU B 514 23.64 16.11 6.34
C LEU B 514 22.55 16.43 5.33
N ILE B 515 21.41 16.88 5.84
CA ILE B 515 20.25 17.18 5.00
C ILE B 515 20.09 18.66 4.64
N ASP B 516 20.92 19.51 5.22
CA ASP B 516 20.89 20.93 4.93
C ASP B 516 22.15 21.54 5.51
N HIS B 517 22.48 22.74 5.09
CA HIS B 517 23.68 23.40 5.61
C HIS B 517 23.63 23.48 7.14
N ASN B 518 24.67 22.94 7.77
CA ASN B 518 24.79 22.95 9.24
C ASN B 518 23.69 22.17 9.93
N ILE B 519 22.99 21.33 9.18
CA ILE B 519 21.90 20.55 9.74
C ILE B 519 21.97 19.06 9.44
N VAL B 520 21.95 18.26 10.50
CA VAL B 520 22.00 16.81 10.35
C VAL B 520 20.75 16.12 10.88
N GLY B 521 20.21 15.21 10.08
CA GLY B 521 19.04 14.46 10.49
C GLY B 521 19.51 13.22 11.23
N THR B 522 19.66 13.35 12.54
CA THR B 522 20.13 12.26 13.39
C THR B 522 19.33 10.99 13.18
N THR B 523 20.02 9.90 12.86
CA THR B 523 19.37 8.62 12.64
C THR B 523 18.59 8.19 13.88
N HIS B 524 17.49 7.46 13.68
CA HIS B 524 16.65 7.00 14.79
C HIS B 524 15.67 5.97 14.25
N GLN B 525 14.83 5.42 15.13
CA GLN B 525 13.84 4.45 14.70
C GLN B 525 12.44 4.87 15.08
N HIS B 526 11.47 4.23 14.45
CA HIS B 526 10.06 4.46 14.72
C HIS B 526 9.52 3.07 15.02
N ILE B 527 9.24 2.80 16.28
CA ILE B 527 8.76 1.48 16.64
C ILE B 527 7.35 1.53 17.18
N TYR B 528 6.40 1.02 16.39
CA TYR B 528 5.00 1.00 16.80
C TYR B 528 4.61 -0.40 17.30
N ASN B 529 3.70 -0.45 18.26
CA ASN B 529 3.22 -1.72 18.79
C ASN B 529 1.69 -1.66 18.94
N PHE B 530 1.02 -2.68 18.42
CA PHE B 530 -0.43 -2.74 18.47
C PHE B 530 -0.91 -3.90 19.35
N ARG B 531 -1.81 -3.59 20.28
CA ARG B 531 -2.37 -4.61 21.18
C ARG B 531 -3.67 -5.07 20.53
N LEU B 532 -3.69 -6.30 20.06
CA LEU B 532 -4.85 -6.84 19.38
C LEU B 532 -5.45 -8.06 20.08
N ASP B 533 -6.51 -7.85 20.86
CA ASP B 533 -7.14 -8.96 21.55
C ASP B 533 -8.12 -9.63 20.60
N LEU B 534 -7.57 -10.47 19.72
CA LEU B 534 -8.38 -11.19 18.75
C LEU B 534 -9.02 -12.40 19.42
N ASP B 535 -10.29 -12.63 19.11
CA ASP B 535 -11.02 -13.79 19.59
C ASP B 535 -11.54 -14.41 18.31
N VAL B 536 -10.71 -15.24 17.70
CA VAL B 536 -11.08 -15.88 16.45
C VAL B 536 -12.22 -16.86 16.62
N ASP B 537 -13.43 -16.37 16.34
CA ASP B 537 -14.69 -17.13 16.42
C ASP B 537 -14.91 -17.69 17.82
N GLY B 538 -14.37 -16.99 18.82
CA GLY B 538 -14.49 -17.40 20.20
C GLY B 538 -13.24 -17.02 20.97
N GLU B 539 -13.31 -17.07 22.30
CA GLU B 539 -12.15 -16.73 23.12
C GLU B 539 -11.01 -17.72 23.13
N ASN B 540 -11.30 -19.00 23.26
CA ASN B 540 -10.24 -20.01 23.31
C ASN B 540 -9.55 -20.28 21.98
N ASN B 541 -8.30 -19.81 21.89
CA ASN B 541 -7.50 -19.97 20.69
C ASN B 541 -6.13 -20.57 21.00
N SER B 542 -5.40 -20.91 19.94
CA SER B 542 -4.05 -21.45 20.04
C SER B 542 -3.20 -20.82 18.95
N LEU B 543 -1.92 -20.60 19.23
CA LEU B 543 -1.02 -20.01 18.24
C LEU B 543 -0.36 -21.12 17.43
N VAL B 544 -0.51 -21.06 16.11
CA VAL B 544 0.07 -22.08 15.24
C VAL B 544 1.10 -21.51 14.24
N ALA B 545 2.19 -22.24 14.06
CA ALA B 545 3.24 -21.84 13.12
C ALA B 545 3.17 -22.72 11.89
N MET B 546 3.43 -22.12 10.73
CA MET B 546 3.46 -22.83 9.45
C MET B 546 4.64 -22.32 8.66
N ASP B 547 5.76 -23.03 8.72
CA ASP B 547 6.97 -22.62 8.03
C ASP B 547 7.16 -23.32 6.69
N PRO B 548 7.00 -22.58 5.58
CA PRO B 548 7.19 -23.20 4.27
C PRO B 548 8.65 -23.67 4.20
N VAL B 549 8.87 -24.90 3.74
CA VAL B 549 10.23 -25.40 3.66
C VAL B 549 10.45 -26.26 2.44
N VAL B 550 11.70 -26.32 1.99
CA VAL B 550 12.02 -27.13 0.85
C VAL B 550 12.54 -28.45 1.42
N LYS B 551 11.85 -29.54 1.12
CA LYS B 551 12.26 -30.85 1.60
C LYS B 551 12.59 -31.78 0.42
N PRO B 552 13.51 -32.73 0.62
CA PRO B 552 13.91 -33.66 -0.43
C PRO B 552 12.71 -34.42 -1.02
N ASN B 553 12.77 -34.67 -2.31
CA ASN B 553 11.71 -35.41 -3.00
C ASN B 553 11.81 -36.88 -2.65
N THR B 554 10.74 -37.45 -2.11
CA THR B 554 10.74 -38.86 -1.76
C THR B 554 9.60 -39.58 -2.49
N ALA B 555 9.00 -38.89 -3.46
CA ALA B 555 7.88 -39.46 -4.21
C ALA B 555 8.28 -39.96 -5.60
N GLY B 556 9.58 -39.98 -5.90
CA GLY B 556 10.03 -40.44 -7.19
C GLY B 556 9.91 -39.35 -8.24
N GLY B 557 10.42 -39.62 -9.44
CA GLY B 557 10.34 -38.65 -10.51
C GLY B 557 11.62 -37.83 -10.62
N PRO B 558 11.73 -36.92 -11.61
CA PRO B 558 12.89 -36.06 -11.83
C PRO B 558 13.24 -35.04 -10.73
N ARG B 559 12.24 -34.48 -10.05
CA ARG B 559 12.47 -33.47 -9.01
C ARG B 559 13.33 -33.95 -7.83
N THR B 560 14.24 -33.09 -7.40
CA THR B 560 15.11 -33.40 -6.27
C THR B 560 14.50 -32.84 -4.99
N SER B 561 13.65 -31.82 -5.12
CA SER B 561 13.01 -31.18 -3.96
C SER B 561 11.53 -30.88 -4.13
N THR B 562 10.87 -30.61 -3.01
CA THR B 562 9.45 -30.30 -2.98
C THR B 562 9.20 -29.18 -1.99
N MET B 563 8.06 -28.50 -2.13
CA MET B 563 7.68 -27.40 -1.23
C MET B 563 6.65 -27.93 -0.24
N GLN B 564 7.04 -28.00 1.03
CA GLN B 564 6.16 -28.50 2.08
C GLN B 564 6.06 -27.50 3.23
N VAL B 565 5.31 -27.88 4.26
CA VAL B 565 5.15 -26.99 5.41
C VAL B 565 5.35 -27.67 6.75
N ASN B 566 6.14 -27.03 7.62
CA ASN B 566 6.36 -27.53 8.96
C ASN B 566 5.35 -26.84 9.84
N GLN B 567 4.40 -27.61 10.36
CA GLN B 567 3.36 -27.05 11.22
C GLN B 567 3.51 -27.53 12.66
N TYR B 568 3.54 -26.58 13.58
CA TYR B 568 3.66 -26.87 15.01
C TYR B 568 2.99 -25.79 15.84
N ASN B 569 2.60 -26.13 17.07
CA ASN B 569 1.97 -25.16 17.95
C ASN B 569 3.00 -24.47 18.82
N ILE B 570 2.68 -23.26 19.25
CA ILE B 570 3.55 -22.48 20.13
C ILE B 570 2.72 -22.45 21.43
N GLY B 571 3.05 -23.36 22.33
CA GLY B 571 2.30 -23.50 23.57
C GLY B 571 2.48 -22.55 24.73
N ASN B 572 3.51 -21.71 24.69
CA ASN B 572 3.72 -20.77 25.79
C ASN B 572 4.08 -19.37 25.33
N GLU B 573 3.91 -18.40 26.22
CA GLU B 573 4.19 -17.01 25.93
C GLU B 573 5.65 -16.77 25.54
N GLN B 574 6.56 -17.48 26.22
CA GLN B 574 7.99 -17.32 25.96
C GLN B 574 8.31 -17.62 24.50
N ASP B 575 7.82 -18.76 24.00
CA ASP B 575 8.08 -19.15 22.61
C ASP B 575 7.30 -18.28 21.62
N ALA B 576 6.23 -17.63 22.10
CA ALA B 576 5.42 -16.78 21.22
C ALA B 576 6.10 -15.44 21.00
N ALA B 577 6.92 -14.99 21.96
CA ALA B 577 7.63 -13.73 21.84
C ALA B 577 8.74 -14.01 20.85
N GLN B 578 8.64 -13.49 19.63
CA GLN B 578 9.66 -13.80 18.64
C GLN B 578 9.79 -12.82 17.49
N LYS B 579 10.84 -13.04 16.69
CA LYS B 579 11.11 -12.24 15.51
C LYS B 579 10.13 -12.75 14.45
N PHE B 580 9.78 -11.92 13.48
CA PHE B 580 8.86 -12.35 12.45
C PHE B 580 9.53 -12.44 11.10
N ASP B 581 9.48 -13.64 10.52
CA ASP B 581 10.05 -13.91 9.21
C ASP B 581 8.85 -13.83 8.25
N PRO B 582 8.82 -12.80 7.40
CA PRO B 582 7.74 -12.61 6.44
C PRO B 582 7.60 -13.78 5.46
N GLY B 583 8.53 -14.72 5.56
CA GLY B 583 8.50 -15.89 4.71
C GLY B 583 7.73 -17.04 5.33
N THR B 584 7.38 -16.88 6.61
CA THR B 584 6.61 -17.90 7.32
C THR B 584 5.18 -17.44 7.57
N ILE B 585 4.38 -18.35 8.12
CA ILE B 585 2.98 -18.08 8.43
C ILE B 585 2.75 -18.31 9.92
N ARG B 586 2.00 -17.39 10.53
CA ARG B 586 1.66 -17.47 11.96
C ARG B 586 0.16 -17.27 12.10
N LEU B 587 -0.51 -18.23 12.71
CA LEU B 587 -1.95 -18.18 12.86
C LEU B 587 -2.47 -18.23 14.29
N LEU B 588 -3.56 -17.51 14.54
CA LEU B 588 -4.22 -17.58 15.84
C LEU B 588 -5.44 -18.40 15.46
N SER B 589 -5.41 -19.69 15.76
CA SER B 589 -6.51 -20.59 15.41
C SER B 589 -7.46 -20.86 16.57
N ASN B 590 -8.63 -21.39 16.24
CA ASN B 590 -9.63 -21.76 17.24
C ASN B 590 -9.73 -23.27 17.11
N PRO B 591 -9.01 -24.00 17.98
CA PRO B 591 -9.00 -25.47 17.96
C PRO B 591 -10.36 -26.12 18.15
N ASN B 592 -11.36 -25.33 18.53
CA ASN B 592 -12.70 -25.84 18.76
C ASN B 592 -13.65 -25.72 17.55
N LYS B 593 -13.26 -24.93 16.55
CA LYS B 593 -14.11 -24.72 15.37
C LYS B 593 -13.38 -24.87 14.03
N GLU B 594 -14.00 -25.59 13.11
CA GLU B 594 -13.41 -25.84 11.80
C GLU B 594 -14.31 -25.33 10.68
N ASN B 595 -13.74 -25.18 9.49
CA ASN B 595 -14.55 -24.74 8.36
C ASN B 595 -15.03 -25.98 7.62
N ARG B 596 -15.66 -25.79 6.47
CA ARG B 596 -16.22 -26.88 5.68
C ARG B 596 -15.24 -27.97 5.25
N MET B 597 -13.94 -27.69 5.26
CA MET B 597 -12.92 -28.67 4.88
C MET B 597 -12.21 -29.32 6.08
N GLY B 598 -12.67 -29.01 7.29
CA GLY B 598 -12.07 -29.59 8.48
C GLY B 598 -10.88 -28.83 9.04
N ASN B 599 -10.57 -27.66 8.48
CA ASN B 599 -9.45 -26.84 8.97
C ASN B 599 -9.88 -25.86 10.06
N PRO B 600 -9.02 -25.63 11.06
CA PRO B 600 -9.31 -24.70 12.15
C PRO B 600 -9.51 -23.28 11.65
N VAL B 601 -10.63 -22.67 11.99
CA VAL B 601 -10.89 -21.30 11.56
C VAL B 601 -9.78 -20.45 12.18
N SER B 602 -9.09 -19.68 11.34
CA SER B 602 -7.98 -18.89 11.85
C SER B 602 -7.75 -17.52 11.18
N TYR B 603 -6.85 -16.74 11.77
CA TYR B 603 -6.46 -15.45 11.22
C TYR B 603 -4.95 -15.44 11.15
N GLN B 604 -4.44 -15.04 9.99
CA GLN B 604 -3.01 -14.97 9.75
C GLN B 604 -2.51 -13.64 10.28
N ILE B 605 -1.50 -13.69 11.14
CA ILE B 605 -0.92 -12.49 11.74
C ILE B 605 0.34 -12.06 11.00
N ILE B 606 0.30 -10.88 10.41
CA ILE B 606 1.44 -10.37 9.65
C ILE B 606 1.88 -9.01 10.21
N PRO B 607 2.86 -9.01 11.12
CA PRO B 607 3.41 -7.82 11.77
C PRO B 607 4.18 -6.93 10.78
N TYR B 608 4.64 -7.55 9.69
CA TYR B 608 5.39 -6.83 8.68
C TYR B 608 4.89 -7.13 7.27
N ALA B 609 4.11 -6.20 6.71
CA ALA B 609 3.57 -6.37 5.37
C ALA B 609 4.12 -5.30 4.43
N GLY B 610 5.20 -4.66 4.83
CA GLY B 610 5.80 -3.65 3.98
C GLY B 610 5.96 -2.29 4.63
N GLY B 611 6.67 -1.40 3.93
CA GLY B 611 6.92 -0.07 4.44
C GLY B 611 7.73 0.75 3.45
N THR B 612 7.71 2.06 3.59
CA THR B 612 8.44 2.94 2.68
C THR B 612 9.85 3.34 3.14
N HIS B 613 10.15 3.09 4.42
CA HIS B 613 11.48 3.37 4.97
C HIS B 613 12.12 1.99 5.19
N PRO B 614 13.44 1.94 5.44
CA PRO B 614 14.08 0.65 5.68
C PRO B 614 13.41 0.05 6.91
N VAL B 615 13.24 -1.27 6.94
CA VAL B 615 12.59 -1.90 8.07
C VAL B 615 13.50 -2.10 9.27
N ALA B 616 12.97 -1.85 10.46
CA ALA B 616 13.72 -2.02 11.69
C ALA B 616 13.61 -3.49 12.08
N LYS B 617 14.72 -4.21 11.95
CA LYS B 617 14.77 -5.63 12.26
C LYS B 617 14.66 -5.88 13.78
N GLY B 618 14.90 -4.82 14.54
CA GLY B 618 14.84 -4.91 15.99
C GLY B 618 15.26 -3.58 16.56
N ALA B 619 15.61 -3.55 17.83
CA ALA B 619 16.05 -2.30 18.43
C ALA B 619 17.52 -2.08 18.08
N GLN B 620 17.82 -0.93 17.50
CA GLN B 620 19.20 -0.62 17.13
C GLN B 620 19.97 -0.20 18.39
N PHE B 621 20.08 -1.12 19.33
CA PHE B 621 20.78 -0.88 20.59
C PHE B 621 21.48 -2.14 21.04
N ALA B 622 22.67 -1.98 21.61
CA ALA B 622 23.41 -3.12 22.13
C ALA B 622 22.55 -3.67 23.27
N PRO B 623 22.60 -4.98 23.52
CA PRO B 623 21.82 -5.60 24.59
C PRO B 623 22.09 -5.08 26.01
N ASP B 624 23.13 -4.26 26.16
CA ASP B 624 23.47 -3.74 27.48
C ASP B 624 23.03 -2.28 27.71
N GLU B 625 22.18 -1.76 26.82
CA GLU B 625 21.67 -0.38 26.96
C GLU B 625 20.42 -0.43 27.84
N TRP B 626 20.23 0.58 28.69
CA TRP B 626 19.05 0.59 29.56
C TRP B 626 17.72 0.64 28.83
N ILE B 627 17.63 1.45 27.77
CA ILE B 627 16.38 1.55 27.03
C ILE B 627 16.02 0.16 26.50
N TYR B 628 17.01 -0.58 26.04
CA TYR B 628 16.80 -1.92 25.51
C TYR B 628 16.29 -2.83 26.63
N HIS B 629 16.89 -2.65 27.81
CA HIS B 629 16.52 -3.42 29.00
C HIS B 629 15.11 -3.09 29.45
N ARG B 630 14.84 -1.80 29.64
CA ARG B 630 13.53 -1.32 30.08
C ARG B 630 12.38 -1.65 29.13
N LEU B 631 12.66 -1.57 27.83
CA LEU B 631 11.63 -1.81 26.83
C LEU B 631 11.96 -2.96 25.89
N SER B 632 11.59 -4.17 26.28
CA SER B 632 11.88 -5.34 25.46
C SER B 632 10.96 -5.57 24.25
N PHE B 633 9.82 -4.89 24.20
CA PHE B 633 8.92 -5.07 23.07
C PHE B 633 9.56 -4.59 21.76
N MET B 634 10.58 -3.74 21.87
CA MET B 634 11.30 -3.19 20.73
C MET B 634 12.03 -4.22 19.88
N ASP B 635 12.43 -5.32 20.49
CA ASP B 635 13.22 -6.32 19.78
C ASP B 635 12.50 -7.51 19.13
N LYS B 636 11.21 -7.69 19.42
CA LYS B 636 10.45 -8.79 18.84
C LYS B 636 9.27 -8.20 18.06
N GLN B 637 8.90 -8.82 16.95
CA GLN B 637 7.78 -8.31 16.19
C GLN B 637 6.46 -8.98 16.52
N LEU B 638 6.53 -10.11 17.22
CA LEU B 638 5.33 -10.84 17.57
C LEU B 638 5.33 -11.31 19.02
N TRP B 639 4.25 -11.01 19.73
CA TRP B 639 4.08 -11.40 21.12
C TRP B 639 2.66 -11.89 21.29
N VAL B 640 2.47 -12.88 22.17
CA VAL B 640 1.15 -13.40 22.44
C VAL B 640 1.09 -13.71 23.94
N THR B 641 0.13 -13.12 24.63
CA THR B 641 -0.01 -13.33 26.07
C THR B 641 -1.43 -13.75 26.42
N ARG B 642 -1.60 -14.19 27.66
CA ARG B 642 -2.91 -14.60 28.15
C ARG B 642 -3.70 -13.32 28.41
N TYR B 643 -5.00 -13.34 28.13
CA TYR B 643 -5.83 -12.17 28.35
C TYR B 643 -5.81 -11.69 29.79
N HIS B 644 -5.62 -10.39 29.96
CA HIS B 644 -5.61 -9.75 31.27
C HIS B 644 -6.00 -8.27 31.10
N PRO B 645 -7.14 -7.88 31.68
CA PRO B 645 -7.68 -6.51 31.59
C PRO B 645 -6.71 -5.43 32.05
N GLY B 646 -5.74 -5.82 32.87
CA GLY B 646 -4.77 -4.86 33.38
C GLY B 646 -3.50 -4.72 32.54
N GLU B 647 -3.29 -5.63 31.60
CA GLU B 647 -2.09 -5.58 30.77
C GLU B 647 -2.47 -4.99 29.42
N ARG B 648 -2.16 -3.71 29.23
CA ARG B 648 -2.54 -3.05 27.98
C ARG B 648 -1.45 -2.25 27.27
N PHE B 649 -0.27 -2.14 27.87
CA PHE B 649 0.80 -1.35 27.26
C PHE B 649 2.11 -2.10 27.10
N PRO B 650 2.71 -2.03 25.91
CA PRO B 650 3.98 -2.69 25.61
C PRO B 650 5.13 -2.16 26.46
N GLU B 651 5.13 -0.84 26.67
CA GLU B 651 6.19 -0.19 27.44
C GLU B 651 5.93 -0.16 28.93
N GLY B 652 4.73 -0.55 29.36
CA GLY B 652 4.43 -0.51 30.79
C GLY B 652 3.51 0.66 31.13
N LYS B 653 2.75 0.51 32.21
CA LYS B 653 1.81 1.53 32.63
C LYS B 653 2.44 2.86 33.04
N TYR B 654 3.64 2.82 33.61
CA TYR B 654 4.34 4.04 34.03
C TYR B 654 5.80 3.99 33.55
N PRO B 655 6.01 4.19 32.24
CA PRO B 655 7.31 4.18 31.55
C PRO B 655 8.25 5.35 31.83
N ASN B 656 7.72 6.44 32.38
CA ASN B 656 8.56 7.61 32.65
C ASN B 656 9.57 7.35 33.78
N ARG B 657 10.82 7.17 33.36
CA ARG B 657 11.94 6.90 34.26
C ARG B 657 11.85 5.52 34.89
N SER B 658 11.15 4.60 34.24
CA SER B 658 11.02 3.26 34.77
C SER B 658 12.40 2.59 34.86
N THR B 659 12.57 1.75 35.87
CA THR B 659 13.83 1.05 36.11
C THR B 659 13.88 -0.33 35.48
N HIS B 660 12.72 -0.96 35.32
CA HIS B 660 12.65 -2.29 34.73
C HIS B 660 11.42 -2.39 33.84
N ASP B 661 11.38 -3.45 33.03
CA ASP B 661 10.29 -3.70 32.10
C ASP B 661 9.00 -4.08 32.83
N THR B 662 8.02 -3.19 32.79
CA THR B 662 6.74 -3.44 33.43
C THR B 662 5.66 -3.67 32.37
N GLY B 663 6.10 -3.89 31.14
CA GLY B 663 5.19 -4.13 30.03
C GLY B 663 5.25 -5.55 29.51
N LEU B 664 5.40 -5.71 28.19
CA LEU B 664 5.46 -7.04 27.60
C LEU B 664 6.50 -7.97 28.19
N GLY B 665 7.56 -7.40 28.76
CA GLY B 665 8.59 -8.22 29.37
C GLY B 665 7.96 -8.84 30.59
N GLN B 666 7.22 -8.02 31.33
CA GLN B 666 6.53 -8.43 32.54
C GLN B 666 5.36 -9.36 32.24
N TYR B 667 4.50 -8.96 31.30
CA TYR B 667 3.33 -9.76 30.95
C TYR B 667 3.62 -11.18 30.50
N SER B 668 4.85 -11.43 30.05
CA SER B 668 5.23 -12.76 29.59
C SER B 668 6.35 -13.39 30.40
N LYS B 669 6.69 -12.78 31.53
CA LYS B 669 7.77 -13.29 32.38
C LYS B 669 7.47 -14.64 33.02
N ASP B 670 6.20 -14.90 33.30
CA ASP B 670 5.79 -16.17 33.92
C ASP B 670 5.58 -17.26 32.88
N ASN B 671 5.91 -16.95 31.63
CA ASN B 671 5.78 -17.90 30.53
C ASN B 671 4.55 -18.80 30.64
N GLU B 672 3.36 -18.22 30.65
CA GLU B 672 2.13 -19.00 30.77
C GLU B 672 1.73 -19.78 29.51
N SER B 673 0.73 -20.65 29.66
CA SER B 673 0.26 -21.49 28.56
C SER B 673 -0.68 -20.75 27.59
N LEU B 674 -0.41 -20.92 26.31
CA LEU B 674 -1.21 -20.29 25.26
C LEU B 674 -1.98 -21.33 24.47
N ASP B 675 -2.26 -22.46 25.11
CA ASP B 675 -2.99 -23.52 24.43
C ASP B 675 -4.48 -23.47 24.74
N ASN B 676 -5.27 -23.30 23.68
CA ASN B 676 -6.71 -23.25 23.78
C ASN B 676 -7.21 -22.31 24.88
N THR B 677 -6.68 -21.09 24.91
CA THR B 677 -7.10 -20.11 25.92
C THR B 677 -7.25 -18.72 25.27
N ASP B 678 -7.73 -17.74 26.04
CA ASP B 678 -7.92 -16.39 25.53
C ASP B 678 -6.56 -15.73 25.27
N ALA B 679 -6.23 -15.51 24.00
CA ALA B 679 -4.95 -14.90 23.63
C ALA B 679 -5.05 -13.43 23.25
N VAL B 680 -3.94 -12.72 23.43
CA VAL B 680 -3.86 -11.31 23.08
C VAL B 680 -2.62 -11.17 22.21
N VAL B 681 -2.80 -10.73 20.97
CA VAL B 681 -1.68 -10.58 20.05
C VAL B 681 -1.12 -9.16 20.08
N TRP B 682 0.21 -9.06 20.08
CA TRP B 682 0.88 -7.77 20.09
C TRP B 682 1.81 -7.72 18.87
N MET B 683 1.60 -6.77 17.97
CA MET B 683 2.46 -6.66 16.79
C MET B 683 3.36 -5.45 16.89
N THR B 684 4.67 -5.68 16.75
CA THR B 684 5.63 -4.60 16.80
C THR B 684 6.17 -4.46 15.39
N THR B 685 6.19 -3.23 14.88
CA THR B 685 6.70 -2.98 13.54
C THR B 685 7.40 -1.64 13.55
N GLY B 686 8.62 -1.62 13.03
CA GLY B 686 9.36 -0.38 13.01
C GLY B 686 10.11 -0.10 11.74
N THR B 687 10.83 1.01 11.75
CA THR B 687 11.64 1.45 10.63
C THR B 687 12.89 2.09 11.17
N THR B 688 13.97 2.00 10.42
CA THR B 688 15.22 2.63 10.81
C THR B 688 15.30 3.82 9.88
N HIS B 689 15.31 5.02 10.46
CA HIS B 689 15.32 6.21 9.64
C HIS B 689 16.66 6.91 9.46
N VAL B 690 17.21 6.78 8.25
CA VAL B 690 18.45 7.44 7.87
C VAL B 690 17.94 8.55 6.95
N ALA B 691 18.15 9.79 7.38
CA ALA B 691 17.67 10.95 6.65
C ALA B 691 18.27 11.23 5.27
N ARG B 692 17.59 12.10 4.52
CA ARG B 692 18.01 12.54 3.20
C ARG B 692 17.38 13.91 2.98
N ALA B 693 17.96 14.71 2.08
CA ALA B 693 17.49 16.07 1.82
C ALA B 693 16.03 16.18 1.38
N GLU B 694 15.49 15.12 0.77
CA GLU B 694 14.11 15.16 0.33
C GLU B 694 13.13 15.30 1.49
N GLU B 695 13.61 15.06 2.72
CA GLU B 695 12.74 15.12 3.89
C GLU B 695 12.85 16.41 4.70
N TRP B 696 13.56 17.39 4.15
CA TRP B 696 13.75 18.66 4.83
C TRP B 696 13.43 19.82 3.89
N PRO B 697 12.83 20.90 4.42
CA PRO B 697 12.41 21.19 5.80
C PRO B 697 11.22 20.39 6.36
N ILE B 698 10.48 19.68 5.50
CA ILE B 698 9.34 18.91 5.98
C ILE B 698 9.33 17.52 5.32
N MET B 699 9.01 16.50 6.11
CA MET B 699 9.02 15.13 5.62
C MET B 699 7.75 14.54 5.01
N PRO B 700 7.84 14.10 3.75
CA PRO B 700 6.69 13.51 3.05
C PRO B 700 6.28 12.26 3.82
N THR B 701 4.98 12.03 3.96
CA THR B 701 4.50 10.89 4.71
C THR B 701 5.10 9.54 4.29
N GLU B 702 5.64 8.82 5.27
CA GLU B 702 6.25 7.50 5.07
C GLU B 702 5.36 6.49 5.80
N TRP B 703 5.10 5.34 5.16
CA TRP B 703 4.22 4.34 5.76
C TRP B 703 4.77 2.94 6.05
N VAL B 704 4.13 2.27 7.01
CA VAL B 704 4.44 0.88 7.36
C VAL B 704 3.09 0.17 7.43
N HIS B 705 3.06 -1.07 6.92
CA HIS B 705 1.81 -1.83 6.85
C HIS B 705 1.81 -3.13 7.63
N THR B 706 0.70 -3.43 8.30
CA THR B 706 0.55 -4.69 9.03
C THR B 706 -0.73 -5.30 8.50
N LEU B 707 -0.93 -6.60 8.73
CA LEU B 707 -2.12 -7.22 8.17
C LEU B 707 -2.65 -8.43 8.96
N LEU B 708 -3.96 -8.58 9.00
CA LEU B 708 -4.61 -9.69 9.69
C LEU B 708 -5.57 -10.32 8.68
N LYS B 709 -5.22 -11.50 8.16
CA LYS B 709 -6.06 -12.14 7.14
C LYS B 709 -6.76 -13.40 7.61
N PRO B 710 -8.04 -13.57 7.26
CA PRO B 710 -8.78 -14.77 7.66
C PRO B 710 -8.17 -15.98 6.94
N TRP B 711 -7.86 -17.03 7.70
CA TRP B 711 -7.23 -18.24 7.14
C TRP B 711 -8.12 -19.44 7.43
N ASN B 712 -8.90 -19.84 6.42
CA ASN B 712 -9.83 -20.94 6.56
C ASN B 712 -10.91 -20.60 7.59
N PHE B 713 -11.14 -19.32 7.79
CA PHE B 713 -12.16 -18.82 8.72
C PHE B 713 -13.48 -18.98 7.96
N PHE B 714 -13.39 -18.89 6.64
CA PHE B 714 -14.53 -19.03 5.75
C PHE B 714 -14.38 -20.30 4.93
N ASP B 715 -15.41 -20.63 4.15
CA ASP B 715 -15.38 -21.85 3.35
C ASP B 715 -15.10 -21.59 1.87
N GLU B 716 -15.12 -20.32 1.49
CA GLU B 716 -14.90 -19.94 0.10
C GLU B 716 -14.61 -18.45 0.01
N THR B 717 -14.43 -17.98 -1.22
CA THR B 717 -14.18 -16.58 -1.50
C THR B 717 -15.26 -15.81 -0.75
N PRO B 718 -14.88 -15.04 0.28
CA PRO B 718 -15.77 -14.24 1.12
C PRO B 718 -16.67 -13.21 0.44
N THR B 719 -16.27 -12.76 -0.74
CA THR B 719 -17.05 -11.75 -1.44
C THR B 719 -17.82 -12.24 -2.65
N LEU B 720 -17.96 -13.55 -2.83
CA LEU B 720 -18.70 -14.05 -3.97
C LEU B 720 -20.14 -13.54 -4.02
N GLY B 721 -20.75 -13.37 -2.85
CA GLY B 721 -22.12 -12.88 -2.82
C GLY B 721 -23.09 -13.87 -2.23
N ALA B 722 -24.33 -13.42 -2.02
CA ALA B 722 -25.38 -14.24 -1.45
C ALA B 722 -25.74 -15.37 -2.41
N LEU B 723 -25.80 -16.58 -1.90
CA LEU B 723 -26.12 -17.75 -2.71
C LEU B 723 -27.58 -17.69 -3.19
N LYS B 724 -27.76 -17.74 -4.51
CA LYS B 724 -29.08 -17.67 -5.12
C LYS B 724 -29.94 -18.91 -4.89
N LYS B 725 -29.30 -20.07 -4.71
CA LYS B 725 -30.04 -21.32 -4.49
C LYS B 725 -29.49 -22.12 -3.31
CU CU C . -0.55 -18.07 -6.31
CA CA D . 21.42 3.14 -16.92
CA CA E . 27.12 -7.65 -18.71
C1' HY1 F . -1.15 -22.10 -19.13
C2' HY1 F . -2.21 -22.78 -18.47
C3' HY1 F . -3.51 -22.86 -19.09
C4' HY1 F . -3.76 -22.27 -20.32
C5' HY1 F . -2.70 -21.61 -20.97
C6' HY1 F . -1.40 -21.53 -20.37
CA HY1 F . 0.25 -21.99 -18.47
C HY1 F . 0.16 -21.19 -17.16
O HY1 F . -0.41 -20.14 -17.00
N NO G . -2.35 -18.97 -7.81
O NO G . -2.38 -18.61 -8.92
C1' PEA H . 4.15 2.96 -43.73
C6' PEA H . 3.56 2.21 -44.74
C5' PEA H . 2.41 2.69 -45.42
C4' PEA H . 1.84 3.94 -45.10
C3' PEA H . 2.44 4.70 -44.10
C2' PEA H . 3.59 4.22 -43.41
C2 PEA H . 5.33 2.41 -42.89
C1 PEA H . 6.47 3.43 -42.88
N PEA H . 7.33 3.25 -44.03
CU CU I . 12.01 9.47 11.46
CA CA J . -8.43 -12.98 22.69
CA CA K . 1.12 -13.79 31.04
C1' HY1 L . 8.61 16.30 22.55
C2' HY1 L . 9.45 17.02 21.67
C3' HY1 L . 9.19 18.39 21.37
C4' HY1 L . 8.09 19.04 21.92
C5' HY1 L . 7.25 18.32 22.79
C6' HY1 L . 7.51 16.95 23.11
CA HY1 L . 8.94 14.84 22.91
C HY1 L . 8.51 13.92 21.76
O HY1 L . 7.66 14.17 20.97
N NO M . 11.74 11.66 12.02
O NO M . 10.88 11.87 12.78
C1 GOL N . -7.87 25.83 9.77
O1 GOL N . -9.27 25.89 9.52
C2 GOL N . -7.54 24.90 10.93
O2 GOL N . -6.17 24.94 11.32
C3 GOL N . -7.95 23.45 10.58
O3 GOL N . -7.93 23.16 9.17
C1 GOL O . -14.80 18.06 0.45
O1 GOL O . -14.17 18.44 1.68
C2 GOL O . -14.33 18.93 -0.72
O2 GOL O . -14.95 18.46 -1.90
C3 GOL O . -12.80 18.81 -0.83
O3 GOL O . -12.31 19.51 -1.97
#